data_2IGV
# 
_entry.id   2IGV 
# 
_audit_conform.dict_name       mmcif_pdbx.dic 
_audit_conform.dict_version    5.387 
_audit_conform.dict_location   http://mmcif.pdb.org/dictionaries/ascii/mmcif_pdbx.dic 
# 
loop_
_database_2.database_id 
_database_2.database_code 
_database_2.pdbx_database_accession 
_database_2.pdbx_DOI 
PDB   2IGV         pdb_00002igv 10.2210/pdb2igv/pdb 
RCSB  RCSB039554   ?            ?                   
WWPDB D_1000039554 ?            ?                   
# 
loop_
_pdbx_audit_revision_history.ordinal 
_pdbx_audit_revision_history.data_content_type 
_pdbx_audit_revision_history.major_revision 
_pdbx_audit_revision_history.minor_revision 
_pdbx_audit_revision_history.revision_date 
1 'Structure model' 1 0 2007-08-14 
2 'Structure model' 1 1 2011-07-13 
3 'Structure model' 1 2 2024-02-21 
# 
_pdbx_audit_revision_details.ordinal             1 
_pdbx_audit_revision_details.revision_ordinal    1 
_pdbx_audit_revision_details.data_content_type   'Structure model' 
_pdbx_audit_revision_details.provider            repository 
_pdbx_audit_revision_details.type                'Initial release' 
_pdbx_audit_revision_details.description         ? 
_pdbx_audit_revision_details.details             ? 
# 
loop_
_pdbx_audit_revision_group.ordinal 
_pdbx_audit_revision_group.revision_ordinal 
_pdbx_audit_revision_group.data_content_type 
_pdbx_audit_revision_group.group 
1 2 'Structure model' 'Version format compliance' 
2 3 'Structure model' 'Data collection'           
3 3 'Structure model' 'Database references'       
4 3 'Structure model' 'Derived calculations'      
# 
loop_
_pdbx_audit_revision_category.ordinal 
_pdbx_audit_revision_category.revision_ordinal 
_pdbx_audit_revision_category.data_content_type 
_pdbx_audit_revision_category.category 
1 3 'Structure model' chem_comp_atom 
2 3 'Structure model' chem_comp_bond 
3 3 'Structure model' database_2     
4 3 'Structure model' struct_site    
# 
loop_
_pdbx_audit_revision_item.ordinal 
_pdbx_audit_revision_item.revision_ordinal 
_pdbx_audit_revision_item.data_content_type 
_pdbx_audit_revision_item.item 
1 3 'Structure model' '_database_2.pdbx_DOI'                
2 3 'Structure model' '_database_2.pdbx_database_accession' 
3 3 'Structure model' '_struct_site.pdbx_auth_asym_id'      
4 3 'Structure model' '_struct_site.pdbx_auth_comp_id'      
5 3 'Structure model' '_struct_site.pdbx_auth_seq_id'       
# 
_pdbx_database_status.status_code                     REL 
_pdbx_database_status.entry_id                        2IGV 
_pdbx_database_status.recvd_initial_deposition_date   2006-09-25 
_pdbx_database_status.deposit_site                    RCSB 
_pdbx_database_status.process_site                    RCSB 
_pdbx_database_status.status_code_sf                  REL 
_pdbx_database_status.status_code_mr                  ? 
_pdbx_database_status.SG_entry                        ? 
_pdbx_database_status.pdb_format_compatible           Y 
_pdbx_database_status.status_code_cs                  ? 
_pdbx_database_status.status_code_nmr_data            ? 
_pdbx_database_status.methods_development_category    ? 
# 
_audit_author.name           'Kan, D.' 
_audit_author.pdbx_ordinal   1 
# 
_citation.id                        primary 
_citation.title                     'Experimental Determination of van der Waals Energies in a Biological System.' 
_citation.journal_abbrev            Angew.Chem.Int.Ed.Engl. 
_citation.journal_volume            46 
_citation.page_first                6453 
_citation.page_last                 6456 
_citation.year                      2007 
_citation.journal_id_ASTM           ? 
_citation.country                   GE 
_citation.journal_id_ISSN           1433-7851 
_citation.journal_id_CSD            9999 
_citation.book_publisher            ? 
_citation.pdbx_database_id_PubMed   17654646 
_citation.pdbx_database_id_DOI      10.1002/anie.200702084 
# 
loop_
_citation_author.citation_id 
_citation_author.name 
_citation_author.ordinal 
_citation_author.identifier_ORCID 
primary 'Wear, M.A.'       1 ? 
primary 'Kan, D.'          2 ? 
primary 'Rabu, A.'         3 ? 
primary 'Walkinshaw, M.D.' 4 ? 
# 
loop_
_entity.id 
_entity.type 
_entity.src_method 
_entity.pdbx_description 
_entity.formula_weight 
_entity.pdbx_number_of_molecules 
_entity.pdbx_ec 
_entity.pdbx_mutation 
_entity.pdbx_fragment 
_entity.details 
1 polymer     man 'Peptidyl-prolyl cis-trans isomerase 3' 18576.182 1   5.2.1.8 ? ? ? 
2 non-polymer syn SERINE                                  105.093   1   ?       ? ? ? 
3 non-polymer syn PROLINE                                 115.130   1   ?       ? ? ? 
4 water       nat water                                   18.015    151 ?       ? ? ? 
# 
_entity_name_com.entity_id   1 
_entity_name_com.name        'PPIase, Rotamase, Cyclophilin-3' 
# 
_entity_poly.entity_id                      1 
_entity_poly.type                           'polypeptide(L)' 
_entity_poly.nstd_linkage                   no 
_entity_poly.nstd_monomer                   no 
_entity_poly.pdbx_seq_one_letter_code       
;MSRSKVFFDITIGGKASGRIVMELYDDVVPKTAGNFRALCTGENGIGKSGKPLHFKGSKFHRIIPNFMIQGGDFTRGNGT
GGESIYGEKFPDENFKEKHTGPGVLSMANAGPNTNGSQFFLCTVKTEWLDGKHVVFGRVVEGLDVVKAVESNGSQSGKPV
KDCMIADCGQLKA
;
_entity_poly.pdbx_seq_one_letter_code_can   
;MSRSKVFFDITIGGKASGRIVMELYDDVVPKTAGNFRALCTGENGIGKSGKPLHFKGSKFHRIIPNFMIQGGDFTRGNGT
GGESIYGEKFPDENFKEKHTGPGVLSMANAGPNTNGSQFFLCTVKTEWLDGKHVVFGRVVEGLDVVKAVESNGSQSGKPV
KDCMIADCGQLKA
;
_entity_poly.pdbx_strand_id                 A 
_entity_poly.pdbx_target_identifier         ? 
# 
loop_
_pdbx_entity_nonpoly.entity_id 
_pdbx_entity_nonpoly.name 
_pdbx_entity_nonpoly.comp_id 
2 SERINE  SER 
3 PROLINE PRO 
4 water   HOH 
# 
loop_
_entity_poly_seq.entity_id 
_entity_poly_seq.num 
_entity_poly_seq.mon_id 
_entity_poly_seq.hetero 
1 1   MET n 
1 2   SER n 
1 3   ARG n 
1 4   SER n 
1 5   LYS n 
1 6   VAL n 
1 7   PHE n 
1 8   PHE n 
1 9   ASP n 
1 10  ILE n 
1 11  THR n 
1 12  ILE n 
1 13  GLY n 
1 14  GLY n 
1 15  LYS n 
1 16  ALA n 
1 17  SER n 
1 18  GLY n 
1 19  ARG n 
1 20  ILE n 
1 21  VAL n 
1 22  MET n 
1 23  GLU n 
1 24  LEU n 
1 25  TYR n 
1 26  ASP n 
1 27  ASP n 
1 28  VAL n 
1 29  VAL n 
1 30  PRO n 
1 31  LYS n 
1 32  THR n 
1 33  ALA n 
1 34  GLY n 
1 35  ASN n 
1 36  PHE n 
1 37  ARG n 
1 38  ALA n 
1 39  LEU n 
1 40  CYS n 
1 41  THR n 
1 42  GLY n 
1 43  GLU n 
1 44  ASN n 
1 45  GLY n 
1 46  ILE n 
1 47  GLY n 
1 48  LYS n 
1 49  SER n 
1 50  GLY n 
1 51  LYS n 
1 52  PRO n 
1 53  LEU n 
1 54  HIS n 
1 55  PHE n 
1 56  LYS n 
1 57  GLY n 
1 58  SER n 
1 59  LYS n 
1 60  PHE n 
1 61  HIS n 
1 62  ARG n 
1 63  ILE n 
1 64  ILE n 
1 65  PRO n 
1 66  ASN n 
1 67  PHE n 
1 68  MET n 
1 69  ILE n 
1 70  GLN n 
1 71  GLY n 
1 72  GLY n 
1 73  ASP n 
1 74  PHE n 
1 75  THR n 
1 76  ARG n 
1 77  GLY n 
1 78  ASN n 
1 79  GLY n 
1 80  THR n 
1 81  GLY n 
1 82  GLY n 
1 83  GLU n 
1 84  SER n 
1 85  ILE n 
1 86  TYR n 
1 87  GLY n 
1 88  GLU n 
1 89  LYS n 
1 90  PHE n 
1 91  PRO n 
1 92  ASP n 
1 93  GLU n 
1 94  ASN n 
1 95  PHE n 
1 96  LYS n 
1 97  GLU n 
1 98  LYS n 
1 99  HIS n 
1 100 THR n 
1 101 GLY n 
1 102 PRO n 
1 103 GLY n 
1 104 VAL n 
1 105 LEU n 
1 106 SER n 
1 107 MET n 
1 108 ALA n 
1 109 ASN n 
1 110 ALA n 
1 111 GLY n 
1 112 PRO n 
1 113 ASN n 
1 114 THR n 
1 115 ASN n 
1 116 GLY n 
1 117 SER n 
1 118 GLN n 
1 119 PHE n 
1 120 PHE n 
1 121 LEU n 
1 122 CYS n 
1 123 THR n 
1 124 VAL n 
1 125 LYS n 
1 126 THR n 
1 127 GLU n 
1 128 TRP n 
1 129 LEU n 
1 130 ASP n 
1 131 GLY n 
1 132 LYS n 
1 133 HIS n 
1 134 VAL n 
1 135 VAL n 
1 136 PHE n 
1 137 GLY n 
1 138 ARG n 
1 139 VAL n 
1 140 VAL n 
1 141 GLU n 
1 142 GLY n 
1 143 LEU n 
1 144 ASP n 
1 145 VAL n 
1 146 VAL n 
1 147 LYS n 
1 148 ALA n 
1 149 VAL n 
1 150 GLU n 
1 151 SER n 
1 152 ASN n 
1 153 GLY n 
1 154 SER n 
1 155 GLN n 
1 156 SER n 
1 157 GLY n 
1 158 LYS n 
1 159 PRO n 
1 160 VAL n 
1 161 LYS n 
1 162 ASP n 
1 163 CYS n 
1 164 MET n 
1 165 ILE n 
1 166 ALA n 
1 167 ASP n 
1 168 CYS n 
1 169 GLY n 
1 170 GLN n 
1 171 LEU n 
1 172 LYS n 
1 173 ALA n 
# 
_entity_src_gen.entity_id                          1 
_entity_src_gen.pdbx_src_id                        1 
_entity_src_gen.pdbx_alt_source_flag               sample 
_entity_src_gen.pdbx_seq_type                      ? 
_entity_src_gen.pdbx_beg_seq_num                   ? 
_entity_src_gen.pdbx_end_seq_num                   ? 
_entity_src_gen.gene_src_common_name               ? 
_entity_src_gen.gene_src_genus                     Caenorhabditis 
_entity_src_gen.pdbx_gene_src_gene                 ? 
_entity_src_gen.gene_src_species                   ? 
_entity_src_gen.gene_src_strain                    ? 
_entity_src_gen.gene_src_tissue                    ? 
_entity_src_gen.gene_src_tissue_fraction           ? 
_entity_src_gen.gene_src_details                   ? 
_entity_src_gen.pdbx_gene_src_fragment             ? 
_entity_src_gen.pdbx_gene_src_scientific_name      'Caenorhabditis elegans' 
_entity_src_gen.pdbx_gene_src_ncbi_taxonomy_id     6239 
_entity_src_gen.pdbx_gene_src_variant              ? 
_entity_src_gen.pdbx_gene_src_cell_line            ? 
_entity_src_gen.pdbx_gene_src_atcc                 ? 
_entity_src_gen.pdbx_gene_src_organ                ? 
_entity_src_gen.pdbx_gene_src_organelle            ? 
_entity_src_gen.pdbx_gene_src_cell                 ? 
_entity_src_gen.pdbx_gene_src_cellular_location    ? 
_entity_src_gen.host_org_common_name               ? 
_entity_src_gen.pdbx_host_org_scientific_name      'Escherichia coli' 
_entity_src_gen.pdbx_host_org_ncbi_taxonomy_id     562 
_entity_src_gen.host_org_genus                     Escherichia 
_entity_src_gen.pdbx_host_org_gene                 ? 
_entity_src_gen.pdbx_host_org_organ                ? 
_entity_src_gen.host_org_species                   ? 
_entity_src_gen.pdbx_host_org_tissue               ? 
_entity_src_gen.pdbx_host_org_tissue_fraction      ? 
_entity_src_gen.pdbx_host_org_strain               ? 
_entity_src_gen.pdbx_host_org_variant              ? 
_entity_src_gen.pdbx_host_org_cell_line            ? 
_entity_src_gen.pdbx_host_org_atcc                 ? 
_entity_src_gen.pdbx_host_org_culture_collection   ? 
_entity_src_gen.pdbx_host_org_cell                 ? 
_entity_src_gen.pdbx_host_org_organelle            ? 
_entity_src_gen.pdbx_host_org_cellular_location    ? 
_entity_src_gen.pdbx_host_org_vector_type          plasmid 
_entity_src_gen.pdbx_host_org_vector               ? 
_entity_src_gen.host_org_details                   ? 
_entity_src_gen.expression_system_id               ? 
_entity_src_gen.plasmid_name                       PET-5A 
_entity_src_gen.plasmid_details                    ? 
_entity_src_gen.pdbx_description                   ? 
# 
loop_
_chem_comp.id 
_chem_comp.type 
_chem_comp.mon_nstd_flag 
_chem_comp.name 
_chem_comp.pdbx_synonyms 
_chem_comp.formula 
_chem_comp.formula_weight 
ALA 'L-peptide linking' y ALANINE         ? 'C3 H7 N O2'     89.093  
ARG 'L-peptide linking' y ARGININE        ? 'C6 H15 N4 O2 1' 175.209 
ASN 'L-peptide linking' y ASPARAGINE      ? 'C4 H8 N2 O3'    132.118 
ASP 'L-peptide linking' y 'ASPARTIC ACID' ? 'C4 H7 N O4'     133.103 
CYS 'L-peptide linking' y CYSTEINE        ? 'C3 H7 N O2 S'   121.158 
GLN 'L-peptide linking' y GLUTAMINE       ? 'C5 H10 N2 O3'   146.144 
GLU 'L-peptide linking' y 'GLUTAMIC ACID' ? 'C5 H9 N O4'     147.129 
GLY 'peptide linking'   y GLYCINE         ? 'C2 H5 N O2'     75.067  
HIS 'L-peptide linking' y HISTIDINE       ? 'C6 H10 N3 O2 1' 156.162 
HOH non-polymer         . WATER           ? 'H2 O'           18.015  
ILE 'L-peptide linking' y ISOLEUCINE      ? 'C6 H13 N O2'    131.173 
LEU 'L-peptide linking' y LEUCINE         ? 'C6 H13 N O2'    131.173 
LYS 'L-peptide linking' y LYSINE          ? 'C6 H15 N2 O2 1' 147.195 
MET 'L-peptide linking' y METHIONINE      ? 'C5 H11 N O2 S'  149.211 
PHE 'L-peptide linking' y PHENYLALANINE   ? 'C9 H11 N O2'    165.189 
PRO 'L-peptide linking' y PROLINE         ? 'C5 H9 N O2'     115.130 
SER 'L-peptide linking' y SERINE          ? 'C3 H7 N O3'     105.093 
THR 'L-peptide linking' y THREONINE       ? 'C4 H9 N O3'     119.119 
TRP 'L-peptide linking' y TRYPTOPHAN      ? 'C11 H12 N2 O2'  204.225 
TYR 'L-peptide linking' y TYROSINE        ? 'C9 H11 N O3'    181.189 
VAL 'L-peptide linking' y VALINE          ? 'C5 H11 N O2'    117.146 
# 
loop_
_pdbx_poly_seq_scheme.asym_id 
_pdbx_poly_seq_scheme.entity_id 
_pdbx_poly_seq_scheme.seq_id 
_pdbx_poly_seq_scheme.mon_id 
_pdbx_poly_seq_scheme.ndb_seq_num 
_pdbx_poly_seq_scheme.pdb_seq_num 
_pdbx_poly_seq_scheme.auth_seq_num 
_pdbx_poly_seq_scheme.pdb_mon_id 
_pdbx_poly_seq_scheme.auth_mon_id 
_pdbx_poly_seq_scheme.pdb_strand_id 
_pdbx_poly_seq_scheme.pdb_ins_code 
_pdbx_poly_seq_scheme.hetero 
A 1 1   MET 1   1   1   MET MET A . n 
A 1 2   SER 2   2   2   SER SER A . n 
A 1 3   ARG 3   3   3   ARG ARG A . n 
A 1 4   SER 4   4   4   SER SER A . n 
A 1 5   LYS 5   5   5   LYS LYS A . n 
A 1 6   VAL 6   6   6   VAL VAL A . n 
A 1 7   PHE 7   7   7   PHE PHE A . n 
A 1 8   PHE 8   8   8   PHE PHE A . n 
A 1 9   ASP 9   9   9   ASP ASP A . n 
A 1 10  ILE 10  10  10  ILE ILE A . n 
A 1 11  THR 11  11  11  THR THR A . n 
A 1 12  ILE 12  12  12  ILE ILE A . n 
A 1 13  GLY 13  13  13  GLY GLY A . n 
A 1 14  GLY 14  14  14  GLY GLY A . n 
A 1 15  LYS 15  15  15  LYS LYS A . n 
A 1 16  ALA 16  16  16  ALA ALA A . n 
A 1 17  SER 17  17  17  SER SER A . n 
A 1 18  GLY 18  18  18  GLY GLY A . n 
A 1 19  ARG 19  19  19  ARG ARG A . n 
A 1 20  ILE 20  20  20  ILE ILE A . n 
A 1 21  VAL 21  21  21  VAL VAL A . n 
A 1 22  MET 22  22  22  MET MET A . n 
A 1 23  GLU 23  23  23  GLU GLU A . n 
A 1 24  LEU 24  24  24  LEU LEU A . n 
A 1 25  TYR 25  25  25  TYR TYR A . n 
A 1 26  ASP 26  26  26  ASP ASP A . n 
A 1 27  ASP 27  27  27  ASP ASP A . n 
A 1 28  VAL 28  28  28  VAL VAL A . n 
A 1 29  VAL 29  29  29  VAL VAL A . n 
A 1 30  PRO 30  30  30  PRO PRO A . n 
A 1 31  LYS 31  31  31  LYS LYS A . n 
A 1 32  THR 32  32  32  THR THR A . n 
A 1 33  ALA 33  33  33  ALA ALA A . n 
A 1 34  GLY 34  34  34  GLY GLY A . n 
A 1 35  ASN 35  35  35  ASN ASN A . n 
A 1 36  PHE 36  36  36  PHE PHE A . n 
A 1 37  ARG 37  37  37  ARG ARG A . n 
A 1 38  ALA 38  38  38  ALA ALA A . n 
A 1 39  LEU 39  39  39  LEU LEU A . n 
A 1 40  CYS 40  40  40  CYS CYS A . n 
A 1 41  THR 41  41  41  THR THR A . n 
A 1 42  GLY 42  42  42  GLY GLY A . n 
A 1 43  GLU 43  43  43  GLU GLU A . n 
A 1 44  ASN 44  44  44  ASN ASN A . n 
A 1 45  GLY 45  45  45  GLY GLY A . n 
A 1 46  ILE 46  46  46  ILE ILE A . n 
A 1 47  GLY 47  47  47  GLY GLY A . n 
A 1 48  LYS 48  48  48  LYS LYS A . n 
A 1 49  SER 49  49  49  SER SER A . n 
A 1 50  GLY 50  50  50  GLY GLY A . n 
A 1 51  LYS 51  51  51  LYS LYS A . n 
A 1 52  PRO 52  52  52  PRO PRO A . n 
A 1 53  LEU 53  53  53  LEU LEU A . n 
A 1 54  HIS 54  54  54  HIS HIS A . n 
A 1 55  PHE 55  55  55  PHE PHE A . n 
A 1 56  LYS 56  56  56  LYS LYS A . n 
A 1 57  GLY 57  57  57  GLY GLY A . n 
A 1 58  SER 58  58  58  SER SER A . n 
A 1 59  LYS 59  59  59  LYS LYS A . n 
A 1 60  PHE 60  60  60  PHE PHE A . n 
A 1 61  HIS 61  61  61  HIS HIS A . n 
A 1 62  ARG 62  62  62  ARG ARG A . n 
A 1 63  ILE 63  63  63  ILE ILE A . n 
A 1 64  ILE 64  64  64  ILE ILE A . n 
A 1 65  PRO 65  65  65  PRO PRO A . n 
A 1 66  ASN 66  66  66  ASN ASN A . n 
A 1 67  PHE 67  67  67  PHE PHE A . n 
A 1 68  MET 68  68  68  MET MET A . n 
A 1 69  ILE 69  69  69  ILE ILE A . n 
A 1 70  GLN 70  70  70  GLN GLN A . n 
A 1 71  GLY 71  71  71  GLY GLY A . n 
A 1 72  GLY 72  72  72  GLY GLY A . n 
A 1 73  ASP 73  73  73  ASP ASP A . n 
A 1 74  PHE 74  74  74  PHE PHE A . n 
A 1 75  THR 75  75  75  THR THR A . n 
A 1 76  ARG 76  76  76  ARG ARG A . n 
A 1 77  GLY 77  77  77  GLY GLY A . n 
A 1 78  ASN 78  78  78  ASN ASN A . n 
A 1 79  GLY 79  79  79  GLY GLY A . n 
A 1 80  THR 80  80  80  THR THR A . n 
A 1 81  GLY 81  81  81  GLY GLY A . n 
A 1 82  GLY 82  82  82  GLY GLY A . n 
A 1 83  GLU 83  83  83  GLU GLU A . n 
A 1 84  SER 84  84  84  SER SER A . n 
A 1 85  ILE 85  85  85  ILE ILE A . n 
A 1 86  TYR 86  86  86  TYR TYR A . n 
A 1 87  GLY 87  87  87  GLY GLY A . n 
A 1 88  GLU 88  88  88  GLU GLU A . n 
A 1 89  LYS 89  89  89  LYS LYS A . n 
A 1 90  PHE 90  90  90  PHE PHE A . n 
A 1 91  PRO 91  91  91  PRO PRO A . n 
A 1 92  ASP 92  92  92  ASP ASP A . n 
A 1 93  GLU 93  93  93  GLU GLU A . n 
A 1 94  ASN 94  94  94  ASN ASN A . n 
A 1 95  PHE 95  95  95  PHE PHE A . n 
A 1 96  LYS 96  96  96  LYS LYS A . n 
A 1 97  GLU 97  97  97  GLU GLU A . n 
A 1 98  LYS 98  98  98  LYS LYS A . n 
A 1 99  HIS 99  99  99  HIS HIS A . n 
A 1 100 THR 100 100 100 THR THR A . n 
A 1 101 GLY 101 101 101 GLY GLY A . n 
A 1 102 PRO 102 102 102 PRO PRO A . n 
A 1 103 GLY 103 103 103 GLY GLY A . n 
A 1 104 VAL 104 104 104 VAL VAL A . n 
A 1 105 LEU 105 105 105 LEU LEU A . n 
A 1 106 SER 106 106 106 SER SER A . n 
A 1 107 MET 107 107 107 MET MET A . n 
A 1 108 ALA 108 108 108 ALA ALA A . n 
A 1 109 ASN 109 109 109 ASN ASN A . n 
A 1 110 ALA 110 110 110 ALA ALA A . n 
A 1 111 GLY 111 111 111 GLY GLY A . n 
A 1 112 PRO 112 112 112 PRO PRO A . n 
A 1 113 ASN 113 113 113 ASN ASN A . n 
A 1 114 THR 114 114 114 THR THR A . n 
A 1 115 ASN 115 115 115 ASN ASN A . n 
A 1 116 GLY 116 116 116 GLY GLY A . n 
A 1 117 SER 117 117 117 SER SER A . n 
A 1 118 GLN 118 118 118 GLN GLN A . n 
A 1 119 PHE 119 119 119 PHE PHE A . n 
A 1 120 PHE 120 120 120 PHE PHE A . n 
A 1 121 LEU 121 121 121 LEU LEU A . n 
A 1 122 CYS 122 122 122 CYS CYS A . n 
A 1 123 THR 123 123 123 THR THR A . n 
A 1 124 VAL 124 124 124 VAL VAL A . n 
A 1 125 LYS 125 125 125 LYS LYS A . n 
A 1 126 THR 126 126 126 THR THR A . n 
A 1 127 GLU 127 127 127 GLU GLU A . n 
A 1 128 TRP 128 128 128 TRP TRP A . n 
A 1 129 LEU 129 129 129 LEU LEU A . n 
A 1 130 ASP 130 130 130 ASP ASP A . n 
A 1 131 GLY 131 131 131 GLY GLY A . n 
A 1 132 LYS 132 132 132 LYS LYS A . n 
A 1 133 HIS 133 133 133 HIS HIS A . n 
A 1 134 VAL 134 134 134 VAL VAL A . n 
A 1 135 VAL 135 135 135 VAL VAL A . n 
A 1 136 PHE 136 136 136 PHE PHE A . n 
A 1 137 GLY 137 137 137 GLY GLY A . n 
A 1 138 ARG 138 138 138 ARG ARG A . n 
A 1 139 VAL 139 139 139 VAL VAL A . n 
A 1 140 VAL 140 140 140 VAL VAL A . n 
A 1 141 GLU 141 141 141 GLU GLU A . n 
A 1 142 GLY 142 142 142 GLY GLY A . n 
A 1 143 LEU 143 143 143 LEU LEU A . n 
A 1 144 ASP 144 144 144 ASP ASP A . n 
A 1 145 VAL 145 145 145 VAL VAL A . n 
A 1 146 VAL 146 146 146 VAL VAL A . n 
A 1 147 LYS 147 147 147 LYS LYS A . n 
A 1 148 ALA 148 148 148 ALA ALA A . n 
A 1 149 VAL 149 149 149 VAL VAL A . n 
A 1 150 GLU 150 150 150 GLU GLU A . n 
A 1 151 SER 151 151 151 SER SER A . n 
A 1 152 ASN 152 152 152 ASN ASN A . n 
A 1 153 GLY 153 153 153 GLY GLY A . n 
A 1 154 SER 154 154 154 SER SER A . n 
A 1 155 GLN 155 155 155 GLN GLN A . n 
A 1 156 SER 156 156 156 SER SER A . n 
A 1 157 GLY 157 157 157 GLY GLY A . n 
A 1 158 LYS 158 158 158 LYS LYS A . n 
A 1 159 PRO 159 159 159 PRO PRO A . n 
A 1 160 VAL 160 160 160 VAL VAL A . n 
A 1 161 LYS 161 161 161 LYS LYS A . n 
A 1 162 ASP 162 162 162 ASP ASP A . n 
A 1 163 CYS 163 163 163 CYS CYS A . n 
A 1 164 MET 164 164 164 MET MET A . n 
A 1 165 ILE 165 165 165 ILE ILE A . n 
A 1 166 ALA 166 166 166 ALA ALA A . n 
A 1 167 ASP 167 167 167 ASP ASP A . n 
A 1 168 CYS 168 168 168 CYS CYS A . n 
A 1 169 GLY 169 169 169 GLY GLY A . n 
A 1 170 GLN 170 170 170 GLN GLN A . n 
A 1 171 LEU 171 171 171 LEU LEU A . n 
A 1 172 LYS 172 172 172 LYS LYS A . n 
A 1 173 ALA 173 173 ?   ?   ?   A . n 
# 
loop_
_pdbx_nonpoly_scheme.asym_id 
_pdbx_nonpoly_scheme.entity_id 
_pdbx_nonpoly_scheme.mon_id 
_pdbx_nonpoly_scheme.ndb_seq_num 
_pdbx_nonpoly_scheme.pdb_seq_num 
_pdbx_nonpoly_scheme.auth_seq_num 
_pdbx_nonpoly_scheme.pdb_mon_id 
_pdbx_nonpoly_scheme.auth_mon_id 
_pdbx_nonpoly_scheme.pdb_strand_id 
_pdbx_nonpoly_scheme.pdb_ins_code 
B 2 SER 1   201 201 SER SER A . 
C 3 PRO 1   202 202 PRO PRO A . 
D 4 HOH 1   203 1   HOH HOH A . 
D 4 HOH 2   204 2   HOH HOH A . 
D 4 HOH 3   205 3   HOH HOH A . 
D 4 HOH 4   206 4   HOH HOH A . 
D 4 HOH 5   207 5   HOH HOH A . 
D 4 HOH 6   208 6   HOH HOH A . 
D 4 HOH 7   209 7   HOH HOH A . 
D 4 HOH 8   210 8   HOH HOH A . 
D 4 HOH 9   211 9   HOH HOH A . 
D 4 HOH 10  212 10  HOH HOH A . 
D 4 HOH 11  213 11  HOH HOH A . 
D 4 HOH 12  214 12  HOH HOH A . 
D 4 HOH 13  215 13  HOH HOH A . 
D 4 HOH 14  216 14  HOH HOH A . 
D 4 HOH 15  217 15  HOH HOH A . 
D 4 HOH 16  218 16  HOH HOH A . 
D 4 HOH 17  219 17  HOH HOH A . 
D 4 HOH 18  220 18  HOH HOH A . 
D 4 HOH 19  221 19  HOH HOH A . 
D 4 HOH 20  222 20  HOH HOH A . 
D 4 HOH 21  223 21  HOH HOH A . 
D 4 HOH 22  224 22  HOH HOH A . 
D 4 HOH 23  225 23  HOH HOH A . 
D 4 HOH 24  226 24  HOH HOH A . 
D 4 HOH 25  227 25  HOH HOH A . 
D 4 HOH 26  228 26  HOH HOH A . 
D 4 HOH 27  229 27  HOH HOH A . 
D 4 HOH 28  230 28  HOH HOH A . 
D 4 HOH 29  231 29  HOH HOH A . 
D 4 HOH 30  232 30  HOH HOH A . 
D 4 HOH 31  233 31  HOH HOH A . 
D 4 HOH 32  234 32  HOH HOH A . 
D 4 HOH 33  235 33  HOH HOH A . 
D 4 HOH 34  236 34  HOH HOH A . 
D 4 HOH 35  237 35  HOH HOH A . 
D 4 HOH 36  238 36  HOH HOH A . 
D 4 HOH 37  239 37  HOH HOH A . 
D 4 HOH 38  240 38  HOH HOH A . 
D 4 HOH 39  241 39  HOH HOH A . 
D 4 HOH 40  242 40  HOH HOH A . 
D 4 HOH 41  243 41  HOH HOH A . 
D 4 HOH 42  244 42  HOH HOH A . 
D 4 HOH 43  245 43  HOH HOH A . 
D 4 HOH 44  246 44  HOH HOH A . 
D 4 HOH 45  247 45  HOH HOH A . 
D 4 HOH 46  248 46  HOH HOH A . 
D 4 HOH 47  249 47  HOH HOH A . 
D 4 HOH 48  250 48  HOH HOH A . 
D 4 HOH 49  251 49  HOH HOH A . 
D 4 HOH 50  252 50  HOH HOH A . 
D 4 HOH 51  253 51  HOH HOH A . 
D 4 HOH 52  254 52  HOH HOH A . 
D 4 HOH 53  255 53  HOH HOH A . 
D 4 HOH 54  256 54  HOH HOH A . 
D 4 HOH 55  257 55  HOH HOH A . 
D 4 HOH 56  258 56  HOH HOH A . 
D 4 HOH 57  259 57  HOH HOH A . 
D 4 HOH 58  260 58  HOH HOH A . 
D 4 HOH 59  261 59  HOH HOH A . 
D 4 HOH 60  262 60  HOH HOH A . 
D 4 HOH 61  263 61  HOH HOH A . 
D 4 HOH 62  264 62  HOH HOH A . 
D 4 HOH 63  265 63  HOH HOH A . 
D 4 HOH 64  266 64  HOH HOH A . 
D 4 HOH 65  267 65  HOH HOH A . 
D 4 HOH 66  268 66  HOH HOH A . 
D 4 HOH 67  269 67  HOH HOH A . 
D 4 HOH 68  270 68  HOH HOH A . 
D 4 HOH 69  271 69  HOH HOH A . 
D 4 HOH 70  272 70  HOH HOH A . 
D 4 HOH 71  273 71  HOH HOH A . 
D 4 HOH 72  274 72  HOH HOH A . 
D 4 HOH 73  275 73  HOH HOH A . 
D 4 HOH 74  276 74  HOH HOH A . 
D 4 HOH 75  277 75  HOH HOH A . 
D 4 HOH 76  278 76  HOH HOH A . 
D 4 HOH 77  279 77  HOH HOH A . 
D 4 HOH 78  280 78  HOH HOH A . 
D 4 HOH 79  281 79  HOH HOH A . 
D 4 HOH 80  282 80  HOH HOH A . 
D 4 HOH 81  283 81  HOH HOH A . 
D 4 HOH 82  284 82  HOH HOH A . 
D 4 HOH 83  285 83  HOH HOH A . 
D 4 HOH 84  286 84  HOH HOH A . 
D 4 HOH 85  287 85  HOH HOH A . 
D 4 HOH 86  288 86  HOH HOH A . 
D 4 HOH 87  289 87  HOH HOH A . 
D 4 HOH 88  290 88  HOH HOH A . 
D 4 HOH 89  291 89  HOH HOH A . 
D 4 HOH 90  292 90  HOH HOH A . 
D 4 HOH 91  293 91  HOH HOH A . 
D 4 HOH 92  294 92  HOH HOH A . 
D 4 HOH 93  295 93  HOH HOH A . 
D 4 HOH 94  296 94  HOH HOH A . 
D 4 HOH 95  297 95  HOH HOH A . 
D 4 HOH 96  298 96  HOH HOH A . 
D 4 HOH 97  299 97  HOH HOH A . 
D 4 HOH 98  300 98  HOH HOH A . 
D 4 HOH 99  301 99  HOH HOH A . 
D 4 HOH 100 302 100 HOH HOH A . 
D 4 HOH 101 303 101 HOH HOH A . 
D 4 HOH 102 304 102 HOH HOH A . 
D 4 HOH 103 305 103 HOH HOH A . 
D 4 HOH 104 306 104 HOH HOH A . 
D 4 HOH 105 307 105 HOH HOH A . 
D 4 HOH 106 308 106 HOH HOH A . 
D 4 HOH 107 309 107 HOH HOH A . 
D 4 HOH 108 310 108 HOH HOH A . 
D 4 HOH 109 311 109 HOH HOH A . 
D 4 HOH 110 312 110 HOH HOH A . 
D 4 HOH 111 313 111 HOH HOH A . 
D 4 HOH 112 314 112 HOH HOH A . 
D 4 HOH 113 315 113 HOH HOH A . 
D 4 HOH 114 316 114 HOH HOH A . 
D 4 HOH 115 317 115 HOH HOH A . 
D 4 HOH 116 318 116 HOH HOH A . 
D 4 HOH 117 319 117 HOH HOH A . 
D 4 HOH 118 320 118 HOH HOH A . 
D 4 HOH 119 321 119 HOH HOH A . 
D 4 HOH 120 322 120 HOH HOH A . 
D 4 HOH 121 323 121 HOH HOH A . 
D 4 HOH 122 324 122 HOH HOH A . 
D 4 HOH 123 325 123 HOH HOH A . 
D 4 HOH 124 326 124 HOH HOH A . 
D 4 HOH 125 327 125 HOH HOH A . 
D 4 HOH 126 328 126 HOH HOH A . 
D 4 HOH 127 329 127 HOH HOH A . 
D 4 HOH 128 330 128 HOH HOH A . 
D 4 HOH 129 331 129 HOH HOH A . 
D 4 HOH 130 332 130 HOH HOH A . 
D 4 HOH 131 333 131 HOH HOH A . 
D 4 HOH 132 334 132 HOH HOH A . 
D 4 HOH 133 335 133 HOH HOH A . 
D 4 HOH 134 336 134 HOH HOH A . 
D 4 HOH 135 337 135 HOH HOH A . 
D 4 HOH 136 338 136 HOH HOH A . 
D 4 HOH 137 339 137 HOH HOH A . 
D 4 HOH 138 340 138 HOH HOH A . 
D 4 HOH 139 341 139 HOH HOH A . 
D 4 HOH 140 342 140 HOH HOH A . 
D 4 HOH 141 343 141 HOH HOH A . 
D 4 HOH 142 344 142 HOH HOH A . 
D 4 HOH 143 345 143 HOH HOH A . 
D 4 HOH 144 346 144 HOH HOH A . 
D 4 HOH 145 347 145 HOH HOH A . 
D 4 HOH 146 348 146 HOH HOH A . 
D 4 HOH 147 349 147 HOH HOH A . 
D 4 HOH 148 350 148 HOH HOH A . 
D 4 HOH 149 351 149 HOH HOH A . 
D 4 HOH 150 352 150 HOH HOH A . 
D 4 HOH 151 353 151 HOH HOH A . 
# 
_pdbx_unobs_or_zero_occ_atoms.id               1 
_pdbx_unobs_or_zero_occ_atoms.PDB_model_num    1 
_pdbx_unobs_or_zero_occ_atoms.polymer_flag     N 
_pdbx_unobs_or_zero_occ_atoms.occupancy_flag   1 
_pdbx_unobs_or_zero_occ_atoms.auth_asym_id     A 
_pdbx_unobs_or_zero_occ_atoms.auth_comp_id     SER 
_pdbx_unobs_or_zero_occ_atoms.auth_seq_id      201 
_pdbx_unobs_or_zero_occ_atoms.PDB_ins_code     ? 
_pdbx_unobs_or_zero_occ_atoms.auth_atom_id     OXT 
_pdbx_unobs_or_zero_occ_atoms.label_alt_id     ? 
_pdbx_unobs_or_zero_occ_atoms.label_asym_id    B 
_pdbx_unobs_or_zero_occ_atoms.label_comp_id    SER 
_pdbx_unobs_or_zero_occ_atoms.label_seq_id     1 
_pdbx_unobs_or_zero_occ_atoms.label_atom_id    OXT 
# 
loop_
_software.name 
_software.classification 
_software.version 
_software.citation_id 
_software.pdbx_ordinal 
SHELX     'model building'  .       ? 1 
SHELXL-97 refinement        .       ? 2 
ADSC      'data collection' Quantum ? 3 
MOSFLM    'data reduction'  .       ? 4 
SCALA     'data scaling'    .       ? 5 
SHELX     phasing           .       ? 6 
# 
_cell.entry_id           2IGV 
_cell.length_a           62.124 
_cell.length_b           62.124 
_cell.length_c           121.870 
_cell.angle_alpha        90.00 
_cell.angle_beta         90.00 
_cell.angle_gamma        90.00 
_cell.Z_PDB              8 
_cell.pdbx_unique_axis   ? 
_cell.length_a_esd       ? 
_cell.length_b_esd       ? 
_cell.length_c_esd       ? 
_cell.angle_alpha_esd    ? 
_cell.angle_beta_esd     ? 
_cell.angle_gamma_esd    ? 
# 
_symmetry.entry_id                         2IGV 
_symmetry.space_group_name_H-M             'P 41 21 2' 
_symmetry.pdbx_full_space_group_name_H-M   ? 
_symmetry.cell_setting                     ? 
_symmetry.Int_Tables_number                92 
_symmetry.space_group_name_Hall            ? 
# 
_exptl.entry_id          2IGV 
_exptl.method            'X-RAY DIFFRACTION' 
_exptl.crystals_number   1 
# 
_exptl_crystal.id                    1 
_exptl_crystal.density_meas          ? 
_exptl_crystal.density_Matthews      3.16 
_exptl_crystal.density_percent_sol   60.85 
_exptl_crystal.description           ? 
_exptl_crystal.F_000                 ? 
_exptl_crystal.preparation           ? 
# 
_exptl_crystal_grow.crystal_id      1 
_exptl_crystal_grow.method          'VAPOR DIFFUSION, SITTING DROP' 
_exptl_crystal_grow.temp            291.0 
_exptl_crystal_grow.temp_details    ? 
_exptl_crystal_grow.pH              5.6 
_exptl_crystal_grow.pdbx_details    '30% MPEG 5000, 0.1M Sodium citrate, pH 5.6, VAPOR DIFFUSION, SITTING DROP, temperature 291.0K' 
_exptl_crystal_grow.pdbx_pH_range   . 
# 
_diffrn.id                     1 
_diffrn.ambient_temp           100 
_diffrn.ambient_temp_details   ? 
_diffrn.crystal_id             1 
# 
_diffrn_detector.diffrn_id              1 
_diffrn_detector.detector               CCD 
_diffrn_detector.type                   'ADSC QUANTUM 4' 
_diffrn_detector.pdbx_collection_date   ? 
_diffrn_detector.details                ? 
# 
_diffrn_radiation.diffrn_id                        1 
_diffrn_radiation.wavelength_id                    1 
_diffrn_radiation.pdbx_monochromatic_or_laue_m_l   M 
_diffrn_radiation.monochromator                    'Si 111 CHANNEL' 
_diffrn_radiation.pdbx_diffrn_protocol             'SINGLE WAVELENGTH' 
_diffrn_radiation.pdbx_scattering_type             x-ray 
# 
_diffrn_radiation_wavelength.id           1 
_diffrn_radiation_wavelength.wavelength   0.9821 
_diffrn_radiation_wavelength.wt           1.0 
# 
_diffrn_source.diffrn_id                   1 
_diffrn_source.source                      SYNCHROTRON 
_diffrn_source.type                        'SRS BEAMLINE PX14.2' 
_diffrn_source.pdbx_synchrotron_site       SRS 
_diffrn_source.pdbx_synchrotron_beamline   PX14.2 
_diffrn_source.pdbx_wavelength             ? 
_diffrn_source.pdbx_wavelength_list        0.9821 
# 
_reflns.entry_id                     2IGV 
_reflns.observed_criterion_sigma_F   ? 
_reflns.observed_criterion_sigma_I   ? 
_reflns.d_resolution_high            1.67 
_reflns.d_resolution_low             43.85 
_reflns.number_all                   25969 
_reflns.number_obs                   25969 
_reflns.percent_possible_obs         92.0 
_reflns.pdbx_Rmerge_I_obs            0.05 
_reflns.pdbx_Rsym_value              ? 
_reflns.pdbx_netI_over_sigmaI        ? 
_reflns.B_iso_Wilson_estimate        ? 
_reflns.pdbx_redundancy              7.6 
_reflns.R_free_details               ? 
_reflns.limit_h_max                  ? 
_reflns.limit_h_min                  ? 
_reflns.limit_k_max                  ? 
_reflns.limit_k_min                  ? 
_reflns.limit_l_max                  ? 
_reflns.limit_l_min                  ? 
_reflns.observed_criterion_F_max     ? 
_reflns.observed_criterion_F_min     ? 
_reflns.pdbx_chi_squared             ? 
_reflns.pdbx_scaling_rejects         ? 
_reflns.pdbx_diffrn_id               1 
_reflns.pdbx_ordinal                 1 
# 
_reflns_shell.d_res_high             1.67 
_reflns_shell.d_res_low              1.76 
_reflns_shell.percent_possible_all   94.0 
_reflns_shell.Rmerge_I_obs           0.281 
_reflns_shell.pdbx_Rsym_value        ? 
_reflns_shell.meanI_over_sigI_obs    7.0 
_reflns_shell.pdbx_redundancy        7.4 
_reflns_shell.percent_possible_obs   ? 
_reflns_shell.number_unique_all      3818 
_reflns_shell.number_measured_all    ? 
_reflns_shell.number_measured_obs    ? 
_reflns_shell.number_unique_obs      ? 
_reflns_shell.pdbx_chi_squared       ? 
_reflns_shell.pdbx_diffrn_id         ? 
_reflns_shell.pdbx_ordinal           1 
# 
_refine.entry_id                                 2IGV 
_refine.ls_number_reflns_obs                     24645 
_refine.ls_number_reflns_all                     25966 
_refine.pdbx_ls_sigma_I                          ? 
_refine.pdbx_ls_sigma_F                          0.0 
_refine.pdbx_data_cutoff_high_absF               ? 
_refine.pdbx_data_cutoff_low_absF                ? 
_refine.pdbx_data_cutoff_high_rms_absF           ? 
_refine.ls_d_res_low                             43.5 
_refine.ls_d_res_high                            1.67 
_refine.ls_percent_reflns_obs                    86.2 
_refine.ls_R_factor_obs                          ? 
_refine.ls_R_factor_all                          0.1955 
_refine.ls_R_factor_R_work                       0.1947 
_refine.ls_R_factor_R_free                       0.2236 
_refine.ls_R_factor_R_free_error                 ? 
_refine.ls_R_factor_R_free_error_details         ? 
_refine.ls_percent_reflns_R_free                 0.0 
_refine.ls_number_reflns_R_free                  1321 
_refine.ls_number_parameters                     5764 
_refine.ls_number_restraints                     5377 
_refine.occupancy_min                            ? 
_refine.occupancy_max                            ? 
_refine.correlation_coeff_Fo_to_Fc               ? 
_refine.correlation_coeff_Fo_to_Fc_free          ? 
_refine.B_iso_mean                               ? 
_refine.aniso_B[1][1]                            ? 
_refine.aniso_B[2][2]                            ? 
_refine.aniso_B[3][3]                            ? 
_refine.aniso_B[1][2]                            ? 
_refine.aniso_B[1][3]                            ? 
_refine.aniso_B[2][3]                            ? 
_refine.solvent_model_details                    ? 
_refine.solvent_model_param_ksol                 ? 
_refine.solvent_model_param_bsol                 ? 
_refine.pdbx_solvent_vdw_probe_radii             ? 
_refine.pdbx_solvent_ion_probe_radii             ? 
_refine.pdbx_solvent_shrinkage_radii             ? 
_refine.pdbx_ls_cross_valid_method               'FREE R' 
_refine.details                                  ? 
_refine.pdbx_starting_model                      ? 
_refine.pdbx_method_to_determine_struct          'MOLECULAR REPLACEMENT' 
_refine.pdbx_isotropic_thermal_model             ? 
_refine.pdbx_stereochemistry_target_values       'ENGH AND HUBER' 
_refine.pdbx_stereochem_target_val_spec_case     ? 
_refine.pdbx_R_Free_selection_details            RANDOM 
_refine.pdbx_overall_ESU_R                       ? 
_refine.pdbx_overall_ESU_R_Free                  ? 
_refine.overall_SU_ML                            ? 
_refine.overall_SU_B                             ? 
_refine.ls_redundancy_reflns_obs                 ? 
_refine.B_iso_min                                ? 
_refine.B_iso_max                                ? 
_refine.overall_SU_R_Cruickshank_DPI             ? 
_refine.overall_SU_R_free                        ? 
_refine.ls_wR_factor_R_free                      ? 
_refine.ls_wR_factor_R_work                      ? 
_refine.overall_FOM_free_R_set                   ? 
_refine.overall_FOM_work_R_set                   ? 
_refine.pdbx_refine_id                           'X-RAY DIFFRACTION' 
_refine.pdbx_diffrn_id                           1 
_refine.pdbx_TLS_residual_ADP_flag               ? 
_refine.pdbx_overall_phase_error                 ? 
_refine.pdbx_overall_SU_R_free_Cruickshank_DPI   ? 
_refine.pdbx_overall_SU_R_Blow_DPI               ? 
_refine.pdbx_overall_SU_R_free_Blow_DPI          ? 
# 
_refine_analyze.entry_id                        2IGV 
_refine_analyze.Luzzati_coordinate_error_obs    ? 
_refine_analyze.Luzzati_sigma_a_obs             ? 
_refine_analyze.Luzzati_d_res_low_obs           ? 
_refine_analyze.Luzzati_coordinate_error_free   ? 
_refine_analyze.Luzzati_sigma_a_free            ? 
_refine_analyze.Luzzati_d_res_low_free          ? 
_refine_analyze.number_disordered_residues      7 
_refine_analyze.occupancy_sum_hydrogen          0.00 
_refine_analyze.occupancy_sum_non_hydrogen      1458.72 
_refine_analyze.pdbx_Luzzati_d_res_high_obs     ? 
_refine_analyze.pdbx_refine_id                  'X-RAY DIFFRACTION' 
# 
_refine_hist.pdbx_refine_id                   'X-RAY DIFFRACTION' 
_refine_hist.cycle_id                         LAST 
_refine_hist.pdbx_number_atoms_protein        1303 
_refine_hist.pdbx_number_atoms_nucleic_acid   0 
_refine_hist.pdbx_number_atoms_ligand         16 
_refine_hist.number_atoms_solvent             151 
_refine_hist.number_atoms_total               1470 
_refine_hist.d_res_high                       1.67 
_refine_hist.d_res_low                        43.5 
# 
loop_
_refine_ls_restr.type 
_refine_ls_restr.dev_ideal 
_refine_ls_restr.dev_ideal_target 
_refine_ls_restr.weight 
_refine_ls_restr.number 
_refine_ls_restr.pdbx_refine_id 
_refine_ls_restr.pdbx_restraint_function 
s_bond_d               0.008  ? ? ? 'X-RAY DIFFRACTION' ? 
s_angle_d              0.024  ? ? ? 'X-RAY DIFFRACTION' ? 
s_similar_dist         0.000  ? ? ? 'X-RAY DIFFRACTION' ? 
s_from_restr_planes    0.0288 ? ? ? 'X-RAY DIFFRACTION' ? 
s_zero_chiral_vol      0.044  ? ? ? 'X-RAY DIFFRACTION' ? 
s_non_zero_chiral_vol  0.054  ? ? ? 'X-RAY DIFFRACTION' ? 
s_anti_bump_dis_restr  0.417  ? ? ? 'X-RAY DIFFRACTION' ? 
s_rigid_bond_adp_cmpnt 0.000  ? ? ? 'X-RAY DIFFRACTION' ? 
s_similar_adp_cmpnt    0.059  ? ? ? 'X-RAY DIFFRACTION' ? 
s_approx_iso_adps      0.000  ? ? ? 'X-RAY DIFFRACTION' ? 
# 
_pdbx_refine.entry_id                                    2IGV 
_pdbx_refine.R_factor_all_no_cutoff                      0.1955 
_pdbx_refine.R_factor_obs_no_cutoff                      ? 
_pdbx_refine.free_R_factor_no_cutoff                     ? 
_pdbx_refine.free_R_val_test_set_size_perc_no_cutoff     0.0 
_pdbx_refine.free_R_val_test_set_ct_no_cutoff            ? 
_pdbx_refine.R_factor_all_4sig_cutoff                    0.1913 
_pdbx_refine.R_factor_obs_4sig_cutoff                    ? 
_pdbx_refine.free_R_factor_4sig_cutoff                   ? 
_pdbx_refine.free_R_val_test_set_size_perc_4sig_cutoff   0.0 
_pdbx_refine.free_R_val_test_set_ct_4sig_cutoff          ? 
_pdbx_refine.number_reflns_obs_4sig_cutoff               22642 
_pdbx_refine.pdbx_refine_id                              'X-RAY DIFFRACTION' 
_pdbx_refine.free_R_error_no_cutoff                      ? 
# 
_struct.entry_id                  2IGV 
_struct.title                     'CYCLOPHILIN 3 Complexed with DIPEPTIDE SER-PRO' 
_struct.pdbx_model_details        ? 
_struct.pdbx_CASP_flag            N 
_struct.pdbx_model_type_details   ? 
# 
_struct_keywords.entry_id        2IGV 
_struct_keywords.pdbx_keywords   ISOMERASE 
_struct_keywords.text            'ISOMERASE, ROTAMASE' 
# 
loop_
_struct_asym.id 
_struct_asym.pdbx_blank_PDB_chainid_flag 
_struct_asym.pdbx_modified 
_struct_asym.entity_id 
_struct_asym.details 
A N N 1 ? 
B N N 2 ? 
C N N 3 ? 
D N N 4 ? 
# 
_struct_ref.id                         1 
_struct_ref.db_name                    UNP 
_struct_ref.db_code                    CYP3_CAEEL 
_struct_ref.pdbx_db_accession          P52011 
_struct_ref.entity_id                  1 
_struct_ref.pdbx_seq_one_letter_code   
;MSRSKVFFDITIGGKASGRIVMELYDDVVPKTAGNFRALCTGENGIGKSGKPLHFKGSKFHRIIPNFMIQGGDFTRGNGT
GGESIYGEKFPDENFKEKHTGPGVLSMANAGPNTNGSQFFLCTVKTEWLDGKHVVFGRVVEGLDVVKAVESNGSQSGKPV
KDCMIADCGQLK
;
_struct_ref.pdbx_align_begin           1 
_struct_ref.pdbx_db_isoform            ? 
# 
_struct_ref_seq.align_id                      1 
_struct_ref_seq.ref_id                        1 
_struct_ref_seq.pdbx_PDB_id_code              2IGV 
_struct_ref_seq.pdbx_strand_id                A 
_struct_ref_seq.seq_align_beg                 1 
_struct_ref_seq.pdbx_seq_align_beg_ins_code   ? 
_struct_ref_seq.seq_align_end                 173 
_struct_ref_seq.pdbx_seq_align_end_ins_code   ? 
_struct_ref_seq.pdbx_db_accession             P52011 
_struct_ref_seq.db_align_beg                  1 
_struct_ref_seq.pdbx_db_align_beg_ins_code    ? 
_struct_ref_seq.db_align_end                  173 
_struct_ref_seq.pdbx_db_align_end_ins_code    ? 
_struct_ref_seq.pdbx_auth_seq_align_beg       1 
_struct_ref_seq.pdbx_auth_seq_align_end       173 
# 
_pdbx_struct_assembly.id                   1 
_pdbx_struct_assembly.details              author_defined_assembly 
_pdbx_struct_assembly.method_details       ? 
_pdbx_struct_assembly.oligomeric_details   monomeric 
_pdbx_struct_assembly.oligomeric_count     1 
# 
_pdbx_struct_assembly_gen.assembly_id       1 
_pdbx_struct_assembly_gen.oper_expression   1 
_pdbx_struct_assembly_gen.asym_id_list      A,B,C,D 
# 
_pdbx_struct_oper_list.id                   1 
_pdbx_struct_oper_list.type                 'identity operation' 
_pdbx_struct_oper_list.name                 1_555 
_pdbx_struct_oper_list.symmetry_operation   x,y,z 
_pdbx_struct_oper_list.matrix[1][1]         1.0000000000 
_pdbx_struct_oper_list.matrix[1][2]         0.0000000000 
_pdbx_struct_oper_list.matrix[1][3]         0.0000000000 
_pdbx_struct_oper_list.vector[1]            0.0000000000 
_pdbx_struct_oper_list.matrix[2][1]         0.0000000000 
_pdbx_struct_oper_list.matrix[2][2]         1.0000000000 
_pdbx_struct_oper_list.matrix[2][3]         0.0000000000 
_pdbx_struct_oper_list.vector[2]            0.0000000000 
_pdbx_struct_oper_list.matrix[3][1]         0.0000000000 
_pdbx_struct_oper_list.matrix[3][2]         0.0000000000 
_pdbx_struct_oper_list.matrix[3][3]         1.0000000000 
_pdbx_struct_oper_list.vector[3]            0.0000000000 
# 
_struct_biol.id   1 
# 
loop_
_struct_conf.conf_type_id 
_struct_conf.id 
_struct_conf.pdbx_PDB_helix_id 
_struct_conf.beg_label_comp_id 
_struct_conf.beg_label_asym_id 
_struct_conf.beg_label_seq_id 
_struct_conf.pdbx_beg_PDB_ins_code 
_struct_conf.end_label_comp_id 
_struct_conf.end_label_asym_id 
_struct_conf.end_label_seq_id 
_struct_conf.pdbx_end_PDB_ins_code 
_struct_conf.beg_auth_comp_id 
_struct_conf.beg_auth_asym_id 
_struct_conf.beg_auth_seq_id 
_struct_conf.end_auth_comp_id 
_struct_conf.end_auth_asym_id 
_struct_conf.end_auth_seq_id 
_struct_conf.pdbx_PDB_helix_class 
_struct_conf.details 
_struct_conf.pdbx_PDB_helix_length 
HELX_P HELX_P1 1 VAL A 29  ? GLY A 42  ? VAL A 29  GLY A 42  1 ? 14 
HELX_P HELX_P2 2 THR A 126 ? ASP A 130 ? THR A 126 ASP A 130 5 ? 5  
HELX_P HELX_P3 3 GLY A 142 ? SER A 151 ? GLY A 142 SER A 151 1 ? 10 
# 
_struct_conf_type.id          HELX_P 
_struct_conf_type.criteria    ? 
_struct_conf_type.reference   ? 
# 
_struct_sheet.id               A 
_struct_sheet.type             ? 
_struct_sheet.number_strands   8 
_struct_sheet.details          ? 
# 
loop_
_struct_sheet_order.sheet_id 
_struct_sheet_order.range_id_1 
_struct_sheet_order.range_id_2 
_struct_sheet_order.offset 
_struct_sheet_order.sense 
A 1 2 ? anti-parallel 
A 2 3 ? anti-parallel 
A 3 4 ? anti-parallel 
A 4 5 ? anti-parallel 
A 5 6 ? anti-parallel 
A 6 7 ? anti-parallel 
A 7 8 ? anti-parallel 
# 
loop_
_struct_sheet_range.sheet_id 
_struct_sheet_range.id 
_struct_sheet_range.beg_label_comp_id 
_struct_sheet_range.beg_label_asym_id 
_struct_sheet_range.beg_label_seq_id 
_struct_sheet_range.pdbx_beg_PDB_ins_code 
_struct_sheet_range.end_label_comp_id 
_struct_sheet_range.end_label_asym_id 
_struct_sheet_range.end_label_seq_id 
_struct_sheet_range.pdbx_end_PDB_ins_code 
_struct_sheet_range.beg_auth_comp_id 
_struct_sheet_range.beg_auth_asym_id 
_struct_sheet_range.beg_auth_seq_id 
_struct_sheet_range.end_auth_comp_id 
_struct_sheet_range.end_auth_asym_id 
_struct_sheet_range.end_auth_seq_id 
A 1 ARG A 62  ? ILE A 64  ? ARG A 62  ILE A 64  
A 2 MET A 68  ? GLY A 71  ? MET A 68  GLY A 71  
A 3 PHE A 119 ? CYS A 122 ? PHE A 119 CYS A 122 
A 4 VAL A 104 ? MET A 107 ? VAL A 104 MET A 107 
A 5 VAL A 135 ? GLU A 141 ? VAL A 135 GLU A 141 
A 6 LYS A 15  ? LEU A 24  ? LYS A 15  LEU A 24  
A 7 LYS A 5   ? ILE A 12  ? LYS A 5   ILE A 12  
A 8 CYS A 163 ? LEU A 171 ? CYS A 163 LEU A 171 
# 
loop_
_pdbx_struct_sheet_hbond.sheet_id 
_pdbx_struct_sheet_hbond.range_id_1 
_pdbx_struct_sheet_hbond.range_id_2 
_pdbx_struct_sheet_hbond.range_1_label_atom_id 
_pdbx_struct_sheet_hbond.range_1_label_comp_id 
_pdbx_struct_sheet_hbond.range_1_label_asym_id 
_pdbx_struct_sheet_hbond.range_1_label_seq_id 
_pdbx_struct_sheet_hbond.range_1_PDB_ins_code 
_pdbx_struct_sheet_hbond.range_1_auth_atom_id 
_pdbx_struct_sheet_hbond.range_1_auth_comp_id 
_pdbx_struct_sheet_hbond.range_1_auth_asym_id 
_pdbx_struct_sheet_hbond.range_1_auth_seq_id 
_pdbx_struct_sheet_hbond.range_2_label_atom_id 
_pdbx_struct_sheet_hbond.range_2_label_comp_id 
_pdbx_struct_sheet_hbond.range_2_label_asym_id 
_pdbx_struct_sheet_hbond.range_2_label_seq_id 
_pdbx_struct_sheet_hbond.range_2_PDB_ins_code 
_pdbx_struct_sheet_hbond.range_2_auth_atom_id 
_pdbx_struct_sheet_hbond.range_2_auth_comp_id 
_pdbx_struct_sheet_hbond.range_2_auth_asym_id 
_pdbx_struct_sheet_hbond.range_2_auth_seq_id 
A 1 2 N ILE A 64  ? N ILE A 64  O MET A 68  ? O MET A 68  
A 2 3 N ILE A 69  ? N ILE A 69  O LEU A 121 ? O LEU A 121 
A 3 4 O CYS A 122 ? O CYS A 122 N VAL A 104 ? N VAL A 104 
A 4 5 N LEU A 105 ? N LEU A 105 O GLY A 137 ? O GLY A 137 
A 5 6 O VAL A 140 ? O VAL A 140 N VAL A 21  ? N VAL A 21  
A 6 7 O ILE A 20  ? O ILE A 20  N PHE A 8   ? N PHE A 8   
A 7 8 N LYS A 5   ? N LYS A 5   O LEU A 171 ? O LEU A 171 
# 
loop_
_struct_site.id 
_struct_site.pdbx_evidence_code 
_struct_site.pdbx_auth_asym_id 
_struct_site.pdbx_auth_comp_id 
_struct_site.pdbx_auth_seq_id 
_struct_site.pdbx_auth_ins_code 
_struct_site.pdbx_num_residues 
_struct_site.details 
AC1 Software A SER 201 ? 12 'BINDING SITE FOR RESIDUE SER A 201' 
AC2 Software A PRO 202 ? 8  'BINDING SITE FOR RESIDUE PRO A 202' 
# 
loop_
_struct_site_gen.id 
_struct_site_gen.site_id 
_struct_site_gen.pdbx_num_res 
_struct_site_gen.label_comp_id 
_struct_site_gen.label_asym_id 
_struct_site_gen.label_seq_id 
_struct_site_gen.pdbx_auth_ins_code 
_struct_site_gen.auth_comp_id 
_struct_site_gen.auth_asym_id 
_struct_site_gen.auth_seq_id 
_struct_site_gen.label_atom_id 
_struct_site_gen.label_alt_id 
_struct_site_gen.symmetry 
_struct_site_gen.details 
1  AC1 12 LYS A 56  ? LYS A 56  . ? 5_645 ? 
2  AC1 12 ALA A 108 ? ALA A 108 . ? 1_555 ? 
3  AC1 12 ASN A 109 ? ASN A 109 . ? 1_555 ? 
4  AC1 12 HIS A 133 ? HIS A 133 . ? 1_555 ? 
5  AC1 12 PRO C .   ? PRO A 202 . ? 1_555 ? 
6  AC1 12 HOH D .   ? HOH A 204 . ? 1_555 ? 
7  AC1 12 HOH D .   ? HOH A 205 . ? 1_555 ? 
8  AC1 12 HOH D .   ? HOH A 206 . ? 1_555 ? 
9  AC1 12 HOH D .   ? HOH A 207 . ? 1_555 ? 
10 AC1 12 HOH D .   ? HOH A 209 . ? 1_555 ? 
11 AC1 12 HOH D .   ? HOH A 215 . ? 1_555 ? 
12 AC1 12 HOH D .   ? HOH A 217 . ? 1_555 ? 
13 AC2 8  ARG A 62  ? ARG A 62  . ? 1_555 ? 
14 AC2 8  PHE A 67  ? PHE A 67  . ? 1_555 ? 
15 AC2 8  GLN A 70  ? GLN A 70  . ? 1_555 ? 
16 AC2 8  PHE A 120 ? PHE A 120 . ? 1_555 ? 
17 AC2 8  HIS A 133 ? HIS A 133 . ? 1_555 ? 
18 AC2 8  SER B .   ? SER A 201 . ? 1_555 ? 
19 AC2 8  HOH D .   ? HOH A 206 . ? 1_555 ? 
20 AC2 8  HOH D .   ? HOH A 212 . ? 1_555 ? 
# 
loop_
_pdbx_validate_rmsd_angle.id 
_pdbx_validate_rmsd_angle.PDB_model_num 
_pdbx_validate_rmsd_angle.auth_atom_id_1 
_pdbx_validate_rmsd_angle.auth_asym_id_1 
_pdbx_validate_rmsd_angle.auth_comp_id_1 
_pdbx_validate_rmsd_angle.auth_seq_id_1 
_pdbx_validate_rmsd_angle.PDB_ins_code_1 
_pdbx_validate_rmsd_angle.label_alt_id_1 
_pdbx_validate_rmsd_angle.auth_atom_id_2 
_pdbx_validate_rmsd_angle.auth_asym_id_2 
_pdbx_validate_rmsd_angle.auth_comp_id_2 
_pdbx_validate_rmsd_angle.auth_seq_id_2 
_pdbx_validate_rmsd_angle.PDB_ins_code_2 
_pdbx_validate_rmsd_angle.label_alt_id_2 
_pdbx_validate_rmsd_angle.auth_atom_id_3 
_pdbx_validate_rmsd_angle.auth_asym_id_3 
_pdbx_validate_rmsd_angle.auth_comp_id_3 
_pdbx_validate_rmsd_angle.auth_seq_id_3 
_pdbx_validate_rmsd_angle.PDB_ins_code_3 
_pdbx_validate_rmsd_angle.label_alt_id_3 
_pdbx_validate_rmsd_angle.angle_value 
_pdbx_validate_rmsd_angle.angle_target_value 
_pdbx_validate_rmsd_angle.angle_deviation 
_pdbx_validate_rmsd_angle.angle_standard_deviation 
_pdbx_validate_rmsd_angle.linker_flag 
1 1 CB A PHE 7  ? ? CG A PHE 7  ? ? CD2 A PHE 7  ? ? 125.79 120.80 4.99  0.70 N 
2 1 CB A PHE 7  ? ? CG A PHE 7  ? ? CD1 A PHE 7  ? ? 116.26 120.80 -4.54 0.70 N 
3 1 NE A ARG 19 ? ? CZ A ARG 19 ? ? NH2 A ARG 19 ? ? 116.36 120.30 -3.94 0.50 N 
4 1 NE A ARG 62 ? B CZ A ARG 62 ? B NH1 A ARG 62 ? B 123.45 120.30 3.15  0.50 N 
5 1 NE A ARG 62 ? B CZ A ARG 62 ? B NH2 A ARG 62 ? B 116.89 120.30 -3.41 0.50 N 
6 1 CB A PHE 67 ? ? CG A PHE 67 ? ? CD1 A PHE 67 ? ? 125.35 120.80 4.55  0.70 N 
# 
_pdbx_validate_torsion.id              1 
_pdbx_validate_torsion.PDB_model_num   1 
_pdbx_validate_torsion.auth_comp_id    PHE 
_pdbx_validate_torsion.auth_asym_id    A 
_pdbx_validate_torsion.auth_seq_id     67 
_pdbx_validate_torsion.PDB_ins_code    ? 
_pdbx_validate_torsion.label_alt_id    ? 
_pdbx_validate_torsion.phi             -148.87 
_pdbx_validate_torsion.psi             -80.41 
# 
_pdbx_unobs_or_zero_occ_residues.id               1 
_pdbx_unobs_or_zero_occ_residues.PDB_model_num    1 
_pdbx_unobs_or_zero_occ_residues.polymer_flag     Y 
_pdbx_unobs_or_zero_occ_residues.occupancy_flag   1 
_pdbx_unobs_or_zero_occ_residues.auth_asym_id     A 
_pdbx_unobs_or_zero_occ_residues.auth_comp_id     ALA 
_pdbx_unobs_or_zero_occ_residues.auth_seq_id      173 
_pdbx_unobs_or_zero_occ_residues.PDB_ins_code     ? 
_pdbx_unobs_or_zero_occ_residues.label_asym_id    A 
_pdbx_unobs_or_zero_occ_residues.label_comp_id    ALA 
_pdbx_unobs_or_zero_occ_residues.label_seq_id     173 
# 
loop_
_chem_comp_atom.comp_id 
_chem_comp_atom.atom_id 
_chem_comp_atom.type_symbol 
_chem_comp_atom.pdbx_aromatic_flag 
_chem_comp_atom.pdbx_stereo_config 
_chem_comp_atom.pdbx_ordinal 
ALA N    N N N 1   
ALA CA   C N S 2   
ALA C    C N N 3   
ALA O    O N N 4   
ALA CB   C N N 5   
ALA OXT  O N N 6   
ALA H    H N N 7   
ALA H2   H N N 8   
ALA HA   H N N 9   
ALA HB1  H N N 10  
ALA HB2  H N N 11  
ALA HB3  H N N 12  
ALA HXT  H N N 13  
ARG N    N N N 14  
ARG CA   C N S 15  
ARG C    C N N 16  
ARG O    O N N 17  
ARG CB   C N N 18  
ARG CG   C N N 19  
ARG CD   C N N 20  
ARG NE   N N N 21  
ARG CZ   C N N 22  
ARG NH1  N N N 23  
ARG NH2  N N N 24  
ARG OXT  O N N 25  
ARG H    H N N 26  
ARG H2   H N N 27  
ARG HA   H N N 28  
ARG HB2  H N N 29  
ARG HB3  H N N 30  
ARG HG2  H N N 31  
ARG HG3  H N N 32  
ARG HD2  H N N 33  
ARG HD3  H N N 34  
ARG HE   H N N 35  
ARG HH11 H N N 36  
ARG HH12 H N N 37  
ARG HH21 H N N 38  
ARG HH22 H N N 39  
ARG HXT  H N N 40  
ASN N    N N N 41  
ASN CA   C N S 42  
ASN C    C N N 43  
ASN O    O N N 44  
ASN CB   C N N 45  
ASN CG   C N N 46  
ASN OD1  O N N 47  
ASN ND2  N N N 48  
ASN OXT  O N N 49  
ASN H    H N N 50  
ASN H2   H N N 51  
ASN HA   H N N 52  
ASN HB2  H N N 53  
ASN HB3  H N N 54  
ASN HD21 H N N 55  
ASN HD22 H N N 56  
ASN HXT  H N N 57  
ASP N    N N N 58  
ASP CA   C N S 59  
ASP C    C N N 60  
ASP O    O N N 61  
ASP CB   C N N 62  
ASP CG   C N N 63  
ASP OD1  O N N 64  
ASP OD2  O N N 65  
ASP OXT  O N N 66  
ASP H    H N N 67  
ASP H2   H N N 68  
ASP HA   H N N 69  
ASP HB2  H N N 70  
ASP HB3  H N N 71  
ASP HD2  H N N 72  
ASP HXT  H N N 73  
CYS N    N N N 74  
CYS CA   C N R 75  
CYS C    C N N 76  
CYS O    O N N 77  
CYS CB   C N N 78  
CYS SG   S N N 79  
CYS OXT  O N N 80  
CYS H    H N N 81  
CYS H2   H N N 82  
CYS HA   H N N 83  
CYS HB2  H N N 84  
CYS HB3  H N N 85  
CYS HG   H N N 86  
CYS HXT  H N N 87  
GLN N    N N N 88  
GLN CA   C N S 89  
GLN C    C N N 90  
GLN O    O N N 91  
GLN CB   C N N 92  
GLN CG   C N N 93  
GLN CD   C N N 94  
GLN OE1  O N N 95  
GLN NE2  N N N 96  
GLN OXT  O N N 97  
GLN H    H N N 98  
GLN H2   H N N 99  
GLN HA   H N N 100 
GLN HB2  H N N 101 
GLN HB3  H N N 102 
GLN HG2  H N N 103 
GLN HG3  H N N 104 
GLN HE21 H N N 105 
GLN HE22 H N N 106 
GLN HXT  H N N 107 
GLU N    N N N 108 
GLU CA   C N S 109 
GLU C    C N N 110 
GLU O    O N N 111 
GLU CB   C N N 112 
GLU CG   C N N 113 
GLU CD   C N N 114 
GLU OE1  O N N 115 
GLU OE2  O N N 116 
GLU OXT  O N N 117 
GLU H    H N N 118 
GLU H2   H N N 119 
GLU HA   H N N 120 
GLU HB2  H N N 121 
GLU HB3  H N N 122 
GLU HG2  H N N 123 
GLU HG3  H N N 124 
GLU HE2  H N N 125 
GLU HXT  H N N 126 
GLY N    N N N 127 
GLY CA   C N N 128 
GLY C    C N N 129 
GLY O    O N N 130 
GLY OXT  O N N 131 
GLY H    H N N 132 
GLY H2   H N N 133 
GLY HA2  H N N 134 
GLY HA3  H N N 135 
GLY HXT  H N N 136 
HIS N    N N N 137 
HIS CA   C N S 138 
HIS C    C N N 139 
HIS O    O N N 140 
HIS CB   C N N 141 
HIS CG   C Y N 142 
HIS ND1  N Y N 143 
HIS CD2  C Y N 144 
HIS CE1  C Y N 145 
HIS NE2  N Y N 146 
HIS OXT  O N N 147 
HIS H    H N N 148 
HIS H2   H N N 149 
HIS HA   H N N 150 
HIS HB2  H N N 151 
HIS HB3  H N N 152 
HIS HD1  H N N 153 
HIS HD2  H N N 154 
HIS HE1  H N N 155 
HIS HE2  H N N 156 
HIS HXT  H N N 157 
HOH O    O N N 158 
HOH H1   H N N 159 
HOH H2   H N N 160 
ILE N    N N N 161 
ILE CA   C N S 162 
ILE C    C N N 163 
ILE O    O N N 164 
ILE CB   C N S 165 
ILE CG1  C N N 166 
ILE CG2  C N N 167 
ILE CD1  C N N 168 
ILE OXT  O N N 169 
ILE H    H N N 170 
ILE H2   H N N 171 
ILE HA   H N N 172 
ILE HB   H N N 173 
ILE HG12 H N N 174 
ILE HG13 H N N 175 
ILE HG21 H N N 176 
ILE HG22 H N N 177 
ILE HG23 H N N 178 
ILE HD11 H N N 179 
ILE HD12 H N N 180 
ILE HD13 H N N 181 
ILE HXT  H N N 182 
LEU N    N N N 183 
LEU CA   C N S 184 
LEU C    C N N 185 
LEU O    O N N 186 
LEU CB   C N N 187 
LEU CG   C N N 188 
LEU CD1  C N N 189 
LEU CD2  C N N 190 
LEU OXT  O N N 191 
LEU H    H N N 192 
LEU H2   H N N 193 
LEU HA   H N N 194 
LEU HB2  H N N 195 
LEU HB3  H N N 196 
LEU HG   H N N 197 
LEU HD11 H N N 198 
LEU HD12 H N N 199 
LEU HD13 H N N 200 
LEU HD21 H N N 201 
LEU HD22 H N N 202 
LEU HD23 H N N 203 
LEU HXT  H N N 204 
LYS N    N N N 205 
LYS CA   C N S 206 
LYS C    C N N 207 
LYS O    O N N 208 
LYS CB   C N N 209 
LYS CG   C N N 210 
LYS CD   C N N 211 
LYS CE   C N N 212 
LYS NZ   N N N 213 
LYS OXT  O N N 214 
LYS H    H N N 215 
LYS H2   H N N 216 
LYS HA   H N N 217 
LYS HB2  H N N 218 
LYS HB3  H N N 219 
LYS HG2  H N N 220 
LYS HG3  H N N 221 
LYS HD2  H N N 222 
LYS HD3  H N N 223 
LYS HE2  H N N 224 
LYS HE3  H N N 225 
LYS HZ1  H N N 226 
LYS HZ2  H N N 227 
LYS HZ3  H N N 228 
LYS HXT  H N N 229 
MET N    N N N 230 
MET CA   C N S 231 
MET C    C N N 232 
MET O    O N N 233 
MET CB   C N N 234 
MET CG   C N N 235 
MET SD   S N N 236 
MET CE   C N N 237 
MET OXT  O N N 238 
MET H    H N N 239 
MET H2   H N N 240 
MET HA   H N N 241 
MET HB2  H N N 242 
MET HB3  H N N 243 
MET HG2  H N N 244 
MET HG3  H N N 245 
MET HE1  H N N 246 
MET HE2  H N N 247 
MET HE3  H N N 248 
MET HXT  H N N 249 
PHE N    N N N 250 
PHE CA   C N S 251 
PHE C    C N N 252 
PHE O    O N N 253 
PHE CB   C N N 254 
PHE CG   C Y N 255 
PHE CD1  C Y N 256 
PHE CD2  C Y N 257 
PHE CE1  C Y N 258 
PHE CE2  C Y N 259 
PHE CZ   C Y N 260 
PHE OXT  O N N 261 
PHE H    H N N 262 
PHE H2   H N N 263 
PHE HA   H N N 264 
PHE HB2  H N N 265 
PHE HB3  H N N 266 
PHE HD1  H N N 267 
PHE HD2  H N N 268 
PHE HE1  H N N 269 
PHE HE2  H N N 270 
PHE HZ   H N N 271 
PHE HXT  H N N 272 
PRO N    N N N 273 
PRO CA   C N S 274 
PRO C    C N N 275 
PRO O    O N N 276 
PRO CB   C N N 277 
PRO CG   C N N 278 
PRO CD   C N N 279 
PRO OXT  O N N 280 
PRO H    H N N 281 
PRO HA   H N N 282 
PRO HB2  H N N 283 
PRO HB3  H N N 284 
PRO HG2  H N N 285 
PRO HG3  H N N 286 
PRO HD2  H N N 287 
PRO HD3  H N N 288 
PRO HXT  H N N 289 
SER N    N N N 290 
SER CA   C N S 291 
SER C    C N N 292 
SER O    O N N 293 
SER CB   C N N 294 
SER OG   O N N 295 
SER OXT  O N N 296 
SER H    H N N 297 
SER H2   H N N 298 
SER HA   H N N 299 
SER HB2  H N N 300 
SER HB3  H N N 301 
SER HG   H N N 302 
SER HXT  H N N 303 
THR N    N N N 304 
THR CA   C N S 305 
THR C    C N N 306 
THR O    O N N 307 
THR CB   C N R 308 
THR OG1  O N N 309 
THR CG2  C N N 310 
THR OXT  O N N 311 
THR H    H N N 312 
THR H2   H N N 313 
THR HA   H N N 314 
THR HB   H N N 315 
THR HG1  H N N 316 
THR HG21 H N N 317 
THR HG22 H N N 318 
THR HG23 H N N 319 
THR HXT  H N N 320 
TRP N    N N N 321 
TRP CA   C N S 322 
TRP C    C N N 323 
TRP O    O N N 324 
TRP CB   C N N 325 
TRP CG   C Y N 326 
TRP CD1  C Y N 327 
TRP CD2  C Y N 328 
TRP NE1  N Y N 329 
TRP CE2  C Y N 330 
TRP CE3  C Y N 331 
TRP CZ2  C Y N 332 
TRP CZ3  C Y N 333 
TRP CH2  C Y N 334 
TRP OXT  O N N 335 
TRP H    H N N 336 
TRP H2   H N N 337 
TRP HA   H N N 338 
TRP HB2  H N N 339 
TRP HB3  H N N 340 
TRP HD1  H N N 341 
TRP HE1  H N N 342 
TRP HE3  H N N 343 
TRP HZ2  H N N 344 
TRP HZ3  H N N 345 
TRP HH2  H N N 346 
TRP HXT  H N N 347 
TYR N    N N N 348 
TYR CA   C N S 349 
TYR C    C N N 350 
TYR O    O N N 351 
TYR CB   C N N 352 
TYR CG   C Y N 353 
TYR CD1  C Y N 354 
TYR CD2  C Y N 355 
TYR CE1  C Y N 356 
TYR CE2  C Y N 357 
TYR CZ   C Y N 358 
TYR OH   O N N 359 
TYR OXT  O N N 360 
TYR H    H N N 361 
TYR H2   H N N 362 
TYR HA   H N N 363 
TYR HB2  H N N 364 
TYR HB3  H N N 365 
TYR HD1  H N N 366 
TYR HD2  H N N 367 
TYR HE1  H N N 368 
TYR HE2  H N N 369 
TYR HH   H N N 370 
TYR HXT  H N N 371 
VAL N    N N N 372 
VAL CA   C N S 373 
VAL C    C N N 374 
VAL O    O N N 375 
VAL CB   C N N 376 
VAL CG1  C N N 377 
VAL CG2  C N N 378 
VAL OXT  O N N 379 
VAL H    H N N 380 
VAL H2   H N N 381 
VAL HA   H N N 382 
VAL HB   H N N 383 
VAL HG11 H N N 384 
VAL HG12 H N N 385 
VAL HG13 H N N 386 
VAL HG21 H N N 387 
VAL HG22 H N N 388 
VAL HG23 H N N 389 
VAL HXT  H N N 390 
# 
loop_
_chem_comp_bond.comp_id 
_chem_comp_bond.atom_id_1 
_chem_comp_bond.atom_id_2 
_chem_comp_bond.value_order 
_chem_comp_bond.pdbx_aromatic_flag 
_chem_comp_bond.pdbx_stereo_config 
_chem_comp_bond.pdbx_ordinal 
ALA N   CA   sing N N 1   
ALA N   H    sing N N 2   
ALA N   H2   sing N N 3   
ALA CA  C    sing N N 4   
ALA CA  CB   sing N N 5   
ALA CA  HA   sing N N 6   
ALA C   O    doub N N 7   
ALA C   OXT  sing N N 8   
ALA CB  HB1  sing N N 9   
ALA CB  HB2  sing N N 10  
ALA CB  HB3  sing N N 11  
ALA OXT HXT  sing N N 12  
ARG N   CA   sing N N 13  
ARG N   H    sing N N 14  
ARG N   H2   sing N N 15  
ARG CA  C    sing N N 16  
ARG CA  CB   sing N N 17  
ARG CA  HA   sing N N 18  
ARG C   O    doub N N 19  
ARG C   OXT  sing N N 20  
ARG CB  CG   sing N N 21  
ARG CB  HB2  sing N N 22  
ARG CB  HB3  sing N N 23  
ARG CG  CD   sing N N 24  
ARG CG  HG2  sing N N 25  
ARG CG  HG3  sing N N 26  
ARG CD  NE   sing N N 27  
ARG CD  HD2  sing N N 28  
ARG CD  HD3  sing N N 29  
ARG NE  CZ   sing N N 30  
ARG NE  HE   sing N N 31  
ARG CZ  NH1  sing N N 32  
ARG CZ  NH2  doub N N 33  
ARG NH1 HH11 sing N N 34  
ARG NH1 HH12 sing N N 35  
ARG NH2 HH21 sing N N 36  
ARG NH2 HH22 sing N N 37  
ARG OXT HXT  sing N N 38  
ASN N   CA   sing N N 39  
ASN N   H    sing N N 40  
ASN N   H2   sing N N 41  
ASN CA  C    sing N N 42  
ASN CA  CB   sing N N 43  
ASN CA  HA   sing N N 44  
ASN C   O    doub N N 45  
ASN C   OXT  sing N N 46  
ASN CB  CG   sing N N 47  
ASN CB  HB2  sing N N 48  
ASN CB  HB3  sing N N 49  
ASN CG  OD1  doub N N 50  
ASN CG  ND2  sing N N 51  
ASN ND2 HD21 sing N N 52  
ASN ND2 HD22 sing N N 53  
ASN OXT HXT  sing N N 54  
ASP N   CA   sing N N 55  
ASP N   H    sing N N 56  
ASP N   H2   sing N N 57  
ASP CA  C    sing N N 58  
ASP CA  CB   sing N N 59  
ASP CA  HA   sing N N 60  
ASP C   O    doub N N 61  
ASP C   OXT  sing N N 62  
ASP CB  CG   sing N N 63  
ASP CB  HB2  sing N N 64  
ASP CB  HB3  sing N N 65  
ASP CG  OD1  doub N N 66  
ASP CG  OD2  sing N N 67  
ASP OD2 HD2  sing N N 68  
ASP OXT HXT  sing N N 69  
CYS N   CA   sing N N 70  
CYS N   H    sing N N 71  
CYS N   H2   sing N N 72  
CYS CA  C    sing N N 73  
CYS CA  CB   sing N N 74  
CYS CA  HA   sing N N 75  
CYS C   O    doub N N 76  
CYS C   OXT  sing N N 77  
CYS CB  SG   sing N N 78  
CYS CB  HB2  sing N N 79  
CYS CB  HB3  sing N N 80  
CYS SG  HG   sing N N 81  
CYS OXT HXT  sing N N 82  
GLN N   CA   sing N N 83  
GLN N   H    sing N N 84  
GLN N   H2   sing N N 85  
GLN CA  C    sing N N 86  
GLN CA  CB   sing N N 87  
GLN CA  HA   sing N N 88  
GLN C   O    doub N N 89  
GLN C   OXT  sing N N 90  
GLN CB  CG   sing N N 91  
GLN CB  HB2  sing N N 92  
GLN CB  HB3  sing N N 93  
GLN CG  CD   sing N N 94  
GLN CG  HG2  sing N N 95  
GLN CG  HG3  sing N N 96  
GLN CD  OE1  doub N N 97  
GLN CD  NE2  sing N N 98  
GLN NE2 HE21 sing N N 99  
GLN NE2 HE22 sing N N 100 
GLN OXT HXT  sing N N 101 
GLU N   CA   sing N N 102 
GLU N   H    sing N N 103 
GLU N   H2   sing N N 104 
GLU CA  C    sing N N 105 
GLU CA  CB   sing N N 106 
GLU CA  HA   sing N N 107 
GLU C   O    doub N N 108 
GLU C   OXT  sing N N 109 
GLU CB  CG   sing N N 110 
GLU CB  HB2  sing N N 111 
GLU CB  HB3  sing N N 112 
GLU CG  CD   sing N N 113 
GLU CG  HG2  sing N N 114 
GLU CG  HG3  sing N N 115 
GLU CD  OE1  doub N N 116 
GLU CD  OE2  sing N N 117 
GLU OE2 HE2  sing N N 118 
GLU OXT HXT  sing N N 119 
GLY N   CA   sing N N 120 
GLY N   H    sing N N 121 
GLY N   H2   sing N N 122 
GLY CA  C    sing N N 123 
GLY CA  HA2  sing N N 124 
GLY CA  HA3  sing N N 125 
GLY C   O    doub N N 126 
GLY C   OXT  sing N N 127 
GLY OXT HXT  sing N N 128 
HIS N   CA   sing N N 129 
HIS N   H    sing N N 130 
HIS N   H2   sing N N 131 
HIS CA  C    sing N N 132 
HIS CA  CB   sing N N 133 
HIS CA  HA   sing N N 134 
HIS C   O    doub N N 135 
HIS C   OXT  sing N N 136 
HIS CB  CG   sing N N 137 
HIS CB  HB2  sing N N 138 
HIS CB  HB3  sing N N 139 
HIS CG  ND1  sing Y N 140 
HIS CG  CD2  doub Y N 141 
HIS ND1 CE1  doub Y N 142 
HIS ND1 HD1  sing N N 143 
HIS CD2 NE2  sing Y N 144 
HIS CD2 HD2  sing N N 145 
HIS CE1 NE2  sing Y N 146 
HIS CE1 HE1  sing N N 147 
HIS NE2 HE2  sing N N 148 
HIS OXT HXT  sing N N 149 
HOH O   H1   sing N N 150 
HOH O   H2   sing N N 151 
ILE N   CA   sing N N 152 
ILE N   H    sing N N 153 
ILE N   H2   sing N N 154 
ILE CA  C    sing N N 155 
ILE CA  CB   sing N N 156 
ILE CA  HA   sing N N 157 
ILE C   O    doub N N 158 
ILE C   OXT  sing N N 159 
ILE CB  CG1  sing N N 160 
ILE CB  CG2  sing N N 161 
ILE CB  HB   sing N N 162 
ILE CG1 CD1  sing N N 163 
ILE CG1 HG12 sing N N 164 
ILE CG1 HG13 sing N N 165 
ILE CG2 HG21 sing N N 166 
ILE CG2 HG22 sing N N 167 
ILE CG2 HG23 sing N N 168 
ILE CD1 HD11 sing N N 169 
ILE CD1 HD12 sing N N 170 
ILE CD1 HD13 sing N N 171 
ILE OXT HXT  sing N N 172 
LEU N   CA   sing N N 173 
LEU N   H    sing N N 174 
LEU N   H2   sing N N 175 
LEU CA  C    sing N N 176 
LEU CA  CB   sing N N 177 
LEU CA  HA   sing N N 178 
LEU C   O    doub N N 179 
LEU C   OXT  sing N N 180 
LEU CB  CG   sing N N 181 
LEU CB  HB2  sing N N 182 
LEU CB  HB3  sing N N 183 
LEU CG  CD1  sing N N 184 
LEU CG  CD2  sing N N 185 
LEU CG  HG   sing N N 186 
LEU CD1 HD11 sing N N 187 
LEU CD1 HD12 sing N N 188 
LEU CD1 HD13 sing N N 189 
LEU CD2 HD21 sing N N 190 
LEU CD2 HD22 sing N N 191 
LEU CD2 HD23 sing N N 192 
LEU OXT HXT  sing N N 193 
LYS N   CA   sing N N 194 
LYS N   H    sing N N 195 
LYS N   H2   sing N N 196 
LYS CA  C    sing N N 197 
LYS CA  CB   sing N N 198 
LYS CA  HA   sing N N 199 
LYS C   O    doub N N 200 
LYS C   OXT  sing N N 201 
LYS CB  CG   sing N N 202 
LYS CB  HB2  sing N N 203 
LYS CB  HB3  sing N N 204 
LYS CG  CD   sing N N 205 
LYS CG  HG2  sing N N 206 
LYS CG  HG3  sing N N 207 
LYS CD  CE   sing N N 208 
LYS CD  HD2  sing N N 209 
LYS CD  HD3  sing N N 210 
LYS CE  NZ   sing N N 211 
LYS CE  HE2  sing N N 212 
LYS CE  HE3  sing N N 213 
LYS NZ  HZ1  sing N N 214 
LYS NZ  HZ2  sing N N 215 
LYS NZ  HZ3  sing N N 216 
LYS OXT HXT  sing N N 217 
MET N   CA   sing N N 218 
MET N   H    sing N N 219 
MET N   H2   sing N N 220 
MET CA  C    sing N N 221 
MET CA  CB   sing N N 222 
MET CA  HA   sing N N 223 
MET C   O    doub N N 224 
MET C   OXT  sing N N 225 
MET CB  CG   sing N N 226 
MET CB  HB2  sing N N 227 
MET CB  HB3  sing N N 228 
MET CG  SD   sing N N 229 
MET CG  HG2  sing N N 230 
MET CG  HG3  sing N N 231 
MET SD  CE   sing N N 232 
MET CE  HE1  sing N N 233 
MET CE  HE2  sing N N 234 
MET CE  HE3  sing N N 235 
MET OXT HXT  sing N N 236 
PHE N   CA   sing N N 237 
PHE N   H    sing N N 238 
PHE N   H2   sing N N 239 
PHE CA  C    sing N N 240 
PHE CA  CB   sing N N 241 
PHE CA  HA   sing N N 242 
PHE C   O    doub N N 243 
PHE C   OXT  sing N N 244 
PHE CB  CG   sing N N 245 
PHE CB  HB2  sing N N 246 
PHE CB  HB3  sing N N 247 
PHE CG  CD1  doub Y N 248 
PHE CG  CD2  sing Y N 249 
PHE CD1 CE1  sing Y N 250 
PHE CD1 HD1  sing N N 251 
PHE CD2 CE2  doub Y N 252 
PHE CD2 HD2  sing N N 253 
PHE CE1 CZ   doub Y N 254 
PHE CE1 HE1  sing N N 255 
PHE CE2 CZ   sing Y N 256 
PHE CE2 HE2  sing N N 257 
PHE CZ  HZ   sing N N 258 
PHE OXT HXT  sing N N 259 
PRO N   CA   sing N N 260 
PRO N   CD   sing N N 261 
PRO N   H    sing N N 262 
PRO CA  C    sing N N 263 
PRO CA  CB   sing N N 264 
PRO CA  HA   sing N N 265 
PRO C   O    doub N N 266 
PRO C   OXT  sing N N 267 
PRO CB  CG   sing N N 268 
PRO CB  HB2  sing N N 269 
PRO CB  HB3  sing N N 270 
PRO CG  CD   sing N N 271 
PRO CG  HG2  sing N N 272 
PRO CG  HG3  sing N N 273 
PRO CD  HD2  sing N N 274 
PRO CD  HD3  sing N N 275 
PRO OXT HXT  sing N N 276 
SER N   CA   sing N N 277 
SER N   H    sing N N 278 
SER N   H2   sing N N 279 
SER CA  C    sing N N 280 
SER CA  CB   sing N N 281 
SER CA  HA   sing N N 282 
SER C   O    doub N N 283 
SER C   OXT  sing N N 284 
SER CB  OG   sing N N 285 
SER CB  HB2  sing N N 286 
SER CB  HB3  sing N N 287 
SER OG  HG   sing N N 288 
SER OXT HXT  sing N N 289 
THR N   CA   sing N N 290 
THR N   H    sing N N 291 
THR N   H2   sing N N 292 
THR CA  C    sing N N 293 
THR CA  CB   sing N N 294 
THR CA  HA   sing N N 295 
THR C   O    doub N N 296 
THR C   OXT  sing N N 297 
THR CB  OG1  sing N N 298 
THR CB  CG2  sing N N 299 
THR CB  HB   sing N N 300 
THR OG1 HG1  sing N N 301 
THR CG2 HG21 sing N N 302 
THR CG2 HG22 sing N N 303 
THR CG2 HG23 sing N N 304 
THR OXT HXT  sing N N 305 
TRP N   CA   sing N N 306 
TRP N   H    sing N N 307 
TRP N   H2   sing N N 308 
TRP CA  C    sing N N 309 
TRP CA  CB   sing N N 310 
TRP CA  HA   sing N N 311 
TRP C   O    doub N N 312 
TRP C   OXT  sing N N 313 
TRP CB  CG   sing N N 314 
TRP CB  HB2  sing N N 315 
TRP CB  HB3  sing N N 316 
TRP CG  CD1  doub Y N 317 
TRP CG  CD2  sing Y N 318 
TRP CD1 NE1  sing Y N 319 
TRP CD1 HD1  sing N N 320 
TRP CD2 CE2  doub Y N 321 
TRP CD2 CE3  sing Y N 322 
TRP NE1 CE2  sing Y N 323 
TRP NE1 HE1  sing N N 324 
TRP CE2 CZ2  sing Y N 325 
TRP CE3 CZ3  doub Y N 326 
TRP CE3 HE3  sing N N 327 
TRP CZ2 CH2  doub Y N 328 
TRP CZ2 HZ2  sing N N 329 
TRP CZ3 CH2  sing Y N 330 
TRP CZ3 HZ3  sing N N 331 
TRP CH2 HH2  sing N N 332 
TRP OXT HXT  sing N N 333 
TYR N   CA   sing N N 334 
TYR N   H    sing N N 335 
TYR N   H2   sing N N 336 
TYR CA  C    sing N N 337 
TYR CA  CB   sing N N 338 
TYR CA  HA   sing N N 339 
TYR C   O    doub N N 340 
TYR C   OXT  sing N N 341 
TYR CB  CG   sing N N 342 
TYR CB  HB2  sing N N 343 
TYR CB  HB3  sing N N 344 
TYR CG  CD1  doub Y N 345 
TYR CG  CD2  sing Y N 346 
TYR CD1 CE1  sing Y N 347 
TYR CD1 HD1  sing N N 348 
TYR CD2 CE2  doub Y N 349 
TYR CD2 HD2  sing N N 350 
TYR CE1 CZ   doub Y N 351 
TYR CE1 HE1  sing N N 352 
TYR CE2 CZ   sing Y N 353 
TYR CE2 HE2  sing N N 354 
TYR CZ  OH   sing N N 355 
TYR OH  HH   sing N N 356 
TYR OXT HXT  sing N N 357 
VAL N   CA   sing N N 358 
VAL N   H    sing N N 359 
VAL N   H2   sing N N 360 
VAL CA  C    sing N N 361 
VAL CA  CB   sing N N 362 
VAL CA  HA   sing N N 363 
VAL C   O    doub N N 364 
VAL C   OXT  sing N N 365 
VAL CB  CG1  sing N N 366 
VAL CB  CG2  sing N N 367 
VAL CB  HB   sing N N 368 
VAL CG1 HG11 sing N N 369 
VAL CG1 HG12 sing N N 370 
VAL CG1 HG13 sing N N 371 
VAL CG2 HG21 sing N N 372 
VAL CG2 HG22 sing N N 373 
VAL CG2 HG23 sing N N 374 
VAL OXT HXT  sing N N 375 
# 
_atom_sites.entry_id                    2IGV 
_atom_sites.fract_transf_matrix[1][1]   -0.01170311 
_atom_sites.fract_transf_matrix[1][2]   -0.00885658 
_atom_sites.fract_transf_matrix[1][3]   -0.00661148 
_atom_sites.fract_transf_matrix[2][1]   0.00220594 
_atom_sites.fract_transf_matrix[2][2]   -0.01130740 
_atom_sites.fract_transf_matrix[2][3]   0.01124233 
_atom_sites.fract_transf_matrix[3][1]   -0.00552019 
_atom_sites.fract_transf_matrix[3][2]   0.00370443 
_atom_sites.fract_transf_matrix[3][3]   0.00480903 
_atom_sites.fract_transf_vector[1]      0.848963 
_atom_sites.fract_transf_vector[2]      0.437931 
_atom_sites.fract_transf_vector[3]      0.127223 
# 
loop_
_atom_type.symbol 
C 
N 
O 
S 
# 
loop_
_atom_site.group_PDB 
_atom_site.id 
_atom_site.type_symbol 
_atom_site.label_atom_id 
_atom_site.label_alt_id 
_atom_site.label_comp_id 
_atom_site.label_asym_id 
_atom_site.label_entity_id 
_atom_site.label_seq_id 
_atom_site.pdbx_PDB_ins_code 
_atom_site.Cartn_x 
_atom_site.Cartn_y 
_atom_site.Cartn_z 
_atom_site.occupancy 
_atom_site.B_iso_or_equiv 
_atom_site.pdbx_formal_charge 
_atom_site.auth_seq_id 
_atom_site.auth_comp_id 
_atom_site.auth_asym_id 
_atom_site.auth_atom_id 
_atom_site.pdbx_PDB_model_num 
ATOM   1    N N   . MET A 1 1   ? -6.082  -20.869 -9.608  1.00 98.29  ? 1   MET A N   1 
ATOM   2    C CA  . MET A 1 1   ? -5.354  -19.975 -8.709  1.00 103.39 ? 1   MET A CA  1 
ATOM   3    C C   . MET A 1 1   ? -6.243  -18.827 -8.245  1.00 97.93  ? 1   MET A C   1 
ATOM   4    O O   . MET A 1 1   ? -6.712  -18.012 -9.044  1.00 119.71 ? 1   MET A O   1 
ATOM   5    C CB  . MET A 1 1   ? -4.097  -19.432 -9.389  1.00 108.84 ? 1   MET A CB  1 
ATOM   6    C CG  . MET A 1 1   ? -4.349  -18.418 -10.492 1.00 111.86 ? 1   MET A CG  1 
ATOM   7    S SD  . MET A 1 1   ? -4.029  -16.719 -9.969  1.00 57.70  ? 1   MET A SD  1 
ATOM   8    C CE  . MET A 1 1   ? -2.853  -16.993 -8.640  1.00 43.71  ? 1   MET A CE  1 
ATOM   9    N N   . SER A 1 2   ? -6.486  -18.759 -6.936  1.00 83.73  ? 2   SER A N   1 
ATOM   10   C CA  . SER A 1 2   ? -7.411  -17.750 -6.423  1.00 70.85  ? 2   SER A CA  1 
ATOM   11   C C   . SER A 1 2   ? -6.694  -16.467 -6.018  1.00 53.54  ? 2   SER A C   1 
ATOM   12   O O   . SER A 1 2   ? -5.508  -16.442 -5.685  1.00 40.17  ? 2   SER A O   1 
ATOM   13   C CB  . SER A 1 2   ? -8.212  -18.319 -5.250  1.00 70.00  ? 2   SER A CB  1 
ATOM   14   O OG  . SER A 1 2   ? -7.369  -18.837 -4.239  1.00 73.01  ? 2   SER A OG  1 
ATOM   15   N N   . ARG A 1 3   ? -7.456  -15.372 -6.065  1.00 29.99  ? 3   ARG A N   1 
ATOM   16   C CA  . ARG A 1 3   ? -6.914  -14.091 -5.607  1.00 23.76  ? 3   ARG A CA  1 
ATOM   17   C C   . ARG A 1 3   ? -6.616  -14.152 -4.121  1.00 22.68  ? 3   ARG A C   1 
ATOM   18   O O   . ARG A 1 3   ? -7.383  -14.741 -3.355  1.00 23.60  ? 3   ARG A O   1 
ATOM   19   C CB  . ARG A 1 3   ? -7.889  -12.935 -5.899  1.00 17.54  ? 3   ARG A CB  1 
ATOM   20   C CG  . ARG A 1 3   ? -7.931  -12.658 -7.387  1.00 21.80  ? 3   ARG A CG  1 
ATOM   21   C CD  . ARG A 1 3   ? -8.877  -11.532 -7.766  1.00 21.97  ? 3   ARG A CD  1 
ATOM   22   N NE  . ARG A 1 3   ? -8.726  -11.189 -9.172  1.00 22.63  ? 3   ARG A NE  1 
ATOM   23   C CZ  . ARG A 1 3   ? -9.534  -10.359 -9.814  1.00 24.07  ? 3   ARG A CZ  1 
ATOM   24   N NH1 . ARG A 1 3   ? -10.549 -9.787  -9.171  1.00 27.35  ? 3   ARG A NH1 1 
ATOM   25   N NH2 . ARG A 1 3   ? -9.315  -10.107 -11.094 1.00 25.28  ? 3   ARG A NH2 1 
ATOM   26   N N   . SER A 1 4   ? -5.501  -13.524 -3.736  1.00 21.55  ? 4   SER A N   1 
ATOM   27   C CA  . SER A 1 4   ? -5.155  -13.388 -2.333  1.00 19.65  ? 4   SER A CA  1 
ATOM   28   C C   . SER A 1 4   ? -5.993  -12.320 -1.625  1.00 15.46  ? 4   SER A C   1 
ATOM   29   O O   . SER A 1 4   ? -6.304  -11.325 -2.289  1.00 20.78  ? 4   SER A O   1 
ATOM   30   C CB  . SER A 1 4   ? -3.683  -12.973 -2.229  1.00 20.32  ? 4   SER A CB  1 
ATOM   31   O OG  . SER A 1 4   ? -2.874  -14.029 -2.728  1.00 25.32  ? 4   SER A OG  1 
ATOM   32   N N   . LYS A 1 5   ? -6.264  -12.607 -0.358  1.00 15.85  ? 5   LYS A N   1 
ATOM   33   C CA  . LYS A 1 5   ? -6.903  -11.634 0.525   1.00 17.24  ? 5   LYS A CA  1 
ATOM   34   C C   . LYS A 1 5   ? -5.933  -11.275 1.647   1.00 19.16  ? 5   LYS A C   1 
ATOM   35   O O   . LYS A 1 5   ? -5.424  -12.180 2.312   1.00 17.42  ? 5   LYS A O   1 
ATOM   36   C CB  . LYS A 1 5   ? -8.213  -12.145 1.120   1.00 19.94  ? 5   LYS A CB  1 
ATOM   37   C CG  . LYS A 1 5   ? -9.248  -12.565 0.091   1.00 41.06  ? 5   LYS A CG  1 
ATOM   38   C CD  . LYS A 1 5   ? -9.945  -11.350 -0.505  1.00 51.08  ? 5   LYS A CD  1 
ATOM   39   C CE  . LYS A 1 5   ? -11.408 -11.281 -0.090  1.00 52.30  ? 5   LYS A CE  1 
ATOM   40   N NZ  . LYS A 1 5   ? -11.613 -11.834 1.279   1.00 47.68  ? 5   LYS A NZ  1 
ATOM   41   N N   . VAL A 1 6   ? -5.705  -9.968  1.839   1.00 14.77  ? 6   VAL A N   1 
ATOM   42   C CA  . VAL A 1 6   ? -4.838  -9.546  2.936   1.00 15.46  ? 6   VAL A CA  1 
ATOM   43   C C   . VAL A 1 6   ? -5.495  -8.433  3.755   1.00 17.27  ? 6   VAL A C   1 
ATOM   44   O O   . VAL A 1 6   ? -6.480  -7.849  3.275   1.00 16.32  ? 6   VAL A O   1 
ATOM   45   C CB  . VAL A 1 6   ? -3.494  -9.070  2.369   1.00 18.21  ? 6   VAL A CB  1 
ATOM   46   C CG1 . VAL A 1 6   ? -2.709  -10.209 1.727   1.00 17.71  ? 6   VAL A CG1 1 
ATOM   47   C CG2 . VAL A 1 6   ? -3.716  -7.963  1.335   1.00 15.67  ? 6   VAL A CG2 1 
ATOM   48   N N   . PHE A 1 7   ? -4.978  -8.164  4.944   1.00 16.69  ? 7   PHE A N   1 
ATOM   49   C CA  . PHE A 1 7   ? -5.584  -7.126  5.770   1.00 20.63  ? 7   PHE A CA  1 
ATOM   50   C C   . PHE A 1 7   ? -4.552  -6.261  6.479   1.00 19.97  ? 7   PHE A C   1 
ATOM   51   O O   . PHE A 1 7   ? -3.437  -6.685  6.754   1.00 14.02  ? 7   PHE A O   1 
ATOM   52   C CB  . PHE A 1 7   ? -6.503  -7.739  6.849   1.00 13.99  ? 7   PHE A CB  1 
ATOM   53   C CG  . PHE A 1 7   ? -5.723  -8.460  7.939   1.00 14.64  ? 7   PHE A CG  1 
ATOM   54   C CD1 . PHE A 1 7   ? -5.355  -9.787  7.666   1.00 17.51  ? 7   PHE A CD1 1 
ATOM   55   C CD2 . PHE A 1 7   ? -5.372  -7.930  9.168   1.00 18.09  ? 7   PHE A CD2 1 
ATOM   56   C CE1 . PHE A 1 7   ? -4.636  -10.480 8.618   1.00 19.26  ? 7   PHE A CE1 1 
ATOM   57   C CE2 . PHE A 1 7   ? -4.634  -8.613  10.105  1.00 16.59  ? 7   PHE A CE2 1 
ATOM   58   C CZ  . PHE A 1 7   ? -4.261  -9.928  9.826   1.00 20.58  ? 7   PHE A CZ  1 
ATOM   59   N N   . PHE A 1 8   ? -5.005  -5.067  6.844   1.00 15.75  ? 8   PHE A N   1 
ATOM   60   C CA  . PHE A 1 8   ? -4.347  -4.210  7.794   1.00 14.24  ? 8   PHE A CA  1 
ATOM   61   C C   . PHE A 1 8   ? -5.325  -3.921  8.937   1.00 13.75  ? 8   PHE A C   1 
ATOM   62   O O   . PHE A 1 8   ? -6.448  -3.545  8.589   1.00 17.14  ? 8   PHE A O   1 
ATOM   63   C CB  . PHE A 1 8   ? -3.981  -2.846  7.201   1.00 14.18  ? 8   PHE A CB  1 
ATOM   64   C CG  . PHE A 1 8   ? -3.069  -2.819  5.993   1.00 12.86  ? 8   PHE A CG  1 
ATOM   65   C CD1 . PHE A 1 8   ? -2.126  -3.826  5.802   1.00 13.65  ? 8   PHE A CD1 1 
ATOM   66   C CD2 . PHE A 1 8   ? -3.190  -1.786  5.079   1.00 14.92  ? 8   PHE A CD2 1 
ATOM   67   C CE1 . PHE A 1 8   ? -1.305  -3.724  4.681   1.00 11.66  ? 8   PHE A CE1 1 
ATOM   68   C CE2 . PHE A 1 8   ? -2.354  -1.689  3.977   1.00 18.27  ? 8   PHE A CE2 1 
ATOM   69   C CZ  . PHE A 1 8   ? -1.402  -2.689  3.783   1.00 15.22  ? 8   PHE A CZ  1 
ATOM   70   N N   . ASP A 1 9   ? -4.857  -4.080  10.158  1.00 15.67  ? 9   ASP A N   1 
ATOM   71   C CA  . ASP A 1 9   ? -5.521  -3.472  11.298  1.00 16.99  ? 9   ASP A CA  1 
ATOM   72   C C   . ASP A 1 9   ? -4.872  -2.124  11.583  1.00 16.18  ? 9   ASP A C   1 
ATOM   73   O O   . ASP A 1 9   ? -3.667  -2.051  11.827  1.00 16.73  ? 9   ASP A O   1 
ATOM   74   C CB  . ASP A 1 9   ? -5.453  -4.389  12.527  1.00 20.59  ? 9   ASP A CB  1 
ATOM   75   C CG  . ASP A 1 9   ? -6.304  -5.626  12.294  1.00 18.21  ? 9   ASP A CG  1 
ATOM   76   O OD1 . ASP A 1 9   ? -7.435  -5.498  11.784  1.00 18.28  ? 9   ASP A OD1 1 
ATOM   77   O OD2 . ASP A 1 9   ? -5.792  -6.715  12.656  1.00 22.06  ? 9   ASP A OD2 1 
ATOM   78   N N   . ILE A 1 10  ? -5.674  -1.060  11.571  1.00 14.13  ? 10  ILE A N   1 
ATOM   79   C CA  . ILE A 1 10  ? -5.144  0.286   11.645  1.00 14.86  ? 10  ILE A CA  1 
ATOM   80   C C   . ILE A 1 10  ? -5.332  0.906   13.022  1.00 18.77  ? 10  ILE A C   1 
ATOM   81   O O   . ILE A 1 10  ? -6.377  0.697   13.628  1.00 18.73  ? 10  ILE A O   1 
ATOM   82   C CB  . ILE A 1 10  ? -5.879  1.178   10.620  1.00 15.30  ? 10  ILE A CB  1 
ATOM   83   C CG1 . ILE A 1 10  ? -5.690  0.742   9.161   1.00 18.50  ? 10  ILE A CG1 1 
ATOM   84   C CG2 . ILE A 1 10  ? -5.495  2.639   10.811  1.00 15.79  ? 10  ILE A CG2 1 
ATOM   85   C CD1 . ILE A 1 10  ? -4.198  0.667   8.809   1.00 17.77  ? 10  ILE A CD1 1 
ATOM   86   N N   . THR A 1 11  ? -4.334  1.650   13.438  1.00 15.48  ? 11  THR A N   1 
ATOM   87   C CA  . THR A 1 11  ? -4.510  2.559   14.580  1.00 16.46  ? 11  THR A CA  1 
ATOM   88   C C   . THR A 1 11  ? -4.275  4.002   14.154  1.00 21.57  ? 11  THR A C   1 
ATOM   89   O O   . THR A 1 11  ? -3.467  4.329   13.289  1.00 16.97  ? 11  THR A O   1 
ATOM   90   C CB  . THR A 1 11  ? -3.579  2.261   15.751  1.00 15.86  ? 11  THR A CB  1 
ATOM   91   O OG1 . THR A 1 11  ? -2.204  2.299   15.336  1.00 18.44  ? 11  THR A OG1 1 
ATOM   92   C CG2 . THR A 1 11  ? -3.852  0.876   16.327  1.00 17.95  ? 11  THR A CG2 1 
ATOM   93   N N   . ILE A 1 12  ? -5.008  4.918   14.788  1.00 17.46  ? 12  ILE A N   1 
ATOM   94   C CA  . ILE A 1 12  ? -4.879  6.347   14.517  1.00 20.50  ? 12  ILE A CA  1 
ATOM   95   C C   . ILE A 1 12  ? -4.640  7.018   15.874  1.00 18.42  ? 12  ILE A C   1 
ATOM   96   O O   . ILE A 1 12  ? -5.510  6.903   16.735  1.00 22.44  ? 12  ILE A O   1 
ATOM   97   C CB  . ILE A 1 12  ? -6.098  6.915   13.804  1.00 16.37  ? 12  ILE A CB  1 
ATOM   98   C CG1 . ILE A 1 12  ? -6.303  6.363   12.382  1.00 14.93  ? 12  ILE A CG1 1 
ATOM   99   C CG2 . ILE A 1 12  ? -6.059  8.437   13.765  1.00 15.38  ? 12  ILE A CG2 1 
ATOM   100  C CD1 . ILE A 1 12  ? -7.623  6.701   11.708  1.00 18.29  ? 12  ILE A CD1 1 
ATOM   101  N N   . GLY A 1 13  ? -3.483  7.632   16.007  1.00 19.60  ? 13  GLY A N   1 
ATOM   102  C CA  . GLY A 1 13  ? -3.057  8.246   17.270  1.00 17.68  ? 13  GLY A CA  1 
ATOM   103  C C   . GLY A 1 13  ? -3.068  7.203   18.362  1.00 28.08  ? 13  GLY A C   1 
ATOM   104  O O   . GLY A 1 13  ? -3.367  7.461   19.534  1.00 26.84  ? 13  GLY A O   1 
ATOM   105  N N   . GLY A 1 14  ? -2.767  5.949   18.009  1.00 20.91  ? 14  GLY A N   1 
ATOM   106  C CA  . GLY A 1 14  ? -2.779  4.923   19.038  1.00 27.94  ? 14  GLY A CA  1 
ATOM   107  C C   . GLY A 1 14  ? -4.104  4.211   19.198  1.00 23.34  ? 14  GLY A C   1 
ATOM   108  O O   . GLY A 1 14  ? -4.131  3.144   19.826  1.00 27.84  ? 14  GLY A O   1 
ATOM   109  N N   . LYS A 1 15  ? -5.182  4.756   18.655  1.00 21.75  ? 15  LYS A N   1 
ATOM   110  C CA  . LYS A 1 15  ? -6.502  4.156   18.839  1.00 25.33  ? 15  LYS A CA  1 
ATOM   111  C C   . LYS A 1 15  ? -6.881  3.173   17.738  1.00 20.84  ? 15  LYS A C   1 
ATOM   112  O O   . LYS A 1 15  ? -6.686  3.459   16.544  1.00 20.30  ? 15  LYS A O   1 
ATOM   113  C CB  . LYS A 1 15  ? -7.558  5.260   18.929  1.00 30.53  ? 15  LYS A CB  1 
ATOM   114  C CG  . LYS A 1 15  ? -8.589  5.045   20.026  1.00 56.40  ? 15  LYS A CG  1 
ATOM   115  C CD  . LYS A 1 15  ? -9.986  4.859   19.449  1.00 74.69  ? 15  LYS A CD  1 
ATOM   116  C CE  . LYS A 1 15  ? -10.755 3.747   20.165  1.00 80.31  ? 15  LYS A CE  1 
ATOM   117  N NZ  . LYS A 1 15  ? -10.388 2.400   19.654  1.00 64.60  ? 15  LYS A NZ  1 
ATOM   118  N N   . ALA A 1 16  ? -7.437  2.029   18.146  1.00 22.67  ? 16  ALA A N   1 
ATOM   119  C CA  . ALA A 1 16  ? -7.946  1.039   17.193  1.00 26.05  ? 16  ALA A CA  1 
ATOM   120  C C   . ALA A 1 16  ? -8.988  1.653   16.278  1.00 24.45  ? 16  ALA A C   1 
ATOM   121  O O   . ALA A 1 16  ? -10.013 2.200   16.705  1.00 23.97  ? 16  ALA A O   1 
ATOM   122  C CB  . ALA A 1 16  ? -8.530  -0.174  17.915  1.00 31.73  ? 16  ALA A CB  1 
ATOM   123  N N   . SER A 1 17  ? -8.753  1.560   14.973  1.00 18.66  ? 17  SER A N   1 
ATOM   124  C CA  . SER A 1 17  ? -9.647  2.223   14.031  1.00 21.84  ? 17  SER A CA  1 
ATOM   125  C C   . SER A 1 17  ? -10.320 1.260   13.067  1.00 22.73  ? 17  SER A C   1 
ATOM   126  O O   . SER A 1 17  ? -11.077 1.716   12.200  1.00 22.68  ? 17  SER A O   1 
ATOM   127  C CB  . SER A 1 17  ? -8.878  3.273   13.205  1.00 21.17  ? 17  SER A CB  1 
ATOM   128  O OG  . SER A 1 17  ? -8.296  4.208   14.104  1.00 25.74  ? 17  SER A OG  1 
ATOM   129  N N   . GLY A 1 18  ? -10.059 -0.037  13.202  1.00 18.61  ? 18  GLY A N   1 
ATOM   130  C CA  . GLY A 1 18  ? -10.694 -1.022  12.358  1.00 18.42  ? 18  GLY A CA  1 
ATOM   131  C C   . GLY A 1 18  ? -9.803  -1.694  11.332  1.00 19.36  ? 18  GLY A C   1 
ATOM   132  O O   . GLY A 1 18  ? -8.607  -1.403  11.326  1.00 18.71  ? 18  GLY A O   1 
ATOM   133  N N   . ARG A 1 19  ? -10.394 -2.564  10.523  1.00 15.79  ? 19  ARG A N   1 
ATOM   134  C CA  . ARG A 1 19  ? -9.621  -3.367  9.583   1.00 19.93  ? 19  ARG A CA  1 
ATOM   135  C C   . ARG A 1 19  ? -9.900  -3.053  8.126   1.00 17.40  ? 19  ARG A C   1 
ATOM   136  O O   . ARG A 1 19  ? -11.040 -2.931  7.661   1.00 18.16  ? 19  ARG A O   1 
ATOM   137  C CB  . ARG A 1 19  ? -9.894  -4.860  9.848   1.00 18.45  ? 19  ARG A CB  1 
ATOM   138  C CG  . ARG A 1 19  ? -9.304  -5.767  8.778   1.00 14.12  ? 19  ARG A CG  1 
ATOM   139  C CD  . ARG A 1 19  ? -9.383  -7.239  9.159   1.00 15.24  ? 19  ARG A CD  1 
ATOM   140  N NE  . ARG A 1 19  ? -8.541  -7.539  10.313  1.00 17.81  ? 19  ARG A NE  1 
ATOM   141  C CZ  . ARG A 1 19  ? -8.403  -8.754  10.840  1.00 19.79  ? 19  ARG A CZ  1 
ATOM   142  N NH1 . ARG A 1 19  ? -9.044  -9.807  10.329  1.00 19.28  ? 19  ARG A NH1 1 
ATOM   143  N NH2 . ARG A 1 19  ? -7.600  -8.853  11.881  1.00 21.16  ? 19  ARG A NH2 1 
ATOM   144  N N   . ILE A 1 20  ? -8.807  -2.932  7.355   1.00 13.06  ? 20  ILE A N   1 
ATOM   145  C CA  . ILE A 1 20  ? -8.938  -2.805  5.911   1.00 13.02  ? 20  ILE A CA  1 
ATOM   146  C C   . ILE A 1 20  ? -8.707  -4.183  5.281   1.00 16.08  ? 20  ILE A C   1 
ATOM   147  O O   . ILE A 1 20  ? -7.641  -4.755  5.572   1.00 17.45  ? 20  ILE A O   1 
ATOM   148  C CB  . ILE A 1 20  ? -7.953  -1.785  5.316   1.00 11.41  ? 20  ILE A CB  1 
ATOM   149  C CG1 . ILE A 1 20  ? -8.135  -0.359  5.862   1.00 13.91  ? 20  ILE A CG1 1 
ATOM   150  C CG2 . ILE A 1 20  ? -8.025  -1.751  3.798   1.00 14.26  ? 20  ILE A CG2 1 
ATOM   151  C CD1 . ILE A 1 20  ? -7.034  0.620   5.540   1.00 13.42  ? 20  ILE A CD1 1 
ATOM   152  N N   . VAL A 1 21  ? -9.625  -4.679  4.467   1.00 14.36  ? 21  VAL A N   1 
ATOM   153  C CA  . VAL A 1 21  ? -9.387  -5.990  3.826   1.00 15.94  ? 21  VAL A CA  1 
ATOM   154  C C   . VAL A 1 21  ? -9.220  -5.728  2.336   1.00 16.72  ? 21  VAL A C   1 
ATOM   155  O O   . VAL A 1 21  ? -9.986  -4.995  1.695   1.00 16.51  ? 21  VAL A O   1 
ATOM   156  C CB  . VAL A 1 21  ? -10.496 -7.022  4.077   1.00 14.94  ? 21  VAL A CB  1 
ATOM   157  C CG1 . VAL A 1 21  ? -10.160 -8.324  3.355   1.00 21.35  ? 21  VAL A CG1 1 
ATOM   158  C CG2 . VAL A 1 21  ? -10.669 -7.306  5.564   1.00 15.28  ? 21  VAL A CG2 1 
ATOM   159  N N   . MET A 1 22  ? -8.179  -6.305  1.736   1.00 15.61  ? 22  MET A N   1 
ATOM   160  C CA  . MET A 1 22  ? -7.868  -6.051  0.339   1.00 11.61  ? 22  MET A CA  1 
ATOM   161  C C   . MET A 1 22  ? -7.780  -7.360  -0.437  1.00 17.11  ? 22  MET A C   1 
ATOM   162  O O   . MET A 1 22  ? -7.214  -8.318  0.084   1.00 17.63  ? 22  MET A O   1 
ATOM   163  C CB  . MET A 1 22  ? -6.523  -5.298  0.223   1.00 14.79  ? 22  MET A CB  1 
ATOM   164  C CG  . MET A 1 22  ? -6.489  -3.857  0.703   1.00 13.28  ? 22  MET A CG  1 
ATOM   165  S SD  . MET A 1 22  ? -4.890  -3.338  1.394   1.00 15.64  ? 22  MET A SD  1 
ATOM   166  C CE  . MET A 1 22  ? -4.960  -4.168  2.981   1.00 17.45  ? 22  MET A CE  1 
ATOM   167  N N   . GLU A 1 23  ? -8.353  -7.353  -1.628  1.00 17.32  ? 23  GLU A N   1 
ATOM   168  C CA  . GLU A 1 23  ? -8.230  -8.457  -2.561  1.00 13.19  ? 23  GLU A CA  1 
ATOM   169  C C   . GLU A 1 23  ? -7.120  -8.100  -3.528  1.00 14.65  ? 23  GLU A C   1 
ATOM   170  O O   . GLU A 1 23  ? -7.101  -6.984  -4.052  1.00 15.47  ? 23  GLU A O   1 
ATOM   171  C CB  . GLU A 1 23  ? -9.559  -8.675  -3.293  1.00 17.37  ? 23  GLU A CB  1 
ATOM   172  C CG  . GLU A 1 23  ? -9.438  -9.720  -4.400  1.00 18.44  ? 23  GLU A CG  1 
ATOM   173  C CD  . GLU A 1 23  ? -10.779 -9.878  -5.103  1.00 19.81  ? 23  GLU A CD  1 
ATOM   174  O OE1 . GLU A 1 23  ? -11.506 -10.830 -4.756  1.00 32.12  ? 23  GLU A OE1 1 
ATOM   175  O OE2 . GLU A 1 23  ? -11.070 -9.053  -5.980  1.00 24.87  ? 23  GLU A OE2 1 
ATOM   176  N N   . LEU A 1 24  ? -6.184  -9.003  -3.783  1.00 16.00  ? 24  LEU A N   1 
ATOM   177  C CA  . LEU A 1 24  ? -5.126  -8.755  -4.751  1.00 12.79  ? 24  LEU A CA  1 
ATOM   178  C C   . LEU A 1 24  ? -5.416  -9.460  -6.079  1.00 18.15  ? 24  LEU A C   1 
ATOM   179  O O   . LEU A 1 24  ? -6.082  -10.505 -6.079  1.00 19.46  ? 24  LEU A O   1 
ATOM   180  C CB  . LEU A 1 24  ? -3.798  -9.251  -4.163  1.00 13.63  ? 24  LEU A CB  1 
ATOM   181  C CG  . LEU A 1 24  ? -3.478  -8.825  -2.738  1.00 13.24  ? 24  LEU A CG  1 
ATOM   182  C CD1 . LEU A 1 24  ? -2.102  -9.313  -2.321  1.00 15.70  ? 24  LEU A CD1 1 
ATOM   183  C CD2 . LEU A 1 24  ? -3.530  -7.293  -2.620  1.00 15.10  ? 24  LEU A CD2 1 
ATOM   184  N N   . TYR A 1 25  ? -4.909  -8.893  -7.173  1.00 17.08  ? 25  TYR A N   1 
ATOM   185  C CA  . TYR A 1 25  ? -5.159  -9.437  -8.516  1.00 19.58  ? 25  TYR A CA  1 
ATOM   186  C C   . TYR A 1 25  ? -4.040  -10.375 -9.002  1.00 13.72  ? 25  TYR A C   1 
ATOM   187  O O   . TYR A 1 25  ? -3.340  -10.024 -9.963  1.00 17.38  ? 25  TYR A O   1 
ATOM   188  C CB  . TYR A 1 25  ? -5.315  -8.270  -9.467  1.00 19.45  ? 25  TYR A CB  1 
ATOM   189  C CG  . TYR A 1 25  ? -6.450  -7.319  -9.144  1.00 16.88  ? 25  TYR A CG  1 
ATOM   190  C CD1 . TYR A 1 25  ? -7.587  -7.779  -8.502  1.00 19.93  ? 25  TYR A CD1 1 
ATOM   191  C CD2 . TYR A 1 25  ? -6.339  -5.981  -9.501  1.00 22.35  ? 25  TYR A CD2 1 
ATOM   192  C CE1 . TYR A 1 25  ? -8.633  -6.904  -8.205  1.00 19.85  ? 25  TYR A CE1 1 
ATOM   193  C CE2 . TYR A 1 25  ? -7.376  -5.098  -9.217  1.00 18.06  ? 25  TYR A CE2 1 
ATOM   194  C CZ  . TYR A 1 25  ? -8.493  -5.582  -8.571  1.00 20.82  ? 25  TYR A CZ  1 
ATOM   195  O OH  . TYR A 1 25  ? -9.533  -4.703  -8.299  1.00 22.65  ? 25  TYR A OH  1 
ATOM   196  N N   . ASP A 1 26  ? -3.931  -11.494 -8.318  1.00 17.89  ? 26  ASP A N   1 
ATOM   197  C CA  . ASP A 1 26  ? -2.842  -12.451 -8.513  1.00 23.64  ? 26  ASP A CA  1 
ATOM   198  C C   . ASP A 1 26  ? -2.860  -12.943 -9.962  1.00 25.43  ? 26  ASP A C   1 
ATOM   199  O O   . ASP A 1 26  ? -1.820  -13.255 -10.531 1.00 21.73  ? 26  ASP A O   1 
ATOM   200  C CB  . ASP A 1 26  ? -2.929  -13.640 -7.572  1.00 21.62  ? 26  ASP A CB  1 
ATOM   201  C CG  . ASP A 1 26  ? -2.945  -13.249 -6.107  1.00 26.39  ? 26  ASP A CG  1 
ATOM   202  O OD1 . ASP A 1 26  ? -3.724  -12.362 -5.706  1.00 24.95  ? 26  ASP A OD1 1 
ATOM   203  O OD2 . ASP A 1 26  ? -2.190  -13.849 -5.319  1.00 37.87  ? 26  ASP A OD2 1 
ATOM   204  N N   . ASP A 1 27  ? -4.082  -12.979 -10.485 1.00 21.77  ? 27  ASP A N   1 
ATOM   205  C CA  . ASP A 1 27  ? -4.305  -13.451 -11.851 1.00 20.68  ? 27  ASP A CA  1 
ATOM   206  C C   . ASP A 1 27  ? -3.814  -12.471 -12.899 1.00 30.89  ? 27  ASP A C   1 
ATOM   207  O O   . ASP A 1 27  ? -3.418  -12.898 -13.992 1.00 26.22  ? 27  ASP A O   1 
ATOM   208  C CB  . ASP A 1 27  ? -5.800  -13.752 -12.056 1.00 23.77  ? 27  ASP A CB  1 
ATOM   209  C CG  . ASP A 1 27  ? -6.694  -12.606 -11.633 1.00 35.59  ? 27  ASP A CG  1 
ATOM   210  O OD1 . ASP A 1 27  ? -6.438  -11.893 -10.643 1.00 24.90  ? 27  ASP A OD1 1 
ATOM   211  O OD2 . ASP A 1 27  ? -7.717  -12.382 -12.322 1.00 35.73  ? 27  ASP A OD2 1 
ATOM   212  N N   . VAL A 1 28  ? -3.835  -11.165 -12.606 1.00 20.09  ? 28  VAL A N   1 
ATOM   213  C CA  . VAL A 1 28  ? -3.448  -10.162 -13.580 1.00 18.18  ? 28  VAL A CA  1 
ATOM   214  C C   . VAL A 1 28  ? -2.008  -9.707  -13.443 1.00 19.44  ? 28  VAL A C   1 
ATOM   215  O O   . VAL A 1 28  ? -1.307  -9.474  -14.415 1.00 18.21  ? 28  VAL A O   1 
ATOM   216  C CB  . VAL A 1 28  ? -4.344  -8.912  -13.439 1.00 19.59  ? 28  VAL A CB  1 
ATOM   217  C CG1 . VAL A 1 28  ? -4.007  -7.917  -14.536 1.00 20.90  ? 28  VAL A CG1 1 
ATOM   218  C CG2 . VAL A 1 28  ? -5.815  -9.320  -13.476 1.00 24.60  ? 28  VAL A CG2 1 
ATOM   219  N N   . VAL A 1 29  ? -1.559  -9.552  -12.201 1.00 16.89  ? 29  VAL A N   1 
ATOM   220  C CA  . VAL A 1 29  ? -0.210  -9.075  -11.903 1.00 17.67  ? 29  VAL A CA  1 
ATOM   221  C C   . VAL A 1 29  ? 0.406   -9.919  -10.796 1.00 19.45  ? 29  VAL A C   1 
ATOM   222  O O   . VAL A 1 29  ? 0.588   -9.519  -9.643  1.00 16.82  ? 29  VAL A O   1 
ATOM   223  C CB  . VAL A 1 29  ? -0.206  -7.583  -11.476 1.00 17.13  ? 29  VAL A CB  1 
ATOM   224  C CG1 . VAL A 1 29  ? -0.245  -6.715  -12.709 1.00 17.08  ? 29  VAL A CG1 1 
ATOM   225  C CG2 . VAL A 1 29  ? -1.349  -7.329  -10.509 1.00 17.35  ? 29  VAL A CG2 1 
ATOM   226  N N   . PRO A 1 30  ? 0.725   -11.183 -11.086 1.00 22.55  ? 30  PRO A N   1 
ATOM   227  C CA  . PRO A 1 30  ? 1.196   -12.111 -10.050 1.00 19.46  ? 30  PRO A CA  1 
ATOM   228  C C   . PRO A 1 30  ? 2.422   -11.635 -9.305  1.00 13.28  ? 30  PRO A C   1 
ATOM   229  O O   . PRO A 1 30  ? 2.545   -11.855 -8.096  1.00 15.88  ? 30  PRO A O   1 
ATOM   230  C CB  . PRO A 1 30  ? 1.503   -13.419 -10.827 1.00 15.90  ? 30  PRO A CB  1 
ATOM   231  C CG  . PRO A 1 30  ? 1.559   -13.010 -12.250 1.00 19.73  ? 30  PRO A CG  1 
ATOM   232  C CD  . PRO A 1 30  ? 0.634   -11.819 -12.419 1.00 18.76  ? 30  PRO A CD  1 
ATOM   233  N N   . LYS A 1 31  ? 3.348   -10.973 -9.990  1.00 14.97  ? 31  LYS A N   1 
ATOM   234  C CA  . LYS A 1 31  ? 4.600   -10.628 -9.319  1.00 18.51  ? 31  LYS A CA  1 
ATOM   235  C C   . LYS A 1 31  ? 4.428   -9.494  -8.294  1.00 17.96  ? 31  LYS A C   1 
ATOM   236  O O   . LYS A 1 31  ? 4.998   -9.468  -7.190  1.00 17.28  ? 31  LYS A O   1 
ATOM   237  C CB  . LYS A 1 31  ? 5.638   -10.223 -10.359 1.00 18.03  ? 31  LYS A CB  1 
ATOM   238  C CG  . LYS A 1 31  ? 7.047   -10.158 -9.761  1.00 18.59  ? 31  LYS A CG  1 
ATOM   239  C CD  . LYS A 1 31  ? 8.026   -9.705  -10.843 1.00 22.81  ? 31  LYS A CD  1 
ATOM   240  C CE  . LYS A 1 31  ? 9.393   -9.471  -10.226 1.00 23.86  ? 31  LYS A CE  1 
ATOM   241  N NZ  . LYS A 1 31  ? 10.436  -9.277  -11.278 1.00 25.85  ? 31  LYS A NZ  1 
ATOM   242  N N   . THR A 1 32  ? 3.576   -8.570  -8.741  1.00 16.10  ? 32  THR A N   1 
ATOM   243  C CA  . THR A 1 32  ? 3.274   -7.375  -7.945  1.00 16.38  ? 32  THR A CA  1 
ATOM   244  C C   . THR A 1 32  ? 2.379   -7.759  -6.781  1.00 14.16  ? 32  THR A C   1 
ATOM   245  O O   . THR A 1 32  ? 2.696   -7.377  -5.645  1.00 13.53  ? 32  THR A O   1 
ATOM   246  C CB  . THR A 1 32  ? 2.559   -6.311  -8.796  1.00 14.77  ? 32  THR A CB  1 
ATOM   247  O OG1 . THR A 1 32  ? 3.329   -5.994  -9.964  1.00 19.14  ? 32  THR A OG1 1 
ATOM   248  C CG2 . THR A 1 32  ? 2.422   -5.014  -7.988  1.00 12.18  ? 32  THR A CG2 1 
ATOM   249  N N   . ALA A 1 33  ? 1.307   -8.506  -7.061  1.00 15.01  ? 33  ALA A N   1 
ATOM   250  C CA  . ALA A 1 33  ? 0.491   -9.081  -5.992  1.00 13.67  ? 33  ALA A CA  1 
ATOM   251  C C   . ALA A 1 33  ? 1.304   -9.918  -5.015  1.00 16.47  ? 33  ALA A C   1 
ATOM   252  O O   . ALA A 1 33  ? 1.147   -9.834  -3.791  1.00 15.99  ? 33  ALA A O   1 
ATOM   253  C CB  . ALA A 1 33  ? -0.621  -9.941  -6.580  1.00 16.38  ? 33  ALA A CB  1 
ATOM   254  N N   . GLY A 1 34  ? 2.210   -10.752 -5.533  1.00 14.02  ? 34  GLY A N   1 
ATOM   255  C CA  . GLY A 1 34  ? 3.023   -11.610 -4.678  1.00 13.27  ? 34  GLY A CA  1 
ATOM   256  C C   . GLY A 1 34  ? 3.925   -10.851 -3.730  1.00 15.22  ? 34  GLY A C   1 
ATOM   257  O O   . GLY A 1 34  ? 4.065   -11.212 -2.545  1.00 15.12  ? 34  GLY A O   1 
ATOM   258  N N   . ASN A 1 35  ? 4.524   -9.778  -4.237  1.00 15.63  ? 35  ASN A N   1 
ATOM   259  C CA  . ASN A 1 35  ? 5.347   -8.876  -3.412  1.00 12.74  ? 35  ASN A CA  1 
ATOM   260  C C   . ASN A 1 35  ? 4.515   -8.366  -2.240  1.00 17.28  ? 35  ASN A C   1 
ATOM   261  O O   . ASN A 1 35  ? 4.860   -8.527  -1.058  1.00 14.08  ? 35  ASN A O   1 
ATOM   262  C CB  . ASN A 1 35  ? 5.908   -7.736  -4.236  1.00 14.89  ? 35  ASN A CB  1 
ATOM   263  C CG  . ASN A 1 35  ? 6.823   -6.792  -3.466  1.00 17.68  ? 35  ASN A CG  1 
ATOM   264  O OD1 . ASN A 1 35  ? 7.822   -7.179  -2.833  1.00 16.97  ? 35  ASN A OD1 1 
ATOM   265  N ND2 . ASN A 1 35  ? 6.438   -5.514  -3.540  1.00 14.96  ? 35  ASN A ND2 1 
ATOM   266  N N   . PHE A 1 36  ? 3.385   -7.735  -2.585  1.00 16.39  ? 36  PHE A N   1 
ATOM   267  C CA  . PHE A 1 36  ? 2.553   -7.174  -1.506  1.00 16.58  ? 36  PHE A CA  1 
ATOM   268  C C   . PHE A 1 36  ? 2.075   -8.230  -0.527  1.00 14.12  ? 36  PHE A C   1 
ATOM   269  O O   . PHE A 1 36  ? 2.085   -7.991  0.700   1.00 13.20  ? 36  PHE A O   1 
ATOM   270  C CB  . PHE A 1 36  ? 1.373   -6.451  -2.169  1.00 13.92  ? 36  PHE A CB  1 
ATOM   271  C CG  . PHE A 1 36  ? 0.589   -5.532  -1.233  1.00 12.68  ? 36  PHE A CG  1 
ATOM   272  C CD1 . PHE A 1 36  ? 1.018   -4.227  -1.063  1.00 12.94  ? 36  PHE A CD1 1 
ATOM   273  C CD2 . PHE A 1 36  ? -0.539  -6.029  -0.591  1.00 14.34  ? 36  PHE A CD2 1 
ATOM   274  C CE1 . PHE A 1 36  ? 0.273   -3.378  -0.232  1.00 14.39  ? 36  PHE A CE1 1 
ATOM   275  C CE2 . PHE A 1 36  ? -1.302  -5.192  0.213   1.00 16.60  ? 36  PHE A CE2 1 
ATOM   276  C CZ  . PHE A 1 36  ? -0.894  -3.868  0.361   1.00 11.89  ? 36  PHE A CZ  1 
ATOM   277  N N   . ARG A 1 37  ? 1.658   -9.397  -1.022  1.00 13.67  ? 37  ARG A N   1 
ATOM   278  C CA  . ARG A 1 37  ? 1.191   -10.464 -0.145  1.00 15.71  ? 37  ARG A CA  1 
ATOM   279  C C   . ARG A 1 37  ? 2.265   -10.857 0.864   1.00 16.10  ? 37  ARG A C   1 
ATOM   280  O O   . ARG A 1 37  ? 2.048   -10.938 2.074   1.00 12.14  ? 37  ARG A O   1 
ATOM   281  C CB  . ARG A 1 37  ? 0.771   -11.697 -0.963  1.00 12.99  ? 37  ARG A CB  1 
ATOM   282  C CG  . ARG A 1 37  ? 0.147   -12.799 -0.107  1.00 16.11  ? 37  ARG A CG  1 
ATOM   283  C CD  . ARG A 1 37  ? 0.167   -14.152 -0.830  1.00 20.30  ? 37  ARG A CD  1 
ATOM   284  N NE  . ARG A 1 37  ? 1.561   -14.501 -1.151  1.00 19.24  ? 37  ARG A NE  1 
ATOM   285  C CZ  . ARG A 1 37  ? 2.359   -14.998 -0.210  1.00 20.00  ? 37  ARG A CZ  1 
ATOM   286  N NH1 . ARG A 1 37  ? 1.908   -15.187 1.016   1.00 18.71  ? 37  ARG A NH1 1 
ATOM   287  N NH2 . ARG A 1 37  ? 3.616   -15.299 -0.501  1.00 18.08  ? 37  ARG A NH2 1 
ATOM   288  N N   . ALA A 1 38  ? 3.475   -11.114 0.360   1.00 12.29  ? 38  ALA A N   1 
ATOM   289  C CA  . ALA A 1 38  ? 4.570   -11.471 1.264   1.00 14.85  ? 38  ALA A CA  1 
ATOM   290  C C   . ALA A 1 38  ? 4.957   -10.373 2.260   1.00 11.87  ? 38  ALA A C   1 
ATOM   291  O O   . ALA A 1 38  ? 5.486   -10.637 3.338   1.00 12.66  ? 38  ALA A O   1 
ATOM   292  C CB  . ALA A 1 38  ? 5.772   -11.826 0.393   1.00 13.36  ? 38  ALA A CB  1 
ATOM   293  N N   . LEU A 1 39  ? 4.743   -9.113  1.902   1.00 12.53  ? 39  LEU A N   1 
ATOM   294  C CA  . LEU A 1 39  ? 5.028   -7.960  2.760   1.00 13.01  ? 39  LEU A CA  1 
ATOM   295  C C   . LEU A 1 39  ? 3.943   -7.862  3.846   1.00 12.75  ? 39  LEU A C   1 
ATOM   296  O O   . LEU A 1 39  ? 4.236   -7.343  4.955   1.00 13.16  ? 39  LEU A O   1 
ATOM   297  C CB  . LEU A 1 39  ? 5.151   -6.691  1.925   1.00 11.74  ? 39  LEU A CB  1 
ATOM   298  C CG  . LEU A 1 39  ? 6.451   -6.563  1.100   1.00 10.78  ? 39  LEU A CG  1 
ATOM   299  C CD1 . LEU A 1 39  ? 6.386   -5.340  0.208   1.00 12.88  ? 39  LEU A CD1 1 
ATOM   300  C CD2 . LEU A 1 39  ? 7.677   -6.528  2.010   1.00 14.26  ? 39  LEU A CD2 1 
ATOM   301  N N   . CYS A 1 40  ? 2.750   -8.372  3.558   1.00 11.98  ? 40  CYS A N   1 
ATOM   302  C CA  . CYS A 1 40  ? 1.726   -8.451  4.608   1.00 13.84  ? 40  CYS A CA  1 
ATOM   303  C C   . CYS A 1 40  ? 2.000   -9.582  5.591   1.00 12.59  ? 40  CYS A C   1 
ATOM   304  O O   . CYS A 1 40  ? 1.802   -9.487  6.811   1.00 14.16  ? 40  CYS A O   1 
ATOM   305  C CB  . CYS A 1 40  ? 0.304   -8.644  4.051   1.00 11.67  ? 40  CYS A CB  1 
ATOM   306  S SG  . CYS A 1 40  ? -0.297  -7.220  3.091   1.00 16.37  ? 40  CYS A SG  1 
ATOM   307  N N   . THR A 1 41  ? 2.464   -10.739 5.120   1.00 12.03  ? 41  THR A N   1 
ATOM   308  C CA  . THR A 1 41  ? 2.770   -11.832 6.032   1.00 12.08  ? 41  THR A CA  1 
ATOM   309  C C   . THR A 1 41  ? 4.130   -11.712 6.742   1.00 12.50  ? 41  THR A C   1 
ATOM   310  O O   . THR A 1 41  ? 4.300   -12.236 7.845   1.00 14.10  ? 41  THR A O   1 
ATOM   311  C CB  . THR A 1 41  ? 2.760   -13.200 5.308   1.00 16.87  ? 41  THR A CB  1 
ATOM   312  O OG1 . THR A 1 41  ? 3.861   -13.209 4.383   1.00 15.86  ? 41  THR A OG1 1 
ATOM   313  C CG2 . THR A 1 41  ? 1.485   -13.397 4.503   1.00 18.74  ? 41  THR A CG2 1 
ATOM   314  N N   . GLY A 1 42  ? 5.093   -11.011 6.123   1.00 13.27  ? 42  GLY A N   1 
ATOM   315  C CA  . GLY A 1 42  ? 6.430   -10.856 6.652   1.00 13.75  ? 42  GLY A CA  1 
ATOM   316  C C   . GLY A 1 42  ? 7.268   -12.115 6.432   1.00 15.41  ? 42  GLY A C   1 
ATOM   317  O O   . GLY A 1 42  ? 8.308   -12.196 7.071   1.00 14.58  ? 42  GLY A O   1 
ATOM   318  N N   . GLU A 1 43  ? 6.819   -13.012 5.569   1.00 14.00  ? 43  GLU A N   1 
ATOM   319  C CA  . GLU A 1 43  ? 7.417   -14.343 5.487   1.00 12.23  ? 43  GLU A CA  1 
ATOM   320  C C   . GLU A 1 43  ? 8.832   -14.306 4.924   1.00 16.63  ? 43  GLU A C   1 
ATOM   321  O O   . GLU A 1 43  ? 9.539   -15.308 5.167   1.00 14.87  ? 43  GLU A O   1 
ATOM   322  C CB  . GLU A 1 43  ? 6.519   -15.266 4.641   1.00 13.08  ? 43  GLU A CB  1 
ATOM   323  C CG  . GLU A 1 43  ? 6.493   -14.853 3.168   1.00 16.26  ? 43  GLU A CG  1 
ATOM   324  C CD  . GLU A 1 43  ? 5.354   -15.523 2.423   1.00 19.93  ? 43  GLU A CD  1 
ATOM   325  O OE1 . GLU A 1 43  ? 4.179   -15.441 2.858   1.00 16.09  ? 43  GLU A OE1 1 
ATOM   326  O OE2 . GLU A 1 43  ? 5.595   -16.157 1.374   1.00 19.86  ? 43  GLU A OE2 1 
ATOM   327  N N   . ASN A 1 44  ? 9.272   -13.258 4.247   1.00 14.98  ? 44  ASN A N   1 
ATOM   328  C CA  . ASN A 1 44  ? 10.675  -13.246 3.791   1.00 11.89  ? 44  ASN A CA  1 
ATOM   329  C C   . ASN A 1 44  ? 11.626  -12.590 4.764   1.00 14.06  ? 44  ASN A C   1 
ATOM   330  O O   . ASN A 1 44  ? 12.778  -12.263 4.473   1.00 15.51  ? 44  ASN A O   1 
ATOM   331  C CB  . ASN A 1 44  ? 10.775  -12.605 2.402   1.00 14.67  ? 44  ASN A CB  1 
ATOM   332  C CG  . ASN A 1 44  ? 10.300  -13.551 1.312   1.00 21.23  ? 44  ASN A CG  1 
ATOM   333  O OD1 . ASN A 1 44  ? 9.289   -13.285 0.656   1.00 20.17  ? 44  ASN A OD1 1 
ATOM   334  N ND2 . ASN A 1 44  ? 10.999  -14.666 1.121   1.00 17.84  ? 44  ASN A ND2 1 
ATOM   335  N N   . GLY A 1 45  ? 11.204  -12.400 6.025   1.00 16.60  ? 45  GLY A N   1 
ATOM   336  C CA  . GLY A 1 45  ? 12.175  -12.053 7.037   1.00 16.08  ? 45  GLY A CA  1 
ATOM   337  C C   . GLY A 1 45  ? 12.819  -10.693 6.900   1.00 17.02  ? 45  GLY A C   1 
ATOM   338  O O   . GLY A 1 45  ? 12.168  -9.681  6.589   1.00 17.02  ? 45  GLY A O   1 
ATOM   339  N N   . ILE A 1 46  ? 14.129  -10.664 7.135   1.00 14.42  ? 46  ILE A N   1 
ATOM   340  C CA  . ILE A 1 46  ? 14.883  -9.411  7.129   1.00 16.91  ? 46  ILE A CA  1 
ATOM   341  C C   . ILE A 1 46  ? 15.384  -9.038  5.733   1.00 15.45  ? 46  ILE A C   1 
ATOM   342  O O   . ILE A 1 46  ? 15.916  -9.951  5.086   1.00 19.25  ? 46  ILE A O   1 
ATOM   343  C CB  . ILE A 1 46  ? 16.105  -9.570  8.068   1.00 16.49  ? 46  ILE A CB  1 
ATOM   344  C CG1 . ILE A 1 46  ? 15.702  -9.763  9.533   1.00 16.94  ? 46  ILE A CG1 1 
ATOM   345  C CG2 . ILE A 1 46  ? 17.046  -8.392  7.881   1.00 21.71  ? 46  ILE A CG2 1 
ATOM   346  C CD1 . ILE A 1 46  ? 14.804  -8.647  10.041  1.00 17.23  ? 46  ILE A CD1 1 
ATOM   347  N N   . GLY A 1 47  ? 15.212  -7.801  5.306   1.00 15.90  ? 47  GLY A N   1 
ATOM   348  C CA  . GLY A 1 47  ? 15.588  -7.385  3.951   1.00 20.01  ? 47  GLY A CA  1 
ATOM   349  C C   . GLY A 1 47  ? 17.034  -6.925  3.891   1.00 18.55  ? 47  GLY A C   1 
ATOM   350  O O   . GLY A 1 47  ? 17.763  -6.955  4.882   1.00 18.86  ? 47  GLY A O   1 
ATOM   351  N N   . LYS A 1 48  ? 17.446  -6.495  2.699   1.00 20.54  ? 48  LYS A N   1 
ATOM   352  C CA  . LYS A 1 48  ? 18.771  -5.933  2.500   1.00 21.25  ? 48  LYS A CA  1 
ATOM   353  C C   . LYS A 1 48  ? 19.020  -4.728  3.391   1.00 24.54  ? 48  LYS A C   1 
ATOM   354  O O   . LYS A 1 48  ? 20.148  -4.408  3.775   1.00 22.26  ? 48  LYS A O   1 
ATOM   355  C CB  . LYS A 1 48  ? 18.933  -5.555  1.015   1.00 22.98  ? 48  LYS A CB  1 
ATOM   356  C CG  . LYS A 1 48  ? 19.006  -6.793  0.117   1.00 29.30  ? 48  LYS A CG  1 
ATOM   357  C CD  . LYS A 1 48  ? 19.932  -7.806  0.777   1.00 50.06  ? 48  LYS A CD  1 
ATOM   358  C CE  . LYS A 1 48  ? 20.192  -9.043  -0.065  1.00 46.97  ? 48  LYS A CE  1 
ATOM   359  N NZ  . LYS A 1 48  ? 21.635  -9.405  -0.050  1.00 26.42  ? 48  LYS A NZ  1 
ATOM   360  N N   . SER A 1 49  ? 17.931  -4.039  3.701   1.00 20.83  ? 49  SER A N   1 
ATOM   361  C CA  . SER A 1 49  ? 17.936  -2.855  4.536   1.00 22.50  ? 49  SER A CA  1 
ATOM   362  C C   . SER A 1 49  ? 18.337  -3.177  5.964   1.00 20.48  ? 49  SER A C   1 
ATOM   363  O O   . SER A 1 49  ? 18.705  -2.267  6.704   1.00 27.37  ? 49  SER A O   1 
ATOM   364  C CB  . SER A 1 49  ? 16.529  -2.238  4.535   1.00 26.68  ? 49  SER A CB  1 
ATOM   365  O OG  . SER A 1 49  ? 15.647  -3.152  5.192   1.00 28.26  ? 49  SER A OG  1 
ATOM   366  N N   . GLY A 1 50  ? 18.247  -4.448  6.317   1.00 22.97  ? 50  GLY A N   1 
ATOM   367  C CA  . GLY A 1 50  ? 18.468  -4.907  7.685   1.00 21.28  ? 50  GLY A CA  1 
ATOM   368  C C   . GLY A 1 50  ? 17.190  -4.795  8.516   1.00 27.48  ? 50  GLY A C   1 
ATOM   369  O O   . GLY A 1 50  ? 17.202  -5.116  9.705   1.00 25.97  ? 50  GLY A O   1 
ATOM   370  N N   . LYS A 1 51  ? 16.104  -4.357  7.889   1.00 26.09  ? 51  LYS A N   1 
ATOM   371  C CA  . LYS A 1 51  ? 14.791  -4.270  8.535   1.00 22.74  ? 51  LYS A CA  1 
ATOM   372  C C   . LYS A 1 51  ? 13.839  -5.327  8.025   1.00 20.94  ? 51  LYS A C   1 
ATOM   373  O O   . LYS A 1 51  ? 13.984  -5.866  6.915   1.00 17.93  ? 51  LYS A O   1 
ATOM   374  C CB  . LYS A 1 51  ? 14.211  -2.866  8.323   1.00 23.68  ? 51  LYS A CB  1 
ATOM   375  C CG  . LYS A 1 51  ? 15.056  -1.845  9.092   1.00 35.38  ? 51  LYS A CG  1 
ATOM   376  C CD  . LYS A 1 51  ? 14.301  -0.577  9.421   1.00 38.45  ? 51  LYS A CD  1 
ATOM   377  C CE  . LYS A 1 51  ? 15.220  0.500   9.989   1.00 42.13  ? 51  LYS A CE  1 
ATOM   378  N NZ  . LYS A 1 51  ? 15.504  0.267   11.441  1.00 76.71  ? 51  LYS A NZ  1 
ATOM   379  N N   . PRO A 1 52  ? 12.818  -5.690  8.813   1.00 17.27  ? 52  PRO A N   1 
ATOM   380  C CA  . PRO A 1 52  ? 11.840  -6.655  8.324   1.00 13.97  ? 52  PRO A CA  1 
ATOM   381  C C   . PRO A 1 52  ? 11.138  -6.203  7.057   1.00 10.29  ? 52  PRO A C   1 
ATOM   382  O O   . PRO A 1 52  ? 10.708  -5.078  6.858   1.00 15.18  ? 52  PRO A O   1 
ATOM   383  C CB  . PRO A 1 52  ? 10.824  -6.748  9.489   1.00 17.32  ? 52  PRO A CB  1 
ATOM   384  C CG  . PRO A 1 52  ? 11.655  -6.393  10.689  1.00 19.22  ? 52  PRO A CG  1 
ATOM   385  C CD  . PRO A 1 52  ? 12.546  -5.275  10.202  1.00 19.21  ? 52  PRO A CD  1 
ATOM   386  N N   . LEU A 1 53  ? 10.974  -7.185  6.162   1.00 14.76  ? 53  LEU A N   1 
ATOM   387  C CA  . LEU A 1 53  ? 10.149  -7.051  4.972   1.00 13.95  ? 53  LEU A CA  1 
ATOM   388  C C   . LEU A 1 53  ? 8.695   -7.309  5.374   1.00 12.64  ? 53  LEU A C   1 
ATOM   389  O O   . LEU A 1 53  ? 8.125   -8.374  5.125   1.00 15.17  ? 53  LEU A O   1 
ATOM   390  C CB  . LEU A 1 53  ? 10.607  -8.059  3.927   1.00 16.43  ? 53  LEU A CB  1 
ATOM   391  C CG  . LEU A 1 53  ? 11.984  -7.729  3.312   1.00 17.25  ? 53  LEU A CG  1 
ATOM   392  C CD1 . LEU A 1 53  ? 12.403  -8.950  2.504   1.00 17.67  ? 53  LEU A CD1 1 
ATOM   393  C CD2 . LEU A 1 53  ? 11.968  -6.474  2.452   1.00 15.25  ? 53  LEU A CD2 1 
ATOM   394  N N   . HIS A 1 54  ? 8.154   -6.261  6.019   1.00 13.33  ? 54  HIS A N   1 
ATOM   395  C CA  . HIS A 1 54  ? 6.875   -6.422  6.709   1.00 13.88  ? 54  HIS A CA  1 
ATOM   396  C C   . HIS A 1 54  ? 6.211   -5.064  6.927   1.00 12.80  ? 54  HIS A C   1 
ATOM   397  O O   . HIS A 1 54  ? 6.867   -4.145  7.412   1.00 16.61  ? 54  HIS A O   1 
ATOM   398  C CB  . HIS A 1 54  ? 7.097   -7.077  8.072   1.00 11.94  ? 54  HIS A CB  1 
ATOM   399  C CG  . HIS A 1 54  ? 5.886   -7.789  8.602   1.00 12.98  ? 54  HIS A CG  1 
ATOM   400  N ND1 . HIS A 1 54  ? 5.858   -8.239  9.917   1.00 16.27  ? 54  HIS A ND1 1 
ATOM   401  C CD2 . HIS A 1 54  ? 4.712   -8.127  8.023   1.00 14.48  ? 54  HIS A CD2 1 
ATOM   402  C CE1 . HIS A 1 54  ? 4.674   -8.836  10.110  1.00 17.76  ? 54  HIS A CE1 1 
ATOM   403  N NE2 . HIS A 1 54  ? 3.963   -8.788  8.988   1.00 16.18  ? 54  HIS A NE2 1 
ATOM   404  N N   . PHE A 1 55  ? 4.921   -4.969  6.571   1.00 13.47  ? 55  PHE A N   1 
ATOM   405  C CA  . PHE A 1 55  ? 4.231   -3.689  6.757   1.00 13.57  ? 55  PHE A CA  1 
ATOM   406  C C   . PHE A 1 55  ? 3.849   -3.470  8.227   1.00 14.70  ? 55  PHE A C   1 
ATOM   407  O O   . PHE A 1 55  ? 3.562   -2.338  8.597   1.00 13.18  ? 55  PHE A O   1 
ATOM   408  C CB  . PHE A 1 55  ? 2.956   -3.660  5.919   1.00 12.31  ? 55  PHE A CB  1 
ATOM   409  C CG  . PHE A 1 55  ? 3.110   -3.610  4.404   1.00 10.12  ? 55  PHE A CG  1 
ATOM   410  C CD1 . PHE A 1 55  ? 3.974   -2.663  3.834   1.00 12.65  ? 55  PHE A CD1 1 
ATOM   411  C CD2 . PHE A 1 55  ? 2.414   -4.478  3.592   1.00 12.34  ? 55  PHE A CD2 1 
ATOM   412  C CE1 . PHE A 1 55  ? 4.110   -2.605  2.442   1.00 12.87  ? 55  PHE A CE1 1 
ATOM   413  C CE2 . PHE A 1 55  ? 2.552   -4.428  2.205   1.00 9.79   ? 55  PHE A CE2 1 
ATOM   414  C CZ  . PHE A 1 55  ? 3.416   -3.504  1.651   1.00 10.16  ? 55  PHE A CZ  1 
ATOM   415  N N   . LYS A 1 56  ? 3.865   -4.516  9.037   1.00 13.59  ? 56  LYS A N   1 
ATOM   416  C CA  . LYS A 1 56  ? 3.489   -4.384  10.454  1.00 15.63  ? 56  LYS A CA  1 
ATOM   417  C C   . LYS A 1 56  ? 4.346   -3.353  11.176  1.00 14.67  ? 56  LYS A C   1 
ATOM   418  O O   . LYS A 1 56  ? 5.587   -3.340  11.153  1.00 15.91  ? 56  LYS A O   1 
ATOM   419  C CB  . LYS A 1 56  ? 3.570   -5.731  11.165  1.00 15.68  ? 56  LYS A CB  1 
ATOM   420  C CG  . LYS A 1 56  ? 3.050   -5.703  12.604  1.00 14.28  ? 56  LYS A CG  1 
ATOM   421  C CD  . LYS A 1 56  ? 2.910   -7.125  13.135  1.00 18.59  ? 56  LYS A CD  1 
ATOM   422  C CE  . LYS A 1 56  ? 2.350   -7.100  14.564  1.00 23.31  ? 56  LYS A CE  1 
ATOM   423  N NZ  . LYS A 1 56  ? 1.937   -8.486  14.959  1.00 33.85  ? 56  LYS A NZ  1 
ATOM   424  N N   . GLY A 1 57  ? 3.705   -2.413  11.858  1.00 13.27  ? 57  GLY A N   1 
ATOM   425  C CA  . GLY A 1 57  ? 4.303   -1.302  12.547  1.00 13.45  ? 57  GLY A CA  1 
ATOM   426  C C   . GLY A 1 57  ? 4.683   -0.129  11.654  1.00 17.22  ? 57  GLY A C   1 
ATOM   427  O O   . GLY A 1 57  ? 5.217   0.861   12.187  1.00 20.03  ? 57  GLY A O   1 
ATOM   428  N N   . SER A 1 58  ? 4.467   -0.185  10.334  1.00 12.77  ? 58  SER A N   1 
ATOM   429  C CA  . SER A 1 58  ? 4.778   0.966   9.496   1.00 13.34  ? 58  SER A CA  1 
ATOM   430  C C   . SER A 1 58  ? 3.577   1.937   9.478   1.00 15.00  ? 58  SER A C   1 
ATOM   431  O O   . SER A 1 58  ? 2.493   1.565   9.920   1.00 14.83  ? 58  SER A O   1 
ATOM   432  C CB  . SER A 1 58  ? 5.155   0.585   8.054   1.00 11.68  ? 58  SER A CB  1 
ATOM   433  O OG  . SER A 1 58  ? 4.083   -0.046  7.381   1.00 14.74  ? 58  SER A OG  1 
ATOM   434  N N   . LYS A 1 59  ? 3.819   3.139   8.983   1.00 15.67  ? 59  LYS A N   1 
ATOM   435  C CA  . LYS A 1 59  ? 2.820   4.196   8.941   1.00 11.24  ? 59  LYS A CA  1 
ATOM   436  C C   . LYS A 1 59  ? 2.387   4.593   7.549   1.00 16.52  ? 59  LYS A C   1 
ATOM   437  O O   . LYS A 1 59  ? 3.061   4.358   6.542   1.00 15.50  ? 59  LYS A O   1 
ATOM   438  C CB  . LYS A 1 59  ? 3.406   5.446   9.619   1.00 17.41  ? 59  LYS A CB  1 
ATOM   439  C CG  . LYS A 1 59  ? 4.326   5.122   10.782  1.00 44.02  ? 59  LYS A CG  1 
ATOM   440  C CD  . LYS A 1 59  ? 4.656   6.343   11.631  1.00 47.41  ? 59  LYS A CD  1 
ATOM   441  C CE  . LYS A 1 59  ? 5.529   5.961   12.823  1.00 41.46  ? 59  LYS A CE  1 
ATOM   442  N NZ  . LYS A 1 59  ? 6.698   6.898   12.946  1.00 79.08  ? 59  LYS A NZ  1 
ATOM   443  N N   . PHE A 1 60  ? 1.231   5.265   7.454   1.00 12.19  ? 60  PHE A N   1 
ATOM   444  C CA  . PHE A 1 60  ? 0.902   5.921   6.188   1.00 12.95  ? 60  PHE A CA  1 
ATOM   445  C C   . PHE A 1 60  ? 1.622   7.265   6.189   1.00 20.10  ? 60  PHE A C   1 
ATOM   446  O O   . PHE A 1 60  ? 1.193   8.210   6.881   1.00 16.68  ? 60  PHE A O   1 
ATOM   447  C CB  . PHE A 1 60  ? -0.611  6.118   5.989   1.00 12.06  ? 60  PHE A CB  1 
ATOM   448  C CG  . PHE A 1 60  ? -1.271  4.801   5.651   1.00 12.70  ? 60  PHE A CG  1 
ATOM   449  C CD1 . PHE A 1 60  ? -1.422  4.416   4.328   1.00 14.63  ? 60  PHE A CD1 1 
ATOM   450  C CD2 . PHE A 1 60  ? -1.711  3.983   6.697   1.00 14.79  ? 60  PHE A CD2 1 
ATOM   451  C CE1 . PHE A 1 60  ? -2.004  3.176   4.094   1.00 16.29  ? 60  PHE A CE1 1 
ATOM   452  C CE2 . PHE A 1 60  ? -2.292  2.756   6.421   1.00 15.22  ? 60  PHE A CE2 1 
ATOM   453  C CZ  . PHE A 1 60  ? -2.459  2.366   5.120   1.00 14.05  ? 60  PHE A CZ  1 
ATOM   454  N N   . HIS A 1 61  ? 2.745   7.396   5.482   1.00 15.59  ? 61  HIS A N   1 
ATOM   455  C CA  . HIS A 1 61  ? 3.593   8.563   5.657   1.00 16.78  ? 61  HIS A CA  1 
ATOM   456  C C   . HIS A 1 61  ? 3.143   9.780   4.848   1.00 16.65  ? 61  HIS A C   1 
ATOM   457  O O   . HIS A 1 61  ? 3.602   10.894  5.089   1.00 16.12  ? 61  HIS A O   1 
ATOM   458  C CB  . HIS A 1 61  ? 5.072   8.269   5.286   1.00 15.27  ? 61  HIS A CB  1 
ATOM   459  C CG  . HIS A 1 61  ? 5.160   7.840   3.847   1.00 15.82  ? 61  HIS A CG  1 
ATOM   460  N ND1 . HIS A 1 61  ? 4.951   6.550   3.449   1.00 16.91  ? 61  HIS A ND1 1 
ATOM   461  C CD2 . HIS A 1 61  ? 5.417   8.539   2.721   1.00 18.00  ? 61  HIS A CD2 1 
ATOM   462  C CE1 . HIS A 1 61  ? 5.079   6.445   2.135   1.00 23.96  ? 61  HIS A CE1 1 
ATOM   463  N NE2 . HIS A 1 61  ? 5.360   7.657   1.667   1.00 24.00  ? 61  HIS A NE2 1 
ATOM   464  N N   . ARG A 1 62  ? 2.263   9.576   3.883   1.00 13.75  ? 62  ARG A N   1 
ATOM   465  C CA  . ARG A 1 62  ? 1.846   10.621  2.955   1.00 14.88  ? 62  ARG A CA  1 
ATOM   466  C C   . ARG A 1 62  ? 0.353   10.447  2.737   1.00 17.29  ? 62  ARG A C   1 
ATOM   467  O O   . ARG A 1 62  ? -0.064  9.390   2.244   1.00 15.80  ? 62  ARG A O   1 
ATOM   468  C CB  A ARG A 1 62  ? 2.607   10.534  1.647   0.77 18.00  ? 62  ARG A CB  1 
ATOM   469  C CB  B ARG A 1 62  ? 2.611   10.528  1.639   0.23 18.00  ? 62  ARG A CB  1 
ATOM   470  C CG  A ARG A 1 62  ? 2.140   11.474  0.558   0.77 18.00  ? 62  ARG A CG  1 
ATOM   471  C CG  B ARG A 1 62  ? 2.168   11.465  0.520   0.23 18.00  ? 62  ARG A CG  1 
ATOM   472  C CD  A ARG A 1 62  ? 3.186   11.495  -0.556  0.77 18.00  ? 62  ARG A CD  1 
ATOM   473  C CD  B ARG A 1 62  ? 3.126   11.311  -0.690  0.23 18.00  ? 62  ARG A CD  1 
ATOM   474  N NE  A ARG A 1 62  ? 2.699   12.187  -1.737  0.77 18.00  ? 62  ARG A NE  1 
ATOM   475  N NE  B ARG A 1 62  ? 2.845   12.296  -1.724  0.23 18.00  ? 62  ARG A NE  1 
ATOM   476  C CZ  A ARG A 1 62  ? 2.731   13.502  -1.913  0.77 18.00  ? 62  ARG A CZ  1 
ATOM   477  C CZ  B ARG A 1 62  ? 2.561   12.064  -3.008  0.23 18.00  ? 62  ARG A CZ  1 
ATOM   478  N NH1 A ARG A 1 62  ? 3.228   14.311  -0.970  0.77 18.00  ? 62  ARG A NH1 1 
ATOM   479  N NH1 B ARG A 1 62  ? 2.503   10.823  -3.548  0.23 18.00  ? 62  ARG A NH1 1 
ATOM   480  N NH2 A ARG A 1 62  ? 2.256   14.005  -3.045  0.77 18.00  ? 62  ARG A NH2 1 
ATOM   481  N NH2 B ARG A 1 62  ? 2.344   13.132  -3.781  0.23 18.00  ? 62  ARG A NH2 1 
ATOM   482  N N   . ILE A 1 63  ? -0.436  11.438  3.118   1.00 12.89  ? 63  ILE A N   1 
ATOM   483  C CA  . ILE A 1 63  ? -1.897  11.323  3.053   1.00 14.32  ? 63  ILE A CA  1 
ATOM   484  C C   . ILE A 1 63  ? -2.472  12.609  2.469   1.00 13.92  ? 63  ILE A C   1 
ATOM   485  O O   . ILE A 1 63  ? -2.230  13.656  3.084   1.00 15.37  ? 63  ILE A O   1 
ATOM   486  C CB  . ILE A 1 63  ? -2.483  11.074  4.447   1.00 12.00  ? 63  ILE A CB  1 
ATOM   487  C CG1 . ILE A 1 63  ? -1.881  9.854   5.158   1.00 15.92  ? 63  ILE A CG1 1 
ATOM   488  C CG2 . ILE A 1 63  ? -4.013  10.954  4.373   1.00 13.63  ? 63  ILE A CG2 1 
ATOM   489  C CD1 . ILE A 1 63  ? -2.226  9.805   6.640   1.00 15.81  ? 63  ILE A CD1 1 
ATOM   490  N N   . ILE A 1 64  ? -3.140  12.511  1.340   1.00 11.12  ? 64  ILE A N   1 
ATOM   491  C CA  . ILE A 1 64  ? -3.641  13.737  0.695   1.00 13.30  ? 64  ILE A CA  1 
ATOM   492  C C   . ILE A 1 64  ? -5.155  13.689  0.569   1.00 15.38  ? 64  ILE A C   1 
ATOM   493  O O   . ILE A 1 64  ? -5.736  12.800  -0.065  1.00 14.14  ? 64  ILE A O   1 
ATOM   494  C CB  . ILE A 1 64  ? -2.958  13.959  -0.665  1.00 16.93  ? 64  ILE A CB  1 
ATOM   495  C CG1 . ILE A 1 64  ? -1.487  14.321  -0.482  1.00 15.90  ? 64  ILE A CG1 1 
ATOM   496  C CG2 . ILE A 1 64  ? -3.729  15.009  -1.470  1.00 17.28  ? 64  ILE A CG2 1 
ATOM   497  C CD1 . ILE A 1 64  ? -0.713  14.668  -1.726  1.00 23.00  ? 64  ILE A CD1 1 
ATOM   498  N N   . PRO A 1 65  ? -5.840  14.656  1.176   1.00 14.97  ? 65  PRO A N   1 
ATOM   499  C CA  . PRO A 1 65  ? -7.303  14.618  1.105   1.00 19.44  ? 65  PRO A CA  1 
ATOM   500  C C   . PRO A 1 65  ? -7.823  14.643  -0.336  1.00 14.01  ? 65  PRO A C   1 
ATOM   501  O O   . PRO A 1 65  ? -7.301  15.312  -1.222  1.00 13.77  ? 65  PRO A O   1 
ATOM   502  C CB  . PRO A 1 65  ? -7.745  15.901  1.815   1.00 17.30  ? 65  PRO A CB  1 
ATOM   503  C CG  . PRO A 1 65  ? -6.531  16.741  1.952   1.00 21.12  ? 65  PRO A CG  1 
ATOM   504  C CD  . PRO A 1 65  ? -5.343  15.828  1.903   1.00 14.96  ? 65  PRO A CD  1 
ATOM   505  N N   . ASN A 1 66  ? -8.901  13.917  -0.590  1.00 14.95  ? 66  ASN A N   1 
ATOM   506  C CA  . ASN A 1 66  ? -9.554  13.838  -1.884  1.00 15.66  ? 66  ASN A CA  1 
ATOM   507  C C   . ASN A 1 66  ? -8.589  13.266  -2.922  1.00 16.49  ? 66  ASN A C   1 
ATOM   508  O O   . ASN A 1 66  ? -8.671  13.568  -4.097  1.00 17.46  ? 66  ASN A O   1 
ATOM   509  C CB  . ASN A 1 66  ? -10.137 15.199  -2.328  1.00 16.32  ? 66  ASN A CB  1 
ATOM   510  C CG  . ASN A 1 66  ? -10.963 15.715  -1.143  1.00 30.90  ? 66  ASN A CG  1 
ATOM   511  O OD1 . ASN A 1 66  ? -12.073 15.225  -0.899  1.00 29.92  ? 66  ASN A OD1 1 
ATOM   512  N ND2 . ASN A 1 66  ? -10.352 16.654  -0.422  1.00 22.63  ? 66  ASN A ND2 1 
ATOM   513  N N   . PHE A 1 67  ? -7.692  12.370  -2.473  1.00 18.08  ? 67  PHE A N   1 
ATOM   514  C CA  . PHE A 1 67  ? -6.746  11.764  -3.424  1.00 16.94  ? 67  PHE A CA  1 
ATOM   515  C C   . PHE A 1 67  ? -6.385  10.342  -2.990  1.00 15.65  ? 67  PHE A C   1 
ATOM   516  O O   . PHE A 1 67  ? -6.936  9.396   -3.598  1.00 17.62  ? 67  PHE A O   1 
ATOM   517  C CB  . PHE A 1 67  ? -5.482  12.588  -3.593  1.00 19.04  ? 67  PHE A CB  1 
ATOM   518  C CG  . PHE A 1 67  ? -4.483  12.179  -4.674  1.00 20.28  ? 67  PHE A CG  1 
ATOM   519  C CD1 . PHE A 1 67  ? -4.708  11.224  -5.653  1.00 23.92  ? 67  PHE A CD1 1 
ATOM   520  C CD2 . PHE A 1 67  ? -3.251  12.797  -4.699  1.00 18.15  ? 67  PHE A CD2 1 
ATOM   521  C CE1 . PHE A 1 67  ? -3.762  10.893  -6.588  1.00 22.39  ? 67  PHE A CE1 1 
ATOM   522  C CE2 . PHE A 1 67  ? -2.271  12.482  -5.630  1.00 22.53  ? 67  PHE A CE2 1 
ATOM   523  C CZ  . PHE A 1 67  ? -2.532  11.519  -6.579  1.00 20.10  ? 67  PHE A CZ  1 
ATOM   524  N N   . MET A 1 68  ? -5.468  10.200  -2.040  1.00 15.58  ? 68  MET A N   1 
ATOM   525  C CA  . MET A 1 68  ? -5.050  8.834   -1.674  1.00 17.38  ? 68  MET A CA  1 
ATOM   526  C C   . MET A 1 68  ? -4.293  8.824   -0.354  1.00 14.12  ? 68  MET A C   1 
ATOM   527  O O   . MET A 1 68  ? -3.895  9.868   0.173   1.00 15.42  ? 68  MET A O   1 
ATOM   528  C CB  . MET A 1 68  ? -4.211  8.216   -2.793  1.00 15.02  ? 68  MET A CB  1 
ATOM   529  C CG  . MET A 1 68  ? -2.959  9.003   -3.150  1.00 18.17  ? 68  MET A CG  1 
ATOM   530  S SD  . MET A 1 68  ? -1.548  8.725   -2.083  1.00 17.56  ? 68  MET A SD  1 
ATOM   531  C CE  . MET A 1 68  ? -0.902  10.380  -1.821  1.00 22.65  ? 68  MET A CE  1 
ATOM   532  N N   . ILE A 1 69  ? -4.113  7.634   0.199   1.00 14.31  ? 69  ILE A N   1 
ATOM   533  C CA  . ILE A 1 69  ? -3.321  7.425   1.401   1.00 11.49  ? 69  ILE A CA  1 
ATOM   534  C C   . ILE A 1 69  ? -2.171  6.505   0.994   1.00 15.44  ? 69  ILE A C   1 
ATOM   535  O O   . ILE A 1 69  ? -2.440  5.579   0.216   1.00 16.33  ? 69  ILE A O   1 
ATOM   536  C CB  . ILE A 1 69  ? -4.128  6.842   2.575   1.00 12.52  ? 69  ILE A CB  1 
ATOM   537  C CG1 . ILE A 1 69  ? -4.572  5.385   2.440   1.00 16.09  ? 69  ILE A CG1 1 
ATOM   538  C CG2 . ILE A 1 69  ? -5.349  7.740   2.805   1.00 16.33  ? 69  ILE A CG2 1 
ATOM   539  C CD1 . ILE A 1 69  ? -5.289  4.839   3.674   1.00 13.92  ? 69  ILE A CD1 1 
ATOM   540  N N   . GLN A 1 70  ? -0.988  6.817   1.482   1.00 13.07  ? 70  GLN A N   1 
ATOM   541  C CA  . GLN A 1 70  ? 0.204   6.117   0.970   1.00 14.63  ? 70  GLN A CA  1 
ATOM   542  C C   . GLN A 1 70  ? 1.107   5.629   2.078   1.00 14.62  ? 70  GLN A C   1 
ATOM   543  O O   . GLN A 1 70  ? 1.390   6.322   3.048   1.00 14.83  ? 70  GLN A O   1 
ATOM   544  C CB  . GLN A 1 70  ? 0.936   7.090   0.035   1.00 14.59  ? 70  GLN A CB  1 
ATOM   545  C CG  . GLN A 1 70  ? 2.184   6.502   -0.618  1.00 15.50  ? 70  GLN A CG  1 
ATOM   546  C CD  . GLN A 1 70  ? 2.796   7.490   -1.617  1.00 21.55  ? 70  GLN A CD  1 
ATOM   547  O OE1 . GLN A 1 70  ? 3.999   7.750   -1.541  1.00 21.99  ? 70  GLN A OE1 1 
ATOM   548  N NE2 . GLN A 1 70  ? 1.982   8.028   -2.513  1.00 17.29  ? 70  GLN A NE2 1 
ATOM   549  N N   . GLY A 1 71  ? 1.599   4.392   1.952   1.00 12.71  ? 71  GLY A N   1 
ATOM   550  C CA  . GLY A 1 71  ? 2.459   3.861   3.010   1.00 14.96  ? 71  GLY A CA  1 
ATOM   551  C C   . GLY A 1 71  ? 3.466   2.884   2.408   1.00 13.69  ? 71  GLY A C   1 
ATOM   552  O O   . GLY A 1 71  ? 3.754   2.988   1.206   1.00 13.41  ? 71  GLY A O   1 
ATOM   553  N N   . GLY A 1 72  ? 3.938   1.996   3.251   1.00 14.48  ? 72  GLY A N   1 
ATOM   554  C CA  . GLY A 1 72  ? 4.865   0.942   2.842   1.00 15.45  ? 72  GLY A CA  1 
ATOM   555  C C   . GLY A 1 72  ? 6.330   1.319   2.962   1.00 18.82  ? 72  GLY A C   1 
ATOM   556  O O   . GLY A 1 72  ? 7.169   0.479   2.573   1.00 16.42  ? 72  GLY A O   1 
ATOM   557  N N   . ASP A 1 73  ? 6.672   2.493   3.485   1.00 15.51  ? 73  ASP A N   1 
ATOM   558  C CA  . ASP A 1 73  ? 8.091   2.825   3.696   1.00 13.92  ? 73  ASP A CA  1 
ATOM   559  C C   . ASP A 1 73  ? 8.478   2.344   5.088   1.00 15.86  ? 73  ASP A C   1 
ATOM   560  O O   . ASP A 1 73  ? 8.558   3.091   6.076   1.00 18.32  ? 73  ASP A O   1 
ATOM   561  C CB  . ASP A 1 73  ? 8.380   4.315   3.483   1.00 12.39  ? 73  ASP A CB  1 
ATOM   562  C CG  . ASP A 1 73  ? 9.879   4.617   3.605   1.00 14.87  ? 73  ASP A CG  1 
ATOM   563  O OD1 . ASP A 1 73  ? 10.646  3.704   4.005   1.00 17.70  ? 73  ASP A OD1 1 
ATOM   564  O OD2 . ASP A 1 73  ? 10.275  5.765   3.317   1.00 19.49  ? 73  ASP A OD2 1 
ATOM   565  N N   . PHE A 1 74  ? 8.781   1.052   5.192   1.00 13.19  ? 74  PHE A N   1 
ATOM   566  C CA  . PHE A 1 74  ? 9.176   0.492   6.476   1.00 18.30  ? 74  PHE A CA  1 
ATOM   567  C C   . PHE A 1 74  ? 10.695  0.547   6.687   1.00 22.49  ? 74  PHE A C   1 
ATOM   568  O O   . PHE A 1 74  ? 11.159  -0.060  7.654   1.00 22.54  ? 74  PHE A O   1 
ATOM   569  C CB  . PHE A 1 74  ? 8.673   -0.953  6.613   1.00 19.98  ? 74  PHE A CB  1 
ATOM   570  C CG  . PHE A 1 74  ? 8.938   -1.860  5.408   1.00 17.62  ? 74  PHE A CG  1 
ATOM   571  C CD1 . PHE A 1 74  ? 10.232  -2.317  5.141   1.00 18.09  ? 74  PHE A CD1 1 
ATOM   572  C CD2 . PHE A 1 74  ? 7.910   -2.221  4.578   1.00 15.19  ? 74  PHE A CD2 1 
ATOM   573  C CE1 . PHE A 1 74  ? 10.451  -3.119  4.030   1.00 16.05  ? 74  PHE A CE1 1 
ATOM   574  C CE2 . PHE A 1 74  ? 8.112   -3.037  3.464   1.00 17.25  ? 74  PHE A CE2 1 
ATOM   575  C CZ  . PHE A 1 74  ? 9.405   -3.474  3.209   1.00 15.37  ? 74  PHE A CZ  1 
ATOM   576  N N   . THR A 1 75  ? 11.453  1.218   5.826   1.00 17.37  ? 75  THR A N   1 
ATOM   577  C CA  . THR A 1 75  ? 12.883  1.358   6.132   1.00 20.82  ? 75  THR A CA  1 
ATOM   578  C C   . THR A 1 75  ? 13.184  2.765   6.649   1.00 29.58  ? 75  THR A C   1 
ATOM   579  O O   . THR A 1 75  ? 13.985  2.892   7.583   1.00 38.20  ? 75  THR A O   1 
ATOM   580  C CB  . THR A 1 75  ? 13.822  1.014   4.961   1.00 17.89  ? 75  THR A CB  1 
ATOM   581  O OG1 . THR A 1 75  ? 13.654  1.881   3.846   1.00 20.89  ? 75  THR A OG1 1 
ATOM   582  C CG2 . THR A 1 75  ? 13.542  -0.407  4.451   1.00 23.83  ? 75  THR A CG2 1 
ATOM   583  N N   . ARG A 1 76  ? 12.590  3.817   6.107   1.00 26.67  ? 76  ARG A N   1 
ATOM   584  C CA  . ARG A 1 76  ? 12.835  5.189   6.525   1.00 29.57  ? 76  ARG A CA  1 
ATOM   585  C C   . ARG A 1 76  ? 11.600  5.946   6.992   1.00 31.72  ? 76  ARG A C   1 
ATOM   586  O O   . ARG A 1 76  ? 11.762  7.053   7.522   1.00 28.51  ? 76  ARG A O   1 
ATOM   587  C CB  . ARG A 1 76  ? 13.463  5.979   5.354   1.00 26.62  ? 76  ARG A CB  1 
ATOM   588  C CG  . ARG A 1 76  ? 14.762  5.306   4.926   1.00 39.02  ? 76  ARG A CG  1 
ATOM   589  C CD  . ARG A 1 76  ? 15.790  6.303   4.403   1.00 55.01  ? 76  ARG A CD  1 
ATOM   590  N NE  . ARG A 1 76  ? 17.111  5.693   4.343   1.00 77.16  ? 76  ARG A NE  1 
ATOM   591  C CZ  . ARG A 1 76  ? 17.759  5.082   5.328   1.00 90.70  ? 76  ARG A CZ  1 
ATOM   592  N NH1 . ARG A 1 76  ? 17.242  4.946   6.553   1.00 115.77 ? 76  ARG A NH1 1 
ATOM   593  N NH2 . ARG A 1 76  ? 18.987  4.599   5.129   1.00 93.70  ? 76  ARG A NH2 1 
ATOM   594  N N   . GLY A 1 77  ? 10.407  5.400   6.790   1.00 27.17  ? 77  GLY A N   1 
ATOM   595  C CA  . GLY A 1 77  ? 9.167   6.003   7.253   1.00 23.21  ? 77  GLY A CA  1 
ATOM   596  C C   . GLY A 1 77  ? 8.832   7.343   6.656   1.00 32.11  ? 77  GLY A C   1 
ATOM   597  O O   . GLY A 1 77  ? 8.031   8.108   7.217   1.00 28.83  ? 77  GLY A O   1 
ATOM   598  N N   . ASN A 1 78  ? 9.403   7.706   5.502   1.00 29.89  ? 78  ASN A N   1 
ATOM   599  C CA  . ASN A 1 78  ? 9.190   9.064   5.010   1.00 23.52  ? 78  ASN A CA  1 
ATOM   600  C C   . ASN A 1 78  ? 9.081   9.125   3.508   1.00 24.07  ? 78  ASN A C   1 
ATOM   601  O O   . ASN A 1 78  ? 9.044   10.211  2.923   1.00 35.33  ? 78  ASN A O   1 
ATOM   602  C CB  . ASN A 1 78  ? 10.323  10.005  5.432   1.00 30.08  ? 78  ASN A CB  1 
ATOM   603  C CG  . ASN A 1 78  ? 11.709  9.583   4.983   1.00 31.88  ? 78  ASN A CG  1 
ATOM   604  O OD1 . ASN A 1 78  ? 11.897  8.815   4.039   1.00 24.96  ? 78  ASN A OD1 1 
ATOM   605  N ND2 . ASN A 1 78  ? 12.728  10.111  5.660   1.00 31.97  ? 78  ASN A ND2 1 
ATOM   606  N N   . GLY A 1 79  ? 9.013   7.965   2.865   1.00 21.35  ? 79  GLY A N   1 
ATOM   607  C CA  . GLY A 1 79  ? 8.782   8.044   1.428   1.00 22.56  ? 79  GLY A CA  1 
ATOM   608  C C   . GLY A 1 79  ? 10.073  7.881   0.654   1.00 20.07  ? 79  GLY A C   1 
ATOM   609  O O   . GLY A 1 79  ? 10.070  7.654   -0.546  1.00 25.86  ? 79  GLY A O   1 
ATOM   610  N N   . THR A 1 80  ? 11.193  7.994   1.368   1.00 22.35  ? 80  THR A N   1 
ATOM   611  C CA  . THR A 1 80  ? 12.457  7.796   0.673   1.00 26.99  ? 80  THR A CA  1 
ATOM   612  C C   . THR A 1 80  ? 12.818  6.322   0.670   1.00 26.88  ? 80  THR A C   1 
ATOM   613  O O   . THR A 1 80  ? 13.713  5.942   -0.080  1.00 33.76  ? 80  THR A O   1 
ATOM   614  C CB  . THR A 1 80  ? 13.634  8.582   1.288   1.00 18.74  ? 80  THR A CB  1 
ATOM   615  O OG1 . THR A 1 80  ? 13.915  8.154   2.619   1.00 24.89  ? 80  THR A OG1 1 
ATOM   616  C CG2 . THR A 1 80  ? 13.289  10.068  1.364   1.00 35.03  ? 80  THR A CG2 1 
ATOM   617  N N   . GLY A 1 81  ? 12.165  5.499   1.498   1.00 20.57  ? 81  GLY A N   1 
ATOM   618  C CA  . GLY A 1 81  ? 12.638  4.138   1.631   1.00 18.06  ? 81  GLY A CA  1 
ATOM   619  C C   . GLY A 1 81  ? 11.773  3.054   1.027   1.00 16.12  ? 81  GLY A C   1 
ATOM   620  O O   . GLY A 1 81  ? 11.078  3.209   0.028   1.00 22.28  ? 81  GLY A O   1 
ATOM   621  N N   . GLY A 1 82  ? 11.829  1.880   1.667   1.00 18.79  ? 82  GLY A N   1 
ATOM   622  C CA  . GLY A 1 82  ? 11.088  0.740   1.171   1.00 17.25  ? 82  GLY A CA  1 
ATOM   623  C C   . GLY A 1 82  ? 11.968  -0.259  0.438   1.00 17.08  ? 82  GLY A C   1 
ATOM   624  O O   . GLY A 1 82  ? 13.078  0.044   0.010   1.00 17.99  ? 82  GLY A O   1 
ATOM   625  N N   . GLU A 1 83  ? 11.447  -1.465  0.322   1.00 13.53  ? 83  GLU A N   1 
ATOM   626  C CA  . GLU A 1 83  ? 12.223  -2.564  -0.246  1.00 14.99  ? 83  GLU A CA  1 
ATOM   627  C C   . GLU A 1 83  ? 11.275  -3.643  -0.708  1.00 17.44  ? 83  GLU A C   1 
ATOM   628  O O   . GLU A 1 83  ? 10.436  -4.116  0.064   1.00 14.61  ? 83  GLU A O   1 
ATOM   629  C CB  . GLU A 1 83  ? 13.214  -3.087  0.808   1.00 18.69  ? 83  GLU A CB  1 
ATOM   630  C CG  . GLU A 1 83  ? 14.151  -4.135  0.218   1.00 22.33  ? 83  GLU A CG  1 
ATOM   631  C CD  . GLU A 1 83  ? 15.103  -4.750  1.223   1.00 12.91  ? 83  GLU A CD  1 
ATOM   632  O OE1 . GLU A 1 83  ? 15.342  -4.241  2.334   1.00 17.52  ? 83  GLU A OE1 1 
ATOM   633  O OE2 . GLU A 1 83  ? 15.612  -5.840  0.868   1.00 21.92  ? 83  GLU A OE2 1 
ATOM   634  N N   . SER A 1 84  ? 11.370  -4.056  -1.984  1.00 14.53  ? 84  SER A N   1 
ATOM   635  C CA  . SER A 1 84  ? 10.500  -5.174  -2.356  1.00 13.43  ? 84  SER A CA  1 
ATOM   636  C C   . SER A 1 84  ? 11.118  -6.514  -1.935  1.00 13.97  ? 84  SER A C   1 
ATOM   637  O O   . SER A 1 84  ? 12.307  -6.558  -1.602  1.00 13.79  ? 84  SER A O   1 
ATOM   638  C CB  . SER A 1 84  ? 10.239  -5.188  -3.871  1.00 19.41  ? 84  SER A CB  1 
ATOM   639  O OG  . SER A 1 84  ? 11.286  -5.871  -4.531  1.00 22.22  ? 84  SER A OG  1 
ATOM   640  N N   . ILE A 1 85  ? 10.313  -7.577  -1.979  1.00 12.41  ? 85  ILE A N   1 
ATOM   641  C CA  . ILE A 1 85  ? 10.896  -8.874  -1.591  1.00 15.34  ? 85  ILE A CA  1 
ATOM   642  C C   . ILE A 1 85  ? 11.969  -9.254  -2.614  1.00 18.43  ? 85  ILE A C   1 
ATOM   643  O O   . ILE A 1 85  ? 12.857  -10.052 -2.261  1.00 22.47  ? 85  ILE A O   1 
ATOM   644  C CB  . ILE A 1 85  ? 9.885   -10.014 -1.448  1.00 19.09  ? 85  ILE A CB  1 
ATOM   645  C CG1 . ILE A 1 85  ? 9.168   -10.442 -2.729  1.00 16.59  ? 85  ILE A CG1 1 
ATOM   646  C CG2 . ILE A 1 85  ? 8.867   -9.671  -0.352  1.00 16.43  ? 85  ILE A CG2 1 
ATOM   647  C CD1 . ILE A 1 85  ? 8.176   -11.599 -2.543  1.00 14.42  ? 85  ILE A CD1 1 
ATOM   648  N N   . TYR A 1 86  ? 11.914  -8.708  -3.820  1.00 16.14  ? 86  TYR A N   1 
ATOM   649  C CA  . TYR A 1 86  ? 12.849  -9.103  -4.864  1.00 17.84  ? 86  TYR A CA  1 
ATOM   650  C C   . TYR A 1 86  ? 14.170  -8.359  -4.723  1.00 29.59  ? 86  TYR A C   1 
ATOM   651  O O   . TYR A 1 86  ? 15.155  -8.755  -5.333  1.00 29.60  ? 86  TYR A O   1 
ATOM   652  C CB  . TYR A 1 86  ? 12.292  -8.853  -6.271  1.00 16.60  ? 86  TYR A CB  1 
ATOM   653  C CG  . TYR A 1 86  ? 10.908  -9.435  -6.372  1.00 15.30  ? 86  TYR A CG  1 
ATOM   654  C CD1 . TYR A 1 86  ? 10.684  -10.792 -6.218  1.00 15.31  ? 86  TYR A CD1 1 
ATOM   655  C CD2 . TYR A 1 86  ? 9.798   -8.619  -6.624  1.00 15.34  ? 86  TYR A CD2 1 
ATOM   656  C CE1 . TYR A 1 86  ? 9.414   -11.351 -6.309  1.00 18.59  ? 86  TYR A CE1 1 
ATOM   657  C CE2 . TYR A 1 86  ? 8.539   -9.178  -6.708  1.00 14.94  ? 86  TYR A CE2 1 
ATOM   658  C CZ  . TYR A 1 86  ? 8.328   -10.519 -6.561  1.00 18.52  ? 86  TYR A CZ  1 
ATOM   659  O OH  . TYR A 1 86  ? 7.064   -11.081 -6.635  1.00 18.88  ? 86  TYR A OH  1 
ATOM   660  N N   . GLY A 1 87  ? 14.172  -7.292  -3.930  1.00 24.07  ? 87  GLY A N   1 
ATOM   661  C CA  . GLY A 1 87  ? 15.340  -6.404  -3.966  1.00 31.62  ? 87  GLY A CA  1 
ATOM   662  C C   . GLY A 1 87  ? 14.811  -4.979  -3.966  1.00 33.38  ? 87  GLY A C   1 
ATOM   663  O O   . GLY A 1 87  ? 13.595  -4.800  -3.808  1.00 26.60  ? 87  GLY A O   1 
ATOM   664  N N   . GLU A 1 88  ? 15.698  -4.016  -4.137  1.00 31.02  ? 88  GLU A N   1 
ATOM   665  C CA  . GLU A 1 88  ? 15.325  -2.616  -3.980  1.00 32.93  ? 88  GLU A CA  1 
ATOM   666  C C   . GLU A 1 88  ? 14.180  -2.230  -4.910  1.00 32.55  ? 88  GLU A C   1 
ATOM   667  O O   . GLU A 1 88  ? 13.254  -1.631  -4.353  1.00 36.64  ? 88  GLU A O   1 
ATOM   668  C CB  . GLU A 1 88  ? 16.524  -1.713  -4.225  1.00 31.42  ? 88  GLU A CB  1 
ATOM   669  C CG  . GLU A 1 88  ? 16.254  -0.224  -4.094  1.00 49.26  ? 88  GLU A CG  1 
ATOM   670  C CD  . GLU A 1 88  ? 17.526  0.543   -4.454  1.00 52.15  ? 88  GLU A CD  1 
ATOM   671  O OE1 . GLU A 1 88  ? 18.592  0.168   -3.920  1.00 50.29  ? 88  GLU A OE1 1 
ATOM   672  O OE2 . GLU A 1 88  ? 17.434  1.483   -5.267  1.00 77.12  ? 88  GLU A OE2 1 
ATOM   673  N N   . LYS A 1 89  ? 14.270  -2.551  -6.200  1.00 26.67  ? 89  LYS A N   1 
ATOM   674  C CA  . LYS A 1 89  ? 13.281  -2.139  -7.200  1.00 27.53  ? 89  LYS A CA  1 
ATOM   675  C C   . LYS A 1 89  ? 12.909  -3.276  -8.140  1.00 31.73  ? 89  LYS A C   1 
ATOM   676  O O   . LYS A 1 89  ? 13.752  -4.161  -8.339  1.00 33.29  ? 89  LYS A O   1 
ATOM   677  C CB  . LYS A 1 89  ? 13.787  -0.971  -8.054  1.00 29.71  ? 89  LYS A CB  1 
ATOM   678  C CG  . LYS A 1 89  ? 14.019  0.304   -7.255  1.00 42.44  ? 89  LYS A CG  1 
ATOM   679  C CD  . LYS A 1 89  ? 14.158  1.526   -8.149  1.00 51.66  ? 89  LYS A CD  1 
ATOM   680  C CE  . LYS A 1 89  ? 15.483  1.566   -8.884  1.00 51.51  ? 89  LYS A CE  1 
ATOM   681  N NZ  . LYS A 1 89  ? 16.478  2.464   -8.239  1.00 63.75  ? 89  LYS A NZ  1 
ATOM   682  N N   . PHE A 1 90  ? 11.702  -3.272  -8.699  1.00 19.90  ? 90  PHE A N   1 
ATOM   683  C CA  . PHE A 1 90  ? 11.347  -4.212  -9.773  1.00 21.18  ? 90  PHE A CA  1 
ATOM   684  C C   . PHE A 1 90  ? 10.506  -3.507  -10.829 1.00 22.99  ? 90  PHE A C   1 
ATOM   685  O O   . PHE A 1 90  ? 9.829   -2.503  -10.598 1.00 24.51  ? 90  PHE A O   1 
ATOM   686  C CB  . PHE A 1 90  ? 10.653  -5.458  -9.267  1.00 22.74  ? 90  PHE A CB  1 
ATOM   687  C CG  . PHE A 1 90  ? 9.293   -5.328  -8.601  1.00 18.96  ? 90  PHE A CG  1 
ATOM   688  C CD1 . PHE A 1 90  ? 9.231   -4.797  -7.325  1.00 18.17  ? 90  PHE A CD1 1 
ATOM   689  C CD2 . PHE A 1 90  ? 8.154   -5.748  -9.252  1.00 17.99  ? 90  PHE A CD2 1 
ATOM   690  C CE1 . PHE A 1 90  ? 8.011   -4.703  -6.683  1.00 14.87  ? 90  PHE A CE1 1 
ATOM   691  C CE2 . PHE A 1 90  ? 6.915   -5.651  -8.623  1.00 19.58  ? 90  PHE A CE2 1 
ATOM   692  C CZ  . PHE A 1 90  ? 6.889   -5.124  -7.341  1.00 15.42  ? 90  PHE A CZ  1 
ATOM   693  N N   . PRO A 1 91  ? 10.563  -3.999  -12.065 1.00 26.89  ? 91  PRO A N   1 
ATOM   694  C CA  . PRO A 1 91  ? 9.885   -3.340  -13.177 1.00 22.30  ? 91  PRO A CA  1 
ATOM   695  C C   . PRO A 1 91  ? 8.360   -3.294  -13.059 1.00 20.07  ? 91  PRO A C   1 
ATOM   696  O O   . PRO A 1 91  ? 7.743   -4.075  -12.321 1.00 25.88  ? 91  PRO A O   1 
ATOM   697  C CB  . PRO A 1 91  ? 10.247  -4.228  -14.384 1.00 25.31  ? 91  PRO A CB  1 
ATOM   698  C CG  . PRO A 1 91  ? 11.523  -4.896  -13.957 1.00 27.77  ? 91  PRO A CG  1 
ATOM   699  C CD  . PRO A 1 91  ? 11.309  -5.201  -12.488 1.00 31.54  ? 91  PRO A CD  1 
ATOM   700  N N   . ASP A 1 92  ? 7.764   -2.373  -13.799 1.00 22.86  ? 92  ASP A N   1 
ATOM   701  C CA  . ASP A 1 92  ? 6.309   -2.311  -13.933 1.00 18.14  ? 92  ASP A CA  1 
ATOM   702  C C   . ASP A 1 92  ? 5.825   -3.570  -14.647 1.00 22.34  ? 92  ASP A C   1 
ATOM   703  O O   . ASP A 1 92  ? 6.163   -3.786  -15.814 1.00 26.11  ? 92  ASP A O   1 
ATOM   704  C CB  . ASP A 1 92  ? 5.869   -1.048  -14.698 1.00 18.27  ? 92  ASP A CB  1 
ATOM   705  C CG  . ASP A 1 92  ? 6.251   0.235   -13.982 1.00 20.48  ? 92  ASP A CG  1 
ATOM   706  O OD1 . ASP A 1 92  ? 6.078   0.274   -12.739 1.00 22.48  ? 92  ASP A OD1 1 
ATOM   707  O OD2 . ASP A 1 92  ? 6.745   1.209   -14.594 1.00 22.41  ? 92  ASP A OD2 1 
ATOM   708  N N   . GLU A 1 93  ? 5.061   -4.413  -13.982 1.00 17.32  ? 93  GLU A N   1 
ATOM   709  C CA  . GLU A 1 93  ? 4.600   -5.688  -14.528 1.00 21.87  ? 93  GLU A CA  1 
ATOM   710  C C   . GLU A 1 93  ? 3.638   -5.514  -15.694 1.00 24.53  ? 93  GLU A C   1 
ATOM   711  O O   . GLU A 1 93  ? 3.835   -6.083  -16.769 1.00 23.35  ? 93  GLU A O   1 
ATOM   712  C CB  . GLU A 1 93  ? 3.950   -6.504  -13.418 1.00 23.08  ? 93  GLU A CB  1 
ATOM   713  C CG  . GLU A 1 93  ? 3.703   -7.962  -13.747 1.00 23.77  ? 93  GLU A CG  1 
ATOM   714  C CD  . GLU A 1 93  ? 3.248   -8.735  -12.526 1.00 21.08  ? 93  GLU A CD  1 
ATOM   715  O OE1 . GLU A 1 93  ? 3.048   -8.128  -11.451 1.00 17.47  ? 93  GLU A OE1 1 
ATOM   716  O OE2 . GLU A 1 93  ? 3.085   -9.960  -12.650 1.00 18.61  ? 93  GLU A OE2 1 
ATOM   717  N N   . ASN A 1 94  ? 2.583   -4.731  -15.511 1.00 23.29  ? 94  ASN A N   1 
ATOM   718  C CA  . ASN A 1 94  ? 1.726   -4.341  -16.634 1.00 26.51  ? 94  ASN A CA  1 
ATOM   719  C C   . ASN A 1 94  ? 0.798   -3.227  -16.143 1.00 28.69  ? 94  ASN A C   1 
ATOM   720  O O   . ASN A 1 94  ? 0.814   -2.982  -14.930 1.00 21.14  ? 94  ASN A O   1 
ATOM   721  C CB  . ASN A 1 94  ? 0.946   -5.516  -17.194 1.00 24.15  ? 94  ASN A CB  1 
ATOM   722  C CG  . ASN A 1 94  ? -0.067  -6.134  -16.256 1.00 28.06  ? 94  ASN A CG  1 
ATOM   723  O OD1 . ASN A 1 94  ? -0.962  -5.441  -15.766 1.00 22.24  ? 94  ASN A OD1 1 
ATOM   724  N ND2 . ASN A 1 94  ? 0.032   -7.440  -15.990 1.00 19.08  ? 94  ASN A ND2 1 
ATOM   725  N N   . PHE A 1 95  ? 0.049   -2.610  -17.046 1.00 22.40  ? 95  PHE A N   1 
ATOM   726  C CA  . PHE A 1 95  ? -0.890  -1.555  -16.683 1.00 23.64  ? 95  PHE A CA  1 
ATOM   727  C C   . PHE A 1 95  ? -2.332  -1.909  -17.057 1.00 23.21  ? 95  PHE A C   1 
ATOM   728  O O   . PHE A 1 95  ? -3.118  -1.036  -17.441 1.00 23.88  ? 95  PHE A O   1 
ATOM   729  C CB  . PHE A 1 95  ? -0.458  -0.238  -17.339 1.00 20.60  ? 95  PHE A CB  1 
ATOM   730  C CG  . PHE A 1 95  ? 0.888   0.264   -16.846 1.00 21.04  ? 95  PHE A CG  1 
ATOM   731  C CD1 . PHE A 1 95  ? 1.050   0.693   -15.528 1.00 21.39  ? 95  PHE A CD1 1 
ATOM   732  C CD2 . PHE A 1 95  ? 2.003   0.321   -17.647 1.00 24.09  ? 95  PHE A CD2 1 
ATOM   733  C CE1 . PHE A 1 95  ? 2.261   1.136   -15.061 1.00 18.07  ? 95  PHE A CE1 1 
ATOM   734  C CE2 . PHE A 1 95  ? 3.227   0.783   -17.191 1.00 23.29  ? 95  PHE A CE2 1 
ATOM   735  C CZ  . PHE A 1 95  ? 3.374   1.212   -15.886 1.00 22.70  ? 95  PHE A CZ  1 
ATOM   736  N N   . LYS A 1 96  ? -2.679  -3.176  -16.949 1.00 21.51  ? 96  LYS A N   1 
ATOM   737  C CA  . LYS A 1 96  ? -3.952  -3.727  -17.353 1.00 20.03  ? 96  LYS A CA  1 
ATOM   738  C C   . LYS A 1 96  ? -5.085  -3.166  -16.502 1.00 24.79  ? 96  LYS A C   1 
ATOM   739  O O   . LYS A 1 96  ? -6.126  -2.772  -17.010 1.00 23.11  ? 96  LYS A O   1 
ATOM   740  C CB  . LYS A 1 96  ? -3.967  -5.256  -17.204 1.00 24.81  ? 96  LYS A CB  1 
ATOM   741  C CG  . LYS A 1 96  ? -3.088  -5.999  -18.197 1.00 29.94  ? 96  LYS A CG  1 
ATOM   742  C CD  . LYS A 1 96  ? -3.479  -7.463  -18.283 1.00 33.53  ? 96  LYS A CD  1 
ATOM   743  C CE  . LYS A 1 96  ? -2.461  -8.274  -19.074 1.00 45.30  ? 96  LYS A CE  1 
ATOM   744  N NZ  . LYS A 1 96  ? -1.802  -7.485  -20.152 1.00 68.53  ? 96  LYS A NZ  1 
ATOM   745  N N   . GLU A 1 97  ? -4.864  -3.146  -15.184 1.00 23.76  ? 97  GLU A N   1 
ATOM   746  C CA  . GLU A 1 97  ? -5.908  -2.597  -14.307 1.00 19.71  ? 97  GLU A CA  1 
ATOM   747  C C   . GLU A 1 97  ? -5.810  -1.082  -14.187 1.00 16.88  ? 97  GLU A C   1 
ATOM   748  O O   . GLU A 1 97  ? -4.719  -0.497  -14.210 1.00 19.14  ? 97  GLU A O   1 
ATOM   749  C CB  . GLU A 1 97  ? -5.794  -3.280  -12.952 1.00 17.63  ? 97  GLU A CB  1 
ATOM   750  C CG  . GLU A 1 97  ? -6.153  -4.762  -13.056 1.00 19.25  ? 97  GLU A CG  1 
ATOM   751  C CD  . GLU A 1 97  ? -7.656  -4.943  -13.175 1.00 30.79  ? 97  GLU A CD  1 
ATOM   752  O OE1 . GLU A 1 97  ? -8.399  -3.963  -12.986 1.00 34.98  ? 97  GLU A OE1 1 
ATOM   753  O OE2 . GLU A 1 97  ? -8.109  -6.070  -13.453 1.00 43.13  ? 97  GLU A OE2 1 
ATOM   754  N N   . LYS A 1 98  ? -6.951  -0.404  -14.075 1.00 18.51  ? 98  LYS A N   1 
ATOM   755  C CA  . LYS A 1 98  ? -6.968  1.061   -14.054 1.00 17.64  ? 98  LYS A CA  1 
ATOM   756  C C   . LYS A 1 98  ? -7.395  1.639   -12.697 1.00 18.19  ? 98  LYS A C   1 
ATOM   757  O O   . LYS A 1 98  ? -8.003  0.927   -11.883 1.00 18.50  ? 98  LYS A O   1 
ATOM   758  C CB  . LYS A 1 98  ? -7.944  1.558   -15.120 1.00 19.42  ? 98  LYS A CB  1 
ATOM   759  C CG  . LYS A 1 98  ? -7.713  0.988   -16.516 1.00 21.86  ? 98  LYS A CG  1 
ATOM   760  C CD  . LYS A 1 98  ? -6.313  1.224   -17.031 1.00 25.24  ? 98  LYS A CD  1 
ATOM   761  C CE  . LYS A 1 98  ? -6.133  0.607   -18.425 1.00 34.58  ? 98  LYS A CE  1 
ATOM   762  N NZ  . LYS A 1 98  ? -4.716  0.759   -18.882 1.00 34.03  ? 98  LYS A NZ  1 
ATOM   763  N N   . HIS A 1 99  ? -7.086  2.921   -12.528 1.00 18.33  ? 99  HIS A N   1 
ATOM   764  C CA  . HIS A 1 99  ? -7.509  3.619   -11.299 1.00 19.60  ? 99  HIS A CA  1 
ATOM   765  C C   . HIS A 1 99  ? -8.948  4.122   -11.476 1.00 15.73  ? 99  HIS A C   1 
ATOM   766  O O   . HIS A 1 99  ? -9.108  5.263   -11.902 1.00 21.07  ? 99  HIS A O   1 
ATOM   767  C CB  . HIS A 1 99  ? -6.555  4.760   -10.999 1.00 14.40  ? 99  HIS A CB  1 
ATOM   768  C CG  . HIS A 1 99  ? -5.109  4.377   -10.872 1.00 18.96  ? 99  HIS A CG  1 
ATOM   769  N ND1 . HIS A 1 99  ? -4.277  4.163   -11.951 1.00 18.76  ? 99  HIS A ND1 1 
ATOM   770  C CD2 . HIS A 1 99  ? -4.345  4.172   -9.770  1.00 18.07  ? 99  HIS A CD2 1 
ATOM   771  C CE1 . HIS A 1 99  ? -3.061  3.846   -11.516 1.00 18.91  ? 99  HIS A CE1 1 
ATOM   772  N NE2 . HIS A 1 99  ? -3.081  3.841   -10.189 1.00 17.17  ? 99  HIS A NE2 1 
ATOM   773  N N   . THR A 1 100 ? -9.932  3.278   -11.186 1.00 17.70  ? 100 THR A N   1 
ATOM   774  C CA  . THR A 1 100 ? -11.327 3.566   -11.539 1.00 21.40  ? 100 THR A CA  1 
ATOM   775  C C   . THR A 1 100 ? -12.183 4.163   -10.435 1.00 23.83  ? 100 THR A C   1 
ATOM   776  O O   . THR A 1 100 ? -13.328 4.537   -10.699 1.00 22.10  ? 100 THR A O   1 
ATOM   777  C CB  . THR A 1 100 ? -12.016 2.256   -11.992 1.00 22.27  ? 100 THR A CB  1 
ATOM   778  O OG1 . THR A 1 100 ? -11.858 1.284   -10.955 1.00 23.62  ? 100 THR A OG1 1 
ATOM   779  C CG2 . THR A 1 100 ? -11.339 1.700   -13.225 1.00 21.97  ? 100 THR A CG2 1 
ATOM   780  N N   . GLY A 1 101 ? -11.703 4.258   -9.194  1.00 20.32  ? 101 GLY A N   1 
ATOM   781  C CA  . GLY A 1 101 ? -12.468 4.837   -8.102  1.00 24.16  ? 101 GLY A CA  1 
ATOM   782  C C   . GLY A 1 101 ? -11.819 4.640   -6.740  1.00 27.01  ? 101 GLY A C   1 
ATOM   783  O O   . GLY A 1 101 ? -10.699 4.142   -6.579  1.00 19.95  ? 101 GLY A O   1 
ATOM   784  N N   . PRO A 1 102 ? -12.521 5.017   -5.679  1.00 18.23  ? 102 PRO A N   1 
ATOM   785  C CA  . PRO A 1 102 ? -12.066 4.776   -4.318  1.00 18.42  ? 102 PRO A CA  1 
ATOM   786  C C   . PRO A 1 102 ? -11.822 3.280   -4.078  1.00 15.31  ? 102 PRO A C   1 
ATOM   787  O O   . PRO A 1 102 ? -12.560 2.423   -4.563  1.00 17.77  ? 102 PRO A O   1 
ATOM   788  C CB  . PRO A 1 102 ? -13.253 5.180   -3.446  1.00 20.69  ? 102 PRO A CB  1 
ATOM   789  C CG  . PRO A 1 102 ? -14.019 6.135   -4.306  1.00 29.79  ? 102 PRO A CG  1 
ATOM   790  C CD  . PRO A 1 102 ? -13.844 5.678   -5.729  1.00 22.18  ? 102 PRO A CD  1 
ATOM   791  N N   . GLY A 1 103 ? -10.788 2.980   -3.316  1.00 17.08  ? 103 GLY A N   1 
ATOM   792  C CA  . GLY A 1 103 ? -10.471 1.618   -2.919  1.00 18.54  ? 103 GLY A CA  1 
ATOM   793  C C   . GLY A 1 103 ? -9.450  0.944   -3.816  1.00 19.63  ? 103 GLY A C   1 
ATOM   794  O O   . GLY A 1 103 ? -8.972  -0.159  -3.513  1.00 18.30  ? 103 GLY A O   1 
ATOM   795  N N   . VAL A 1 104 ? -9.092  1.582   -4.920  1.00 18.71  ? 104 VAL A N   1 
ATOM   796  C CA  . VAL A 1 104 ? -8.036  1.014   -5.770  1.00 17.61  ? 104 VAL A CA  1 
ATOM   797  C C   . VAL A 1 104 ? -6.698  0.981   -5.051  1.00 13.46  ? 104 VAL A C   1 
ATOM   798  O O   . VAL A 1 104 ? -6.301  1.992   -4.452  1.00 16.34  ? 104 VAL A O   1 
ATOM   799  C CB  . VAL A 1 104 ? -7.917  1.858   -7.056  1.00 18.35  ? 104 VAL A CB  1 
ATOM   800  C CG1 . VAL A 1 104 ? -6.612  1.610   -7.779  1.00 15.24  ? 104 VAL A CG1 1 
ATOM   801  C CG2 . VAL A 1 104 ? -9.130  1.546   -7.929  1.00 18.43  ? 104 VAL A CG2 1 
ATOM   802  N N   . LEU A 1 105 ? -6.011  -0.145  -5.100  1.00 13.79  ? 105 LEU A N   1 
ATOM   803  C CA  . LEU A 1 105 ? -4.704  -0.399  -4.497  1.00 15.30  ? 105 LEU A CA  1 
ATOM   804  C C   . LEU A 1 105 ? -3.639  -0.447  -5.598  1.00 15.91  ? 105 LEU A C   1 
ATOM   805  O O   . LEU A 1 105 ? -3.786  -1.240  -6.556  1.00 14.55  ? 105 LEU A O   1 
ATOM   806  C CB  . LEU A 1 105 ? -4.765  -1.711  -3.721  1.00 11.60  ? 105 LEU A CB  1 
ATOM   807  C CG  . LEU A 1 105 ? -3.443  -2.216  -3.149  1.00 10.46  ? 105 LEU A CG  1 
ATOM   808  C CD1 . LEU A 1 105 ? -2.776  -1.203  -2.213  1.00 16.04  ? 105 LEU A CD1 1 
ATOM   809  C CD2 . LEU A 1 105 ? -3.672  -3.526  -2.418  1.00 13.57  ? 105 LEU A CD2 1 
ATOM   810  N N   . SER A 1 106 ? -2.631  0.390   -5.462  1.00 12.85  ? 106 SER A N   1 
ATOM   811  C CA  . SER A 1 106 ? -1.686  0.630   -6.576  1.00 14.40  ? 106 SER A CA  1 
ATOM   812  C C   . SER A 1 106 ? -0.288  0.913   -6.064  1.00 16.08  ? 106 SER A C   1 
ATOM   813  O O   . SER A 1 106 ? -0.078  1.358   -4.931  1.00 15.65  ? 106 SER A O   1 
ATOM   814  C CB  . SER A 1 106 ? -2.251  1.772   -7.430  1.00 16.44  ? 106 SER A CB  1 
ATOM   815  O OG  . SER A 1 106 ? -1.370  2.148   -8.478  1.00 16.57  ? 106 SER A OG  1 
ATOM   816  N N   . MET A 1 107 ? 0.740   0.693   -6.887  1.00 13.16  ? 107 MET A N   1 
ATOM   817  C CA  . MET A 1 107 ? 2.118   0.864   -6.458  1.00 17.56  ? 107 MET A CA  1 
ATOM   818  C C   . MET A 1 107 ? 2.591   2.307   -6.597  1.00 18.55  ? 107 MET A C   1 
ATOM   819  O O   . MET A 1 107 ? 2.500   2.907   -7.668  1.00 18.33  ? 107 MET A O   1 
ATOM   820  C CB  . MET A 1 107 ? 3.124   0.011   -7.242  1.00 17.66  ? 107 MET A CB  1 
ATOM   821  C CG  . MET A 1 107 ? 2.964   -1.489  -7.024  1.00 15.42  ? 107 MET A CG  1 
ATOM   822  S SD  . MET A 1 107 ? 3.261   -1.934  -5.299  1.00 15.90  ? 107 MET A SD  1 
ATOM   823  C CE  . MET A 1 107 ? 5.021   -1.615  -5.175  1.00 15.00  ? 107 MET A CE  1 
ATOM   824  N N   . ALA A 1 108 ? 3.110   2.826   -5.481  1.00 11.86  ? 108 ALA A N   1 
ATOM   825  C CA  . ALA A 1 108 ? 3.827   4.096   -5.562  1.00 14.23  ? 108 ALA A CA  1 
ATOM   826  C C   . ALA A 1 108 ? 5.166   3.889   -6.273  1.00 20.03  ? 108 ALA A C   1 
ATOM   827  O O   . ALA A 1 108 ? 5.620   2.738   -6.278  1.00 16.62  ? 108 ALA A O   1 
ATOM   828  C CB  . ALA A 1 108 ? 4.075   4.658   -4.170  1.00 14.40  ? 108 ALA A CB  1 
ATOM   829  N N   . ASN A 1 109 ? 5.749   4.940   -6.839  1.00 17.71  ? 109 ASN A N   1 
ATOM   830  C CA  . ASN A 1 109 ? 7.068   4.721   -7.470  1.00 17.55  ? 109 ASN A CA  1 
ATOM   831  C C   . ASN A 1 109 ? 7.812   6.040   -7.621  1.00 19.59  ? 109 ASN A C   1 
ATOM   832  O O   . ASN A 1 109 ? 7.285   7.088   -7.259  1.00 20.18  ? 109 ASN A O   1 
ATOM   833  C CB  . ASN A 1 109 ? 6.894   3.972   -8.793  1.00 21.17  ? 109 ASN A CB  1 
ATOM   834  C CG  . ASN A 1 109 ? 6.061   4.609   -9.877  1.00 18.98  ? 109 ASN A CG  1 
ATOM   835  O OD1 . ASN A 1 109 ? 5.175   4.003   -10.504 1.00 20.90  ? 109 ASN A OD1 1 
ATOM   836  N ND2 . ASN A 1 109 ? 6.286   5.873   -10.168 1.00 16.39  ? 109 ASN A ND2 1 
ATOM   837  N N   . ALA A 1 110 ? 8.994   5.983   -8.210  1.00 19.58  ? 110 ALA A N   1 
ATOM   838  C CA  . ALA A 1 110 ? 9.828   7.137   -8.537  1.00 22.50  ? 110 ALA A CA  1 
ATOM   839  C C   . ALA A 1 110 ? 10.075  7.217   -10.037 1.00 23.60  ? 110 ALA A C   1 
ATOM   840  O O   . ALA A 1 110 ? 11.097  7.671   -10.557 1.00 29.40  ? 110 ALA A O   1 
ATOM   841  C CB  . ALA A 1 110 ? 11.133  7.062   -7.767  1.00 20.58  ? 110 ALA A CB  1 
ATOM   842  N N   . GLY A 1 111 ? 9.099   6.770   -10.812 1.00 22.19  ? 111 GLY A N   1 
ATOM   843  C CA  . GLY A 1 111 ? 9.246   6.814   -12.268 1.00 22.43  ? 111 GLY A CA  1 
ATOM   844  C C   . GLY A 1 111 ? 9.180   5.389   -12.792 1.00 23.81  ? 111 GLY A C   1 
ATOM   845  O O   . GLY A 1 111 ? 8.973   4.475   -11.993 1.00 21.23  ? 111 GLY A O   1 
ATOM   846  N N   . PRO A 1 112 ? 9.356   5.177   -14.090 1.00 26.20  ? 112 PRO A N   1 
ATOM   847  C CA  . PRO A 1 112 ? 9.133   3.835   -14.644 1.00 24.08  ? 112 PRO A CA  1 
ATOM   848  C C   . PRO A 1 112 ? 10.052  2.815   -13.976 1.00 20.27  ? 112 PRO A C   1 
ATOM   849  O O   . PRO A 1 112 ? 11.215  3.132   -13.713 1.00 23.87  ? 112 PRO A O   1 
ATOM   850  C CB  . PRO A 1 112 ? 9.471   3.994   -16.132 1.00 29.70  ? 112 PRO A CB  1 
ATOM   851  C CG  . PRO A 1 112 ? 9.339   5.454   -16.388 1.00 30.01  ? 112 PRO A CG  1 
ATOM   852  C CD  . PRO A 1 112 ? 9.768   6.149   -15.117 1.00 27.74  ? 112 PRO A CD  1 
ATOM   853  N N   . ASN A 1 113 ? 9.499   1.645   -13.704 1.00 21.82  ? 113 ASN A N   1 
ATOM   854  C CA  . ASN A 1 113 ? 10.208  0.476   -13.223 1.00 25.98  ? 113 ASN A CA  1 
ATOM   855  C C   . ASN A 1 113 ? 11.006  0.736   -11.956 1.00 26.77  ? 113 ASN A C   1 
ATOM   856  O O   . ASN A 1 113 ? 12.186  0.403   -11.808 1.00 23.43  ? 113 ASN A O   1 
ATOM   857  C CB  . ASN A 1 113 ? 11.151  -0.045  -14.325 1.00 26.98  ? 113 ASN A CB  1 
ATOM   858  C CG  . ASN A 1 113 ? 10.403  -0.365  -15.599 1.00 23.84  ? 113 ASN A CG  1 
ATOM   859  O OD1 . ASN A 1 113 ? 9.427   -1.102  -15.613 1.00 23.32  ? 113 ASN A OD1 1 
ATOM   860  N ND2 . ASN A 1 113 ? 10.867  0.212   -16.710 1.00 32.48  ? 113 ASN A ND2 1 
ATOM   861  N N   . THR A 1 114 ? 10.340  1.342   -10.969 1.00 22.35  ? 114 THR A N   1 
ATOM   862  C CA  . THR A 1 114 ? 10.971  1.592   -9.683  1.00 16.40  ? 114 THR A CA  1 
ATOM   863  C C   . THR A 1 114 ? 10.084  1.070   -8.548  1.00 17.93  ? 114 THR A C   1 
ATOM   864  O O   . THR A 1 114 ? 10.123  1.651   -7.463  1.00 22.03  ? 114 THR A O   1 
ATOM   865  C CB  . THR A 1 114 ? 11.281  3.081   -9.450  1.00 23.26  ? 114 THR A CB  1 
ATOM   866  O OG1 . THR A 1 114 ? 10.105  3.862   -9.680  1.00 19.17  ? 114 THR A OG1 1 
ATOM   867  C CG2 . THR A 1 114 ? 12.331  3.595   -10.450 1.00 18.66  ? 114 THR A CG2 1 
ATOM   868  N N   . ASN A 1 115 ? 9.326   0.010   -8.768  1.00 17.68  ? 115 ASN A N   1 
ATOM   869  C CA  . ASN A 1 115 ? 8.489   -0.531  -7.686  1.00 17.39  ? 115 ASN A CA  1 
ATOM   870  C C   . ASN A 1 115 ? 9.294   -1.112  -6.550  1.00 22.41  ? 115 ASN A C   1 
ATOM   871  O O   . ASN A 1 115 ? 10.214  -1.875  -6.834  1.00 19.42  ? 115 ASN A O   1 
ATOM   872  C CB  . ASN A 1 115 ? 7.589   -1.650  -8.218  1.00 17.10  ? 115 ASN A CB  1 
ATOM   873  C CG  . ASN A 1 115 ? 6.686   -1.124  -9.306  1.00 20.85  ? 115 ASN A CG  1 
ATOM   874  O OD1 . ASN A 1 115 ? 5.752   -0.372  -9.024  1.00 18.33  ? 115 ASN A OD1 1 
ATOM   875  N ND2 . ASN A 1 115 ? 6.972   -1.482  -10.557 1.00 17.34  ? 115 ASN A ND2 1 
ATOM   876  N N   . GLY A 1 116 ? 8.942   -0.794  -5.302  1.00 18.28  ? 116 GLY A N   1 
ATOM   877  C CA  . GLY A 1 116 ? 9.600   -1.337  -4.113  1.00 16.55  ? 116 GLY A CA  1 
ATOM   878  C C   . GLY A 1 116 ? 8.537   -1.882  -3.170  1.00 18.78  ? 116 GLY A C   1 
ATOM   879  O O   . GLY A 1 116 ? 7.933   -2.911  -3.483  1.00 13.99  ? 116 GLY A O   1 
ATOM   880  N N   . SER A 1 117 ? 8.295   -1.192  -2.050  1.00 16.54  ? 117 SER A N   1 
ATOM   881  C CA  . SER A 1 117 ? 7.221   -1.638  -1.155  1.00 14.36  ? 117 SER A CA  1 
ATOM   882  C C   . SER A 1 117 ? 6.160   -0.546  -0.940  1.00 15.26  ? 117 SER A C   1 
ATOM   883  O O   . SER A 1 117 ? 5.128   -0.843  -0.306  1.00 14.86  ? 117 SER A O   1 
ATOM   884  C CB  . SER A 1 117 ? 7.747   -2.054  0.232   1.00 10.51  ? 117 SER A CB  1 
ATOM   885  O OG  . SER A 1 117 ? 8.491   -0.957  0.764   1.00 12.50  ? 117 SER A OG  1 
ATOM   886  N N   . GLN A 1 118 ? 6.392   0.644   -1.447  1.00 13.74  ? 118 GLN A N   1 
ATOM   887  C CA  . GLN A 1 118 ? 5.419   1.726   -1.214  1.00 14.70  ? 118 GLN A CA  1 
ATOM   888  C C   . GLN A 1 118 ? 4.195   1.574   -2.102  1.00 13.72  ? 118 GLN A C   1 
ATOM   889  O O   . GLN A 1 118 ? 4.277   1.221   -3.285  1.00 14.12  ? 118 GLN A O   1 
ATOM   890  C CB  . GLN A 1 118 ? 6.104   3.084   -1.408  1.00 11.91  ? 118 GLN A CB  1 
ATOM   891  C CG  . GLN A 1 118 ? 7.039   3.409   -0.250  1.00 13.12  ? 118 GLN A CG  1 
ATOM   892  C CD  . GLN A 1 118 ? 7.500   4.866   -0.350  1.00 18.99  ? 118 GLN A CD  1 
ATOM   893  O OE1 . GLN A 1 118 ? 6.724   5.814   -0.486  1.00 19.23  ? 118 GLN A OE1 1 
ATOM   894  N NE2 . GLN A 1 118 ? 8.821   5.023   -0.305  1.00 22.79  ? 118 GLN A NE2 1 
ATOM   895  N N   . PHE A 1 119 ? 3.011   1.862   -1.533  1.00 12.63  ? 119 PHE A N   1 
ATOM   896  C CA  . PHE A 1 119 ? 1.750   1.610   -2.218  1.00 12.83  ? 119 PHE A CA  1 
ATOM   897  C C   . PHE A 1 119 ? 0.781   2.742   -1.873  1.00 14.57  ? 119 PHE A C   1 
ATOM   898  O O   . PHE A 1 119 ? 1.058   3.423   -0.869  1.00 13.39  ? 119 PHE A O   1 
ATOM   899  C CB  . PHE A 1 119 ? 1.148   0.255   -1.811  1.00 12.10  ? 119 PHE A CB  1 
ATOM   900  C CG  . PHE A 1 119 ? 0.783   0.235   -0.326  1.00 11.34  ? 119 PHE A CG  1 
ATOM   901  C CD1 . PHE A 1 119 ? 1.737   -0.075  0.624   1.00 13.48  ? 119 PHE A CD1 1 
ATOM   902  C CD2 . PHE A 1 119 ? -0.498  0.517   0.130   1.00 12.40  ? 119 PHE A CD2 1 
ATOM   903  C CE1 . PHE A 1 119 ? 1.478   -0.077  1.989   1.00 15.83  ? 119 PHE A CE1 1 
ATOM   904  C CE2 . PHE A 1 119 ? -0.770  0.564   1.473   1.00 13.51  ? 119 PHE A CE2 1 
ATOM   905  C CZ  . PHE A 1 119 ? 0.199   0.268   2.401   1.00 14.89  ? 119 PHE A CZ  1 
ATOM   906  N N   . PHE A 1 120 ? -0.323  2.848   -2.576  1.00 14.25  ? 120 PHE A N   1 
ATOM   907  C CA  . PHE A 1 120 ? -1.358  3.796   -2.129  1.00 15.19  ? 120 PHE A CA  1 
ATOM   908  C C   . PHE A 1 120 ? -2.737  3.194   -2.327  1.00 16.36  ? 120 PHE A C   1 
ATOM   909  O O   . PHE A 1 120 ? -2.974  2.348   -3.184  1.00 14.95  ? 120 PHE A O   1 
ATOM   910  C CB  . PHE A 1 120 ? -1.199  5.137   -2.830  1.00 15.69  ? 120 PHE A CB  1 
ATOM   911  C CG  . PHE A 1 120 ? -1.289  5.155   -4.343  1.00 13.24  ? 120 PHE A CG  1 
ATOM   912  C CD1 . PHE A 1 120 ? -0.165  4.802   -5.093  1.00 14.27  ? 120 PHE A CD1 1 
ATOM   913  C CD2 . PHE A 1 120 ? -2.456  5.507   -4.998  1.00 14.39  ? 120 PHE A CD2 1 
ATOM   914  C CE1 . PHE A 1 120 ? -0.265  4.829   -6.465  1.00 13.93  ? 120 PHE A CE1 1 
ATOM   915  C CE2 . PHE A 1 120 ? -2.553  5.550   -6.385  1.00 17.33  ? 120 PHE A CE2 1 
ATOM   916  C CZ  . PHE A 1 120 ? -1.430  5.206   -7.123  1.00 16.45  ? 120 PHE A CZ  1 
ATOM   917  N N   . LEU A 1 121 ? -3.669  3.637   -1.480  1.00 13.27  ? 121 LEU A N   1 
ATOM   918  C CA  . LEU A 1 121 ? -5.084  3.272   -1.569  1.00 12.53  ? 121 LEU A CA  1 
ATOM   919  C C   . LEU A 1 121 ? -5.791  4.552   -2.006  1.00 14.51  ? 121 LEU A C   1 
ATOM   920  O O   . LEU A 1 121 ? -5.647  5.561   -1.297  1.00 15.46  ? 121 LEU A O   1 
ATOM   921  C CB  . LEU A 1 121 ? -5.623  2.736   -0.250  1.00 10.91  ? 121 LEU A CB  1 
ATOM   922  C CG  . LEU A 1 121 ? -5.083  1.386   0.224   1.00 13.54  ? 121 LEU A CG  1 
ATOM   923  C CD1 . LEU A 1 121 ? -5.199  1.192   1.722   1.00 14.34  ? 121 LEU A CD1 1 
ATOM   924  C CD2 . LEU A 1 121 ? -5.801  0.238   -0.487  1.00 15.41  ? 121 LEU A CD2 1 
ATOM   925  N N   . CYS A 1 122 ? -6.442  4.512   -3.145  1.00 13.36  ? 122 CYS A N   1 
ATOM   926  C CA  . CYS A 1 122 ? -7.118  5.721   -3.638  1.00 12.70  ? 122 CYS A CA  1 
ATOM   927  C C   . CYS A 1 122 ? -8.396  5.987   -2.857  1.00 16.66  ? 122 CYS A C   1 
ATOM   928  O O   . CYS A 1 122 ? -9.071  5.059   -2.454  1.00 15.90  ? 122 CYS A O   1 
ATOM   929  C CB  . CYS A 1 122 ? -7.526  5.564   -5.107  1.00 16.40  ? 122 CYS A CB  1 
ATOM   930  S SG  . CYS A 1 122 ? -6.059  5.315   -6.131  1.00 18.13  ? 122 CYS A SG  1 
ATOM   931  N N   . THR A 1 123 ? -8.720  7.269   -2.687  1.00 16.91  ? 123 THR A N   1 
ATOM   932  C CA  . THR A 1 123 ? -10.012 7.636   -2.125  1.00 22.09  ? 123 THR A CA  1 
ATOM   933  C C   . THR A 1 123 ? -10.904 8.258   -3.198  1.00 21.95  ? 123 THR A C   1 
ATOM   934  O O   . THR A 1 123 ? -12.061 8.576   -2.908  1.00 19.30  ? 123 THR A O   1 
ATOM   935  C CB  . THR A 1 123 ? -9.824  8.615   -0.949  1.00 18.68  ? 123 THR A CB  1 
ATOM   936  O OG1 . THR A 1 123 ? -9.178  9.811   -1.412  1.00 21.43  ? 123 THR A OG1 1 
ATOM   937  C CG2 . THR A 1 123 ? -8.904  8.001   0.104   1.00 24.18  ? 123 THR A CG2 1 
ATOM   938  N N   . VAL A 1 124 ? -10.384 8.404   -4.417  1.00 15.19  ? 124 VAL A N   1 
ATOM   939  C CA  . VAL A 1 124 ? -11.150 8.897   -5.541  1.00 21.63  ? 124 VAL A CA  1 
ATOM   940  C C   . VAL A 1 124 ? -10.715 8.165   -6.814  1.00 23.85  ? 124 VAL A C   1 
ATOM   941  O O   . VAL A 1 124 ? -9.705  7.461   -6.771  1.00 20.60  ? 124 VAL A O   1 
ATOM   942  C CB  . VAL A 1 124 ? -10.971 10.413  -5.781  1.00 17.03  ? 124 VAL A CB  1 
ATOM   943  C CG1 . VAL A 1 124 ? -11.472 11.212  -4.588  1.00 22.87  ? 124 VAL A CG1 1 
ATOM   944  C CG2 . VAL A 1 124 ? -9.517  10.750  -6.104  1.00 15.51  ? 124 VAL A CG2 1 
ATOM   945  N N   . LYS A 1 125 ? -11.437 8.352   -7.913  1.00 20.11  ? 125 LYS A N   1 
ATOM   946  C CA  . LYS A 1 125 ? -10.918 7.894   -9.205  1.00 21.60  ? 125 LYS A CA  1 
ATOM   947  C C   . LYS A 1 125 ? -9.719  8.748   -9.595  1.00 20.23  ? 125 LYS A C   1 
ATOM   948  O O   . LYS A 1 125 ? -9.722  9.987   -9.550  1.00 20.01  ? 125 LYS A O   1 
ATOM   949  C CB  . LYS A 1 125 ? -12.016 7.938   -10.276 1.00 21.87  ? 125 LYS A CB  1 
ATOM   950  C CG  . LYS A 1 125 ? -11.467 7.770   -11.686 1.00 24.02  ? 125 LYS A CG  1 
ATOM   951  C CD  . LYS A 1 125 ? -12.582 7.860   -12.732 1.00 36.01  ? 125 LYS A CD  1 
ATOM   952  C CE  . LYS A 1 125 ? -12.049 8.432   -14.042 1.00 40.42  ? 125 LYS A CE  1 
ATOM   953  N NZ  . LYS A 1 125 ? -13.112 8.819   -15.009 1.00 52.40  ? 125 LYS A NZ  1 
ATOM   954  N N   . THR A 1 126 ? -8.605  8.138   -9.990  1.00 15.89  ? 126 THR A N   1 
ATOM   955  C CA  . THR A 1 126 ? -7.358  8.858   -10.224 1.00 15.08  ? 126 THR A CA  1 
ATOM   956  C C   . THR A 1 126 ? -6.823  8.453   -11.594 1.00 19.21  ? 126 THR A C   1 
ATOM   957  O O   . THR A 1 126 ? -5.704  7.942   -11.716 1.00 19.02  ? 126 THR A O   1 
ATOM   958  C CB  . THR A 1 126 ? -6.312  8.596   -9.125  1.00 19.82  ? 126 THR A CB  1 
ATOM   959  O OG1 . THR A 1 126 ? -5.920  7.212   -9.077  1.00 18.41  ? 126 THR A OG1 1 
ATOM   960  C CG2 . THR A 1 126 ? -6.886  8.885   -7.734  1.00 20.84  ? 126 THR A CG2 1 
ATOM   961  N N   . GLU A 1 127 ? -7.649  8.700   -12.601 1.00 24.71  ? 127 GLU A N   1 
ATOM   962  C CA  . GLU A 1 127 ? -7.368  8.218   -13.956 1.00 21.09  ? 127 GLU A CA  1 
ATOM   963  C C   . GLU A 1 127 ? -6.068  8.779   -14.509 1.00 21.18  ? 127 GLU A C   1 
ATOM   964  O O   . GLU A 1 127 ? -5.495  8.110   -15.389 1.00 23.37  ? 127 GLU A O   1 
ATOM   965  C CB  . GLU A 1 127 ? -8.532  8.550   -14.885 1.00 22.51  ? 127 GLU A CB  1 
ATOM   966  C CG  . GLU A 1 127 ? -8.661  10.019  -15.210 1.00 31.30  ? 127 GLU A CG  1 
ATOM   967  C CD  . GLU A 1 127 ? -9.282  10.887  -14.138 1.00 42.37  ? 127 GLU A CD  1 
ATOM   968  O OE1 . GLU A 1 127 ? -9.711  10.405  -13.064 1.00 28.72  ? 127 GLU A OE1 1 
ATOM   969  O OE2 . GLU A 1 127 ? -9.330  12.116  -14.398 1.00 51.63  ? 127 GLU A OE2 1 
ATOM   970  N N   . TRP A 1 128 ? -5.581  9.936   -14.048 1.00 17.92  ? 128 TRP A N   1 
ATOM   971  C CA  . TRP A 1 128 ? -4.308  10.470  -14.534 1.00 19.59  ? 128 TRP A CA  1 
ATOM   972  C C   . TRP A 1 128 ? -3.114  9.602   -14.144 1.00 21.95  ? 128 TRP A C   1 
ATOM   973  O O   . TRP A 1 128 ? -2.018  9.818   -14.675 1.00 21.41  ? 128 TRP A O   1 
ATOM   974  C CB  . TRP A 1 128 ? -4.059  11.915  -14.080 1.00 21.74  ? 128 TRP A CB  1 
ATOM   975  C CG  . TRP A 1 128 ? -3.996  12.106  -12.595 1.00 20.77  ? 128 TRP A CG  1 
ATOM   976  C CD1 . TRP A 1 128 ? -2.889  12.150  -11.808 1.00 18.78  ? 128 TRP A CD1 1 
ATOM   977  C CD2 . TRP A 1 128 ? -5.124  12.281  -11.714 1.00 20.60  ? 128 TRP A CD2 1 
ATOM   978  N NE1 . TRP A 1 128 ? -3.231  12.339  -10.482 1.00 21.28  ? 128 TRP A NE1 1 
ATOM   979  C CE2 . TRP A 1 128 ? -4.602  12.423  -10.413 1.00 22.81  ? 128 TRP A CE2 1 
ATOM   980  C CE3 . TRP A 1 128 ? -6.509  12.331  -11.918 1.00 22.14  ? 128 TRP A CE3 1 
ATOM   981  C CZ2 . TRP A 1 128 ? -5.425  12.612  -9.297  1.00 22.69  ? 128 TRP A CZ2 1 
ATOM   982  C CZ3 . TRP A 1 128 ? -7.331  12.519  -10.810 1.00 18.97  ? 128 TRP A CZ3 1 
ATOM   983  C CH2 . TRP A 1 128 ? -6.780  12.658  -9.523  1.00 21.73  ? 128 TRP A CH2 1 
ATOM   984  N N   . LEU A 1 129 ? -3.294  8.626   -13.249 1.00 18.49  ? 129 LEU A N   1 
ATOM   985  C CA  . LEU A 1 129 ? -2.185  7.742   -12.898 1.00 15.44  ? 129 LEU A CA  1 
ATOM   986  C C   . LEU A 1 129 ? -2.187  6.471   -13.743 1.00 16.87  ? 129 LEU A C   1 
ATOM   987  O O   . LEU A 1 129 ? -1.247  5.667   -13.649 1.00 20.65  ? 129 LEU A O   1 
ATOM   988  C CB  . LEU A 1 129 ? -2.250  7.320   -11.415 1.00 17.40  ? 129 LEU A CB  1 
ATOM   989  C CG  . LEU A 1 129 ? -2.206  8.492   -10.426 1.00 19.07  ? 129 LEU A CG  1 
ATOM   990  C CD1 . LEU A 1 129 ? -2.367  7.968   -9.002  1.00 17.31  ? 129 LEU A CD1 1 
ATOM   991  C CD2 . LEU A 1 129 ? -0.932  9.321   -10.583 1.00 19.29  ? 129 LEU A CD2 1 
ATOM   992  N N   . ASP A 1 130 ? -3.241  6.284   -14.528 1.00 17.96  ? 130 ASP A N   1 
ATOM   993  C CA  . ASP A 1 130 ? -3.291  5.089   -15.370 1.00 21.79  ? 130 ASP A CA  1 
ATOM   994  C C   . ASP A 1 130 ? -2.069  5.061   -16.297 1.00 20.37  ? 130 ASP A C   1 
ATOM   995  O O   . ASP A 1 130 ? -1.706  6.095   -16.874 1.00 22.80  ? 130 ASP A O   1 
ATOM   996  C CB  . ASP A 1 130 ? -4.548  5.053   -16.224 1.00 24.71  ? 130 ASP A CB  1 
ATOM   997  C CG  . ASP A 1 130 ? -5.825  4.807   -15.445 1.00 25.06  ? 130 ASP A CG  1 
ATOM   998  O OD1 . ASP A 1 130 ? -5.719  4.402   -14.272 1.00 20.80  ? 130 ASP A OD1 1 
ATOM   999  O OD2 . ASP A 1 130 ? -6.909  5.034   -16.029 1.00 20.76  ? 130 ASP A OD2 1 
ATOM   1000 N N   . GLY A 1 131 ? -1.451  3.894   -16.430 1.00 23.74  ? 131 GLY A N   1 
ATOM   1001 C CA  . GLY A 1 131 ? -0.283  3.741   -17.278 1.00 25.32  ? 131 GLY A CA  1 
ATOM   1002 C C   . GLY A 1 131 ? 1.007   4.194   -16.639 1.00 24.96  ? 131 GLY A C   1 
ATOM   1003 O O   . GLY A 1 131 ? 2.062   4.094   -17.280 1.00 22.69  ? 131 GLY A O   1 
ATOM   1004 N N   . LYS A 1 132 ? 0.962   4.673   -15.397 1.00 18.18  ? 132 LYS A N   1 
ATOM   1005 C CA  . LYS A 1 132 ? 2.108   5.217   -14.698 1.00 18.68  ? 132 LYS A CA  1 
ATOM   1006 C C   . LYS A 1 132 ? 2.380   4.479   -13.376 1.00 19.70  ? 132 LYS A C   1 
ATOM   1007 O O   . LYS A 1 132 ? 3.505   4.365   -12.905 1.00 18.51  ? 132 LYS A O   1 
ATOM   1008 C CB  . LYS A 1 132 ? 1.910   6.704   -14.382 1.00 21.37  ? 132 LYS A CB  1 
ATOM   1009 C CG  . LYS A 1 132 ? 1.998   7.653   -15.566 1.00 24.60  ? 132 LYS A CG  1 
ATOM   1010 C CD  . LYS A 1 132 ? 1.137   8.886   -15.337 1.00 34.23  ? 132 LYS A CD  1 
ATOM   1011 C CE  . LYS A 1 132 ? 0.665   9.507   -16.638 1.00 37.59  ? 132 LYS A CE  1 
ATOM   1012 N NZ  . LYS A 1 132 ? -0.773  9.256   -16.934 1.00 45.58  ? 132 LYS A NZ  1 
ATOM   1013 N N   . HIS A 1 133 ? 1.305   3.994   -12.770 1.00 22.07  ? 133 HIS A N   1 
ATOM   1014 C CA  . HIS A 1 133 ? 1.339   3.184   -11.556 1.00 20.17  ? 133 HIS A CA  1 
ATOM   1015 C C   . HIS A 1 133 ? 0.630   1.863   -11.798 1.00 15.42  ? 133 HIS A C   1 
ATOM   1016 O O   . HIS A 1 133 ? -0.444  1.806   -12.416 1.00 17.10  ? 133 HIS A O   1 
ATOM   1017 C CB  . HIS A 1 133 ? 0.696   3.962   -10.401 1.00 18.96  ? 133 HIS A CB  1 
ATOM   1018 C CG  . HIS A 1 133 ? 1.465   5.218   -10.102 1.00 16.22  ? 133 HIS A CG  1 
ATOM   1019 N ND1 . HIS A 1 133 ? 2.432   5.274   -9.129  1.00 17.69  ? 133 HIS A ND1 1 
ATOM   1020 C CD2 . HIS A 1 133 ? 1.431   6.457   -10.653 1.00 15.06  ? 133 HIS A CD2 1 
ATOM   1021 C CE1 . HIS A 1 133 ? 2.947   6.488   -9.095  1.00 19.89  ? 133 HIS A CE1 1 
ATOM   1022 N NE2 . HIS A 1 133 ? 2.358   7.219   -10.012 1.00 16.10  ? 133 HIS A NE2 1 
ATOM   1023 N N   . VAL A 1 134 ? 1.225   0.781   -11.291 1.00 13.38  ? 134 VAL A N   1 
ATOM   1024 C CA  . VAL A 1 134 ? 0.636   -0.540  -11.476 1.00 14.82  ? 134 VAL A CA  1 
ATOM   1025 C C   . VAL A 1 134 ? -0.426  -0.829  -10.428 1.00 13.70  ? 134 VAL A C   1 
ATOM   1026 O O   . VAL A 1 134 ? -0.090  -0.944  -9.240  1.00 18.33  ? 134 VAL A O   1 
ATOM   1027 C CB  . VAL A 1 134 ? 1.725   -1.628  -11.379 1.00 17.50  ? 134 VAL A CB  1 
ATOM   1028 C CG1 . VAL A 1 134 ? 1.086   -2.999  -11.390 1.00 16.49  ? 134 VAL A CG1 1 
ATOM   1029 C CG2 . VAL A 1 134 ? 2.728   -1.444  -12.508 1.00 18.57  ? 134 VAL A CG2 1 
ATOM   1030 N N   . VAL A 1 135 ? -1.664  -0.929  -10.904 1.00 16.90  ? 135 VAL A N   1 
ATOM   1031 C CA  . VAL A 1 135 ? -2.782  -1.303  -10.042 1.00 15.53  ? 135 VAL A CA  1 
ATOM   1032 C C   . VAL A 1 135 ? -2.808  -2.802  -9.783  1.00 18.43  ? 135 VAL A C   1 
ATOM   1033 O O   . VAL A 1 135 ? -2.774  -3.556  -10.763 1.00 18.92  ? 135 VAL A O   1 
ATOM   1034 C CB  . VAL A 1 135 ? -4.118  -0.880  -10.682 1.00 14.06  ? 135 VAL A CB  1 
ATOM   1035 C CG1 . VAL A 1 135 ? -5.276  -1.421  -9.878  1.00 17.49  ? 135 VAL A CG1 1 
ATOM   1036 C CG2 . VAL A 1 135 ? -4.140  0.645   -10.788 1.00 15.58  ? 135 VAL A CG2 1 
ATOM   1037 N N   . PHE A 1 136 ? -2.861  -3.228  -8.525  1.00 14.97  ? 136 PHE A N   1 
ATOM   1038 C CA  . PHE A 1 136 ? -2.799  -4.654  -8.231  1.00 12.34  ? 136 PHE A CA  1 
ATOM   1039 C C   . PHE A 1 136 ? -3.832  -5.145  -7.226  1.00 12.95  ? 136 PHE A C   1 
ATOM   1040 O O   . PHE A 1 136 ? -3.771  -6.277  -6.771  1.00 13.81  ? 136 PHE A O   1 
ATOM   1041 C CB  . PHE A 1 136 ? -1.363  -5.011  -7.790  1.00 13.82  ? 136 PHE A CB  1 
ATOM   1042 C CG  . PHE A 1 136 ? -0.925  -4.368  -6.480  1.00 10.47  ? 136 PHE A CG  1 
ATOM   1043 C CD1 . PHE A 1 136 ? -0.383  -3.095  -6.454  1.00 13.32  ? 136 PHE A CD1 1 
ATOM   1044 C CD2 . PHE A 1 136 ? -1.091  -5.077  -5.298  1.00 12.13  ? 136 PHE A CD2 1 
ATOM   1045 C CE1 . PHE A 1 136 ? 0.003   -2.505  -5.262  1.00 13.37  ? 136 PHE A CE1 1 
ATOM   1046 C CE2 . PHE A 1 136 ? -0.701  -4.483  -4.101  1.00 14.04  ? 136 PHE A CE2 1 
ATOM   1047 C CZ  . PHE A 1 136 ? -0.164  -3.199  -4.074  1.00 11.14  ? 136 PHE A CZ  1 
ATOM   1048 N N   . GLY A 1 137 ? -4.861  -4.339  -6.878  1.00 13.64  ? 137 GLY A N   1 
ATOM   1049 C CA  . GLY A 1 137 ? -5.869  -4.888  -5.965  1.00 13.25  ? 137 GLY A CA  1 
ATOM   1050 C C   . GLY A 1 137 ? -6.919  -3.826  -5.651  1.00 12.86  ? 137 GLY A C   1 
ATOM   1051 O O   . GLY A 1 137 ? -6.918  -2.775  -6.304  1.00 14.62  ? 137 GLY A O   1 
ATOM   1052 N N   . ARG A 1 138 ? -7.753  -4.157  -4.666  1.00 16.59  ? 138 ARG A N   1 
ATOM   1053 C CA  . ARG A 1 138 ? -8.866  -3.275  -4.298  1.00 16.51  ? 138 ARG A CA  1 
ATOM   1054 C C   . ARG A 1 138 ? -9.263  -3.564  -2.858  1.00 14.56  ? 138 ARG A C   1 
ATOM   1055 O O   . ARG A 1 138 ? -9.144  -4.685  -2.375  1.00 16.98  ? 138 ARG A O   1 
ATOM   1056 C CB  . ARG A 1 138 ? -10.052 -3.462  -5.258  1.00 16.92  ? 138 ARG A CB  1 
ATOM   1057 C CG  . ARG A 1 138 ? -10.659 -4.855  -5.200  1.00 19.63  ? 138 ARG A CG  1 
ATOM   1058 C CD  . ARG A 1 138 ? -11.969 -5.019  -5.970  1.00 24.56  ? 138 ARG A CD  1 
ATOM   1059 N NE  . ARG A 1 138 ? -12.303 -6.442  -6.100  1.00 28.18  ? 138 ARG A NE  1 
ATOM   1060 C CZ  . ARG A 1 138 ? -13.276 -6.984  -6.813  1.00 41.87  ? 138 ARG A CZ  1 
ATOM   1061 N NH1 . ARG A 1 138 ? -14.115 -6.254  -7.541  1.00 56.20  ? 138 ARG A NH1 1 
ATOM   1062 N NH2 . ARG A 1 138 ? -13.473 -8.301  -6.846  1.00 34.25  ? 138 ARG A NH2 1 
ATOM   1063 N N   . VAL A 1 139 ? -9.722  -2.514  -2.175  1.00 16.27  ? 139 VAL A N   1 
ATOM   1064 C CA  . VAL A 1 139 ? -10.362 -2.684  -0.875  1.00 11.84  ? 139 VAL A CA  1 
ATOM   1065 C C   . VAL A 1 139 ? -11.698 -3.410  -1.026  1.00 15.44  ? 139 VAL A C   1 
ATOM   1066 O O   . VAL A 1 139 ? -12.467 -3.018  -1.917  1.00 17.12  ? 139 VAL A O   1 
ATOM   1067 C CB  . VAL A 1 139 ? -10.554 -1.286  -0.253  1.00 12.55  ? 139 VAL A CB  1 
ATOM   1068 C CG1 . VAL A 1 139 ? -11.364 -1.408  1.020   1.00 17.26  ? 139 VAL A CG1 1 
ATOM   1069 C CG2 . VAL A 1 139 ? -9.190  -0.639  -0.016  1.00 11.89  ? 139 VAL A CG2 1 
ATOM   1070 N N   . VAL A 1 140 ? -11.949 -4.422  -0.184  1.00 14.62  ? 140 VAL A N   1 
ATOM   1071 C CA  . VAL A 1 140 ? -13.235 -5.116  -0.239  1.00 16.79  ? 140 VAL A CA  1 
ATOM   1072 C C   . VAL A 1 140 ? -13.943 -4.998  1.099   1.00 20.42  ? 140 VAL A C   1 
ATOM   1073 O O   . VAL A 1 140 ? -15.160 -5.220  1.121   1.00 20.11  ? 140 VAL A O   1 
ATOM   1074 C CB  . VAL A 1 140 ? -13.103 -6.588  -0.690  1.00 17.96  ? 140 VAL A CB  1 
ATOM   1075 C CG1 . VAL A 1 140 ? -12.661 -6.584  -2.155  1.00 17.01  ? 140 VAL A CG1 1 
ATOM   1076 C CG2 . VAL A 1 140 ? -12.148 -7.373  0.181   1.00 22.26  ? 140 VAL A CG2 1 
ATOM   1077 N N   . GLU A 1 141 ? -13.221 -4.641  2.149   1.00 17.93  ? 141 GLU A N   1 
ATOM   1078 C CA  . GLU A 1 141 ? -13.822 -4.315  3.433   1.00 13.94  ? 141 GLU A CA  1 
ATOM   1079 C C   . GLU A 1 141 ? -13.040 -3.192  4.110   1.00 21.24  ? 141 GLU A C   1 
ATOM   1080 O O   . GLU A 1 141 ? -11.816 -3.095  3.971   1.00 17.09  ? 141 GLU A O   1 
ATOM   1081 C CB  . GLU A 1 141 ? -13.861 -5.504  4.379   1.00 15.20  ? 141 GLU A CB  1 
ATOM   1082 C CG  . GLU A 1 141 ? -14.619 -6.723  3.886   1.00 21.40  ? 141 GLU A CG  1 
ATOM   1083 C CD  . GLU A 1 141 ? -14.378 -7.863  4.874   1.00 32.31  ? 141 GLU A CD  1 
ATOM   1084 O OE1 . GLU A 1 141 ? -14.445 -7.590  6.096   1.00 31.51  ? 141 GLU A OE1 1 
ATOM   1085 O OE2 . GLU A 1 141 ? -14.105 -8.992  4.435   1.00 33.65  ? 141 GLU A OE2 1 
ATOM   1086 N N   . GLY A 1 142 ? -13.740 -2.340  4.866   1.00 15.15  ? 142 GLY A N   1 
ATOM   1087 C CA  . GLY A 1 142 ? -13.083 -1.272  5.586   1.00 18.31  ? 142 GLY A CA  1 
ATOM   1088 C C   . GLY A 1 142 ? -12.822 -0.002  4.813   1.00 13.75  ? 142 GLY A C   1 
ATOM   1089 O O   . GLY A 1 142 ? -11.874 0.708   5.166   1.00 16.56  ? 142 GLY A O   1 
ATOM   1090 N N   . LEU A 1 143 ? -13.591 0.370   3.804   1.00 14.74  ? 143 LEU A N   1 
ATOM   1091 C CA  . LEU A 1 143 ? -13.325 1.622   3.100   1.00 15.62  ? 143 LEU A CA  1 
ATOM   1092 C C   . LEU A 1 143 ? -13.518 2.786   4.070   1.00 15.63  ? 143 LEU A C   1 
ATOM   1093 O O   . LEU A 1 143 ? -12.873 3.840   3.950   1.00 14.21  ? 143 LEU A O   1 
ATOM   1094 C CB  . LEU A 1 143 ? -14.213 1.738   1.862   1.00 16.68  ? 143 LEU A CB  1 
ATOM   1095 C CG  . LEU A 1 143 ? -13.905 2.934   0.959   1.00 16.23  ? 143 LEU A CG  1 
ATOM   1096 C CD1 . LEU A 1 143 ? -12.457 2.869   0.474   1.00 19.34  ? 143 LEU A CD1 1 
ATOM   1097 C CD2 . LEU A 1 143 ? -14.857 3.020   -0.218  1.00 16.92  ? 143 LEU A CD2 1 
ATOM   1098 N N   . ASP A 1 144 ? -14.408 2.555   5.042   1.00 15.57  ? 144 ASP A N   1 
ATOM   1099 C CA  . ASP A 1 144 ? -14.560 3.590   6.070   1.00 18.64  ? 144 ASP A CA  1 
ATOM   1100 C C   . ASP A 1 144 ? -13.270 3.810   6.846   1.00 18.22  ? 144 ASP A C   1 
ATOM   1101 O O   . ASP A 1 144 ? -12.971 4.917   7.309   1.00 16.40  ? 144 ASP A O   1 
ATOM   1102 C CB  . ASP A 1 144 ? -15.704 3.240   7.032   1.00 19.65  ? 144 ASP A CB  1 
ATOM   1103 C CG  . ASP A 1 144 ? -15.602 1.893   7.699   1.00 20.19  ? 144 ASP A CG  1 
ATOM   1104 O OD1 . ASP A 1 144 ? -15.423 0.896   6.972   1.00 18.69  ? 144 ASP A OD1 1 
ATOM   1105 O OD2 . ASP A 1 144 ? -15.679 1.744   8.935   1.00 23.54  ? 144 ASP A OD2 1 
ATOM   1106 N N   . VAL A 1 145 ? -12.442 2.776   7.023   1.00 17.29  ? 145 VAL A N   1 
ATOM   1107 C CA  . VAL A 1 145 ? -11.162 2.935   7.705   1.00 13.56  ? 145 VAL A CA  1 
ATOM   1108 C C   . VAL A 1 145 ? -10.181 3.761   6.872   1.00 12.35  ? 145 VAL A C   1 
ATOM   1109 O O   . VAL A 1 145 ? -9.433  4.572   7.412   1.00 12.81  ? 145 VAL A O   1 
ATOM   1110 C CB  . VAL A 1 145 ? -10.570 1.558   8.056   1.00 11.80  ? 145 VAL A CB  1 
ATOM   1111 C CG1 . VAL A 1 145 ? -9.299  1.701   8.873   1.00 13.62  ? 145 VAL A CG1 1 
ATOM   1112 C CG2 . VAL A 1 145 ? -11.577 0.714   8.862   1.00 18.27  ? 145 VAL A CG2 1 
ATOM   1113 N N   . VAL A 1 146 ? -10.236 3.508   5.567   1.00 12.82  ? 146 VAL A N   1 
ATOM   1114 C CA  . VAL A 1 146 ? -9.477  4.338   4.644   1.00 11.78  ? 146 VAL A CA  1 
ATOM   1115 C C   . VAL A 1 146 ? -9.887  5.808   4.799   1.00 15.62  ? 146 VAL A C   1 
ATOM   1116 O O   . VAL A 1 146 ? -9.014  6.673   4.919   1.00 13.33  ? 146 VAL A O   1 
ATOM   1117 C CB  . VAL A 1 146 ? -9.681  3.864   3.193   1.00 12.72  ? 146 VAL A CB  1 
ATOM   1118 C CG1 . VAL A 1 146 ? -8.963  4.786   2.222   1.00 14.93  ? 146 VAL A CG1 1 
ATOM   1119 C CG2 . VAL A 1 146 ? -9.162  2.427   3.111   1.00 14.02  ? 146 VAL A CG2 1 
ATOM   1120 N N   . LYS A 1 147 ? -11.187 6.087   4.817   1.00 15.06  ? 147 LYS A N   1 
ATOM   1121 C CA  . LYS A 1 147 ? -11.674 7.462   4.992   1.00 15.43  ? 147 LYS A CA  1 
ATOM   1122 C C   . LYS A 1 147 ? -11.194 8.059   6.308   1.00 14.64  ? 147 LYS A C   1 
ATOM   1123 O O   . LYS A 1 147 ? -10.844 9.254   6.325   1.00 14.37  ? 147 LYS A O   1 
ATOM   1124 C CB  . LYS A 1 147 ? -13.201 7.457   4.870   1.00 10.57  ? 147 LYS A CB  1 
ATOM   1125 C CG  . LYS A 1 147 ? -13.768 7.038   3.525   1.00 13.25  ? 147 LYS A CG  1 
ATOM   1126 C CD  . LYS A 1 147 ? -13.273 7.879   2.363   1.00 16.31  ? 147 LYS A CD  1 
ATOM   1127 C CE  . LYS A 1 147 ? -13.591 9.359   2.510   1.00 16.76  ? 147 LYS A CE  1 
ATOM   1128 N NZ  . LYS A 1 147 ? -13.271 10.109  1.257   1.00 19.46  ? 147 LYS A NZ  1 
ATOM   1129 N N   . ALA A 1 148 ? -11.146 7.320   7.409   1.00 15.35  ? 148 ALA A N   1 
ATOM   1130 C CA  . ALA A 1 148 ? -10.694 7.809   8.709   1.00 12.27  ? 148 ALA A CA  1 
ATOM   1131 C C   . ALA A 1 148 ? -9.224  8.222   8.594   1.00 18.23  ? 148 ALA A C   1 
ATOM   1132 O O   . ALA A 1 148 ? -8.807  9.270   9.087   1.00 17.54  ? 148 ALA A O   1 
ATOM   1133 C CB  . ALA A 1 148 ? -10.853 6.786   9.800   1.00 16.39  ? 148 ALA A CB  1 
ATOM   1134 N N   . VAL A 1 149 ? -8.438  7.404   7.909   1.00 12.96  ? 149 VAL A N   1 
ATOM   1135 C CA  . VAL A 1 149 ? -7.027  7.782   7.726   1.00 14.72  ? 149 VAL A CA  1 
ATOM   1136 C C   . VAL A 1 149 ? -6.904  9.054   6.908   1.00 13.59  ? 149 VAL A C   1 
ATOM   1137 O O   . VAL A 1 149 ? -6.191  10.017  7.253   1.00 14.93  ? 149 VAL A O   1 
ATOM   1138 C CB  . VAL A 1 149 ? -6.255  6.617   7.064   1.00 14.81  ? 149 VAL A CB  1 
ATOM   1139 C CG1 . VAL A 1 149 ? -4.866  7.067   6.625   1.00 15.00  ? 149 VAL A CG1 1 
ATOM   1140 C CG2 . VAL A 1 149 ? -6.164  5.438   8.033   1.00 11.42  ? 149 VAL A CG2 1 
ATOM   1141 N N   . GLU A 1 150 ? -7.605  9.105   5.786   1.00 13.35  ? 150 GLU A N   1 
ATOM   1142 C CA  . GLU A 1 150 ? -7.690  10.244  4.896   1.00 14.57  ? 150 GLU A CA  1 
ATOM   1143 C C   . GLU A 1 150 ? -8.003  11.544  5.653   1.00 14.30  ? 150 GLU A C   1 
ATOM   1144 O O   . GLU A 1 150 ? -7.457  12.600  5.340   1.00 13.87  ? 150 GLU A O   1 
ATOM   1145 C CB  . GLU A 1 150 ? -8.749  10.023  3.813   1.00 12.99  ? 150 GLU A CB  1 
ATOM   1146 C CG  . GLU A 1 150 ? -8.864  11.215  2.882   1.00 11.93  ? 150 GLU A CG  1 
ATOM   1147 C CD  . GLU A 1 150 ? -10.018 11.110  1.910   1.00 16.16  ? 150 GLU A CD  1 
ATOM   1148 O OE1 . GLU A 1 150 ? -10.763 10.106  1.922   1.00 16.59  ? 150 GLU A OE1 1 
ATOM   1149 O OE2 . GLU A 1 150 ? -10.180 12.045  1.097   1.00 21.49  ? 150 GLU A OE2 1 
ATOM   1150 N N   . SER A 1 151 ? -8.863  11.466  6.670   1.00 14.06  ? 151 SER A N   1 
ATOM   1151 C CA  . SER A 1 151 ? -9.176  12.707  7.400   1.00 14.80  ? 151 SER A CA  1 
ATOM   1152 C C   . SER A 1 151 ? -8.018  13.274  8.212   1.00 16.21  ? 151 SER A C   1 
ATOM   1153 O O   . SER A 1 151 ? -8.054  14.447  8.647   1.00 14.81  ? 151 SER A O   1 
ATOM   1154 C CB  . SER A 1 151 ? -10.382 12.425  8.302   1.00 16.83  ? 151 SER A CB  1 
ATOM   1155 O OG  . SER A 1 151 ? -9.967  11.836  9.490   1.00 20.21  ? 151 SER A OG  1 
ATOM   1156 N N   . ASN A 1 152 ? -6.961  12.501  8.407   1.00 12.99  ? 152 ASN A N   1 
ATOM   1157 C CA  . ASN A 1 152 ? -5.752  12.942  9.063   1.00 9.46   ? 152 ASN A CA  1 
ATOM   1158 C C   . ASN A 1 152 ? -4.674  13.399  8.091   1.00 11.93  ? 152 ASN A C   1 
ATOM   1159 O O   . ASN A 1 152 ? -3.554  13.675  8.506   1.00 15.86  ? 152 ASN A O   1 
ATOM   1160 C CB  . ASN A 1 152 ? -5.201  11.829  9.970   1.00 13.87  ? 152 ASN A CB  1 
ATOM   1161 C CG  . ASN A 1 152 ? -6.119  11.630  11.162  1.00 14.38  ? 152 ASN A CG  1 
ATOM   1162 O OD1 . ASN A 1 152 ? -6.048  12.384  12.139  1.00 19.47  ? 152 ASN A OD1 1 
ATOM   1163 N ND2 . ASN A 1 152 ? -7.002  10.670  11.033  1.00 14.12  ? 152 ASN A ND2 1 
ATOM   1164 N N   . GLY A 1 153 ? -4.971  13.479  6.797   1.00 13.04  ? 153 GLY A N   1 
ATOM   1165 C CA  . GLY A 1 153 ? -3.954  13.947  5.852   1.00 13.75  ? 153 GLY A CA  1 
ATOM   1166 C C   . GLY A 1 153 ? -4.052  15.451  5.662   1.00 18.43  ? 153 GLY A C   1 
ATOM   1167 O O   . GLY A 1 153 ? -4.941  16.105  6.196   1.00 15.67  ? 153 GLY A O   1 
ATOM   1168 N N   . SER A 1 154 ? -3.148  16.010  4.873   1.00 16.89  ? 154 SER A N   1 
ATOM   1169 C CA  . SER A 1 154 ? -3.172  17.449  4.587   1.00 16.14  ? 154 SER A CA  1 
ATOM   1170 C C   . SER A 1 154 ? -2.848  17.659  3.123   1.00 13.40  ? 154 SER A C   1 
ATOM   1171 O O   . SER A 1 154 ? -2.341  16.723  2.490   1.00 14.47  ? 154 SER A O   1 
ATOM   1172 C CB  . SER A 1 154 ? -2.198  18.180  5.488   1.00 15.13  ? 154 SER A CB  1 
ATOM   1173 O OG  . SER A 1 154 ? -0.838  17.899  5.242   1.00 17.50  ? 154 SER A OG  1 
ATOM   1174 N N   . GLN A 1 155 ? -3.140  18.826  2.558   1.00 13.42  ? 155 GLN A N   1 
ATOM   1175 C CA  . GLN A 1 155 ? -2.840  19.056  1.140   1.00 15.13  ? 155 GLN A CA  1 
ATOM   1176 C C   . GLN A 1 155 ? -1.340  18.821  0.933   1.00 14.68  ? 155 GLN A C   1 
ATOM   1177 O O   . GLN A 1 155 ? -0.989  18.291  -0.123  1.00 19.72  ? 155 GLN A O   1 
ATOM   1178 C CB  . GLN A 1 155 ? -3.225  20.474  0.700   1.00 15.06  ? 155 GLN A CB  1 
ATOM   1179 C CG  . GLN A 1 155 ? -4.718  20.724  0.649   1.00 15.18  ? 155 GLN A CG  1 
ATOM   1180 C CD  . GLN A 1 155 ? -5.050  22.202  0.464   1.00 13.38  ? 155 GLN A CD  1 
ATOM   1181 O OE1 . GLN A 1 155 ? -6.187  22.521  0.103   1.00 22.35  ? 155 GLN A OE1 1 
ATOM   1182 N NE2 . GLN A 1 155 ? -4.089  23.061  0.726   1.00 10.48  ? 155 GLN A NE2 1 
ATOM   1183 N N   . SER A 1 156 ? -0.584  19.218  1.946   1.00 11.25  ? 156 SER A N   1 
ATOM   1184 C CA  . SER A 1 156 ? 0.862   19.089  1.942   1.00 19.31  ? 156 SER A CA  1 
ATOM   1185 C C   . SER A 1 156 ? 1.275   17.618  1.911   1.00 20.60  ? 156 SER A C   1 
ATOM   1186 O O   . SER A 1 156 ? 2.417   17.340  1.550   1.00 20.65  ? 156 SER A O   1 
ATOM   1187 C CB  . SER A 1 156 ? 1.530   19.782  3.147   1.00 16.01  ? 156 SER A CB  1 
ATOM   1188 O OG  . SER A 1 156 ? 1.461   18.939  4.289   1.00 16.23  ? 156 SER A OG  1 
ATOM   1189 N N   . GLY A 1 157 ? 0.389   16.708  2.288   1.00 15.77  ? 157 GLY A N   1 
ATOM   1190 C CA  . GLY A 1 157 ? 0.732   15.293  2.357   1.00 18.76  ? 157 GLY A CA  1 
ATOM   1191 C C   . GLY A 1 157 ? 1.131   14.835  3.740   1.00 16.71  ? 157 GLY A C   1 
ATOM   1192 O O   . GLY A 1 157 ? 1.056   13.644  4.046   1.00 17.26  ? 157 GLY A O   1 
ATOM   1193 N N   . LYS A 1 158 ? 1.584   15.717  4.627   1.00 14.92  ? 158 LYS A N   1 
ATOM   1194 C CA  . LYS A 1 158 ? 1.961   15.373  5.988   1.00 15.25  ? 158 LYS A CA  1 
ATOM   1195 C C   . LYS A 1 158 ? 0.750   14.979  6.828   1.00 19.18  ? 158 LYS A C   1 
ATOM   1196 O O   . LYS A 1 158 ? -0.261  15.689  6.858   1.00 15.17  ? 158 LYS A O   1 
ATOM   1197 C CB  . LYS A 1 158 ? 2.713   16.543  6.672   1.00 18.10  ? 158 LYS A CB  1 
ATOM   1198 C CG  . LYS A 1 158 ? 3.091   16.238  8.121   1.00 24.17  ? 158 LYS A CG  1 
ATOM   1199 C CD  . LYS A 1 158 ? 3.857   17.394  8.762   1.00 34.71  ? 158 LYS A CD  1 
ATOM   1200 C CE  . LYS A 1 158 ? 4.771   16.917  9.883   1.00 37.68  ? 158 LYS A CE  1 
ATOM   1201 N NZ  . LYS A 1 158 ? 5.001   17.970  10.923  1.00 66.36  ? 158 LYS A NZ  1 
ATOM   1202 N N   . PRO A 1 159 ? 0.803   13.849  7.517   1.00 17.16  ? 159 PRO A N   1 
ATOM   1203 C CA  . PRO A 1 159 ? -0.286  13.456  8.442   1.00 14.06  ? 159 PRO A CA  1 
ATOM   1204 C C   . PRO A 1 159 ? -0.365  14.320  9.694   1.00 17.07  ? 159 PRO A C   1 
ATOM   1205 O O   . PRO A 1 159 ? 0.661   14.839  10.142  1.00 19.10  ? 159 PRO A O   1 
ATOM   1206 C CB  . PRO A 1 159 ? 0.084   12.036  8.872   1.00 17.37  ? 159 PRO A CB  1 
ATOM   1207 C CG  . PRO A 1 159 ? 1.050   11.581  7.831   1.00 21.97  ? 159 PRO A CG  1 
ATOM   1208 C CD  . PRO A 1 159 ? 1.846   12.814  7.451   1.00 20.59  ? 159 PRO A CD  1 
ATOM   1209 N N   . VAL A 1 160 ? -1.569  14.428  10.261  1.00 16.18  ? 160 VAL A N   1 
ATOM   1210 C CA  . VAL A 1 160 ? -1.714  15.167  11.509  1.00 16.80  ? 160 VAL A CA  1 
ATOM   1211 C C   . VAL A 1 160 ? -1.443  14.276  12.705  1.00 17.56  ? 160 VAL A C   1 
ATOM   1212 O O   . VAL A 1 160 ? -1.094  14.790  13.767  1.00 20.14  ? 160 VAL A O   1 
ATOM   1213 C CB  . VAL A 1 160 ? -3.082  15.845  11.712  1.00 31.66  ? 160 VAL A CB  1 
ATOM   1214 C CG1 . VAL A 1 160 ? -3.337  16.852  10.598  1.00 55.47  ? 160 VAL A CG1 1 
ATOM   1215 C CG2 . VAL A 1 160 ? -4.209  14.841  11.784  1.00 36.42  ? 160 VAL A CG2 1 
ATOM   1216 N N   . LYS A 1 161 ? -1.568  12.965  12.540  1.00 16.71  ? 161 LYS A N   1 
ATOM   1217 C CA  . LYS A 1 161 ? -1.118  12.060  13.578  1.00 20.81  ? 161 LYS A CA  1 
ATOM   1218 C C   . LYS A 1 161 ? -0.760  10.707  12.941  1.00 14.24  ? 161 LYS A C   1 
ATOM   1219 O O   . LYS A 1 161 ? -1.057  10.505  11.768  1.00 15.81  ? 161 LYS A O   1 
ATOM   1220 C CB  . LYS A 1 161 ? -2.125  11.849  14.694  1.00 27.65  ? 161 LYS A CB  1 
ATOM   1221 C CG  . LYS A 1 161 ? -3.527  11.473  14.292  1.00 29.07  ? 161 LYS A CG  1 
ATOM   1222 C CD  . LYS A 1 161 ? -4.447  11.452  15.510  1.00 33.38  ? 161 LYS A CD  1 
ATOM   1223 C CE  . LYS A 1 161 ? -5.243  12.727  15.649  1.00 30.29  ? 161 LYS A CE  1 
ATOM   1224 N NZ  . LYS A 1 161 ? -6.318  12.639  16.679  1.00 32.41  ? 161 LYS A NZ  1 
ATOM   1225 N N   . ASP A 1 162 ? -0.138  9.894   13.787  1.00 18.02  ? 162 ASP A N   1 
ATOM   1226 C CA  . ASP A 1 162 ? 0.352   8.613   13.258  1.00 18.55  ? 162 ASP A CA  1 
ATOM   1227 C C   . ASP A 1 162 ? -0.804  7.666   12.970  1.00 14.84  ? 162 ASP A C   1 
ATOM   1228 O O   . ASP A 1 162 ? -1.585  7.279   13.828  1.00 15.91  ? 162 ASP A O   1 
ATOM   1229 C CB  . ASP A 1 162 ? 1.335   7.955   14.219  1.00 18.06  ? 162 ASP A CB  1 
ATOM   1230 C CG  . ASP A 1 162 ? 2.714   8.586   14.248  1.00 29.06  ? 162 ASP A CG  1 
ATOM   1231 O OD1 . ASP A 1 162 ? 3.009   9.519   13.472  1.00 25.24  ? 162 ASP A OD1 1 
ATOM   1232 O OD2 . ASP A 1 162 ? 3.510   8.099   15.088  1.00 35.35  ? 162 ASP A OD2 1 
ATOM   1233 N N   . CYS A 1 163 ? -0.889  7.271   11.711  1.00 14.33  ? 163 CYS A N   1 
ATOM   1234 C CA  . CYS A 1 163 ? -1.813  6.278   11.183  1.00 15.70  ? 163 CYS A CA  1 
ATOM   1235 C C   . CYS A 1 163 ? -1.003  5.016   10.880  1.00 19.11  ? 163 CYS A C   1 
ATOM   1236 O O   . CYS A 1 163 ? -0.323  5.051   9.861   1.00 16.98  ? 163 CYS A O   1 
ATOM   1237 C CB  . CYS A 1 163 ? -2.486  6.829   9.931   1.00 18.04  ? 163 CYS A CB  1 
ATOM   1238 S SG  . CYS A 1 163 ? -3.429  8.342   10.348  1.00 18.21  ? 163 CYS A SG  1 
ATOM   1239 N N   . MET A 1 164 ? -1.066  4.025   11.742  1.00 15.79  ? 164 MET A N   1 
ATOM   1240 C CA  . MET A 1 164 ? -0.158  2.874   11.711  1.00 13.53  ? 164 MET A CA  1 
ATOM   1241 C C   . MET A 1 164 ? -0.878  1.598   11.300  1.00 17.15  ? 164 MET A C   1 
ATOM   1242 O O   . MET A 1 164 ? -2.062  1.346   11.563  1.00 16.29  ? 164 MET A O   1 
ATOM   1243 C CB  . MET A 1 164 ? 0.492   2.647   13.085  1.00 14.23  ? 164 MET A CB  1 
ATOM   1244 C CG  . MET A 1 164 ? 1.587   1.579   13.057  1.00 24.50  ? 164 MET A CG  1 
ATOM   1245 S SD  . MET A 1 164 ? 2.309   1.244   14.692  1.00 45.92  ? 164 MET A SD  1 
ATOM   1246 C CE  . MET A 1 164 ? 3.552   2.526   14.804  1.00 51.28  ? 164 MET A CE  1 
ATOM   1247 N N   . ILE A 1 165 ? -0.108  0.745   10.611  1.00 15.06  ? 165 ILE A N   1 
ATOM   1248 C CA  . ILE A 1 165 ? -0.513  -0.633  10.338  1.00 15.33  ? 165 ILE A CA  1 
ATOM   1249 C C   . ILE A 1 165 ? -0.089  -1.422  11.564  1.00 19.24  ? 165 ILE A C   1 
ATOM   1250 O O   . ILE A 1 165 ? 1.042   -1.904  11.665  1.00 17.67  ? 165 ILE A O   1 
ATOM   1251 C CB  . ILE A 1 165 ? 0.076   -1.137  9.007   1.00 13.05  ? 165 ILE A CB  1 
ATOM   1252 C CG1 . ILE A 1 165 ? -0.389  -0.272  7.828   1.00 15.40  ? 165 ILE A CG1 1 
ATOM   1253 C CG2 . ILE A 1 165 ? -0.247  -2.605  8.777   1.00 13.61  ? 165 ILE A CG2 1 
ATOM   1254 C CD1 . ILE A 1 165 ? 0.131   -0.715  6.465   1.00 23.33  ? 165 ILE A CD1 1 
ATOM   1255 N N   . ALA A 1 166 ? -1.013  -1.498  12.543  1.00 15.37  ? 166 ALA A N   1 
ATOM   1256 C CA  . ALA A 1 166 ? -0.694  -2.127  13.813  1.00 19.35  ? 166 ALA A CA  1 
ATOM   1257 C C   . ALA A 1 166 ? -0.570  -3.649  13.669  1.00 15.35  ? 166 ALA A C   1 
ATOM   1258 O O   . ALA A 1 166 ? 0.201   -4.281  14.388  1.00 19.82  ? 166 ALA A O   1 
ATOM   1259 C CB  . ALA A 1 166 ? -1.740  -1.800  14.881  1.00 21.72  ? 166 ALA A CB  1 
ATOM   1260 N N   . ASP A 1 167 ? -1.315  -4.228  12.751  1.00 19.09  ? 167 ASP A N   1 
ATOM   1261 C CA  . ASP A 1 167 ? -1.173  -5.647  12.431  1.00 16.89  ? 167 ASP A CA  1 
ATOM   1262 C C   . ASP A 1 167 ? -1.516  -5.839  10.964  1.00 14.39  ? 167 ASP A C   1 
ATOM   1263 O O   . ASP A 1 167 ? -2.147  -4.974  10.349  1.00 15.08  ? 167 ASP A O   1 
ATOM   1264 C CB  . ASP A 1 167 ? -2.074  -6.502  13.322  1.00 16.54  ? 167 ASP A CB  1 
ATOM   1265 C CG  . ASP A 1 167 ? -1.586  -7.931  13.438  1.00 25.02  ? 167 ASP A CG  1 
ATOM   1266 O OD1 . ASP A 1 167 ? -0.533  -8.304  12.884  1.00 19.52  ? 167 ASP A OD1 1 
ATOM   1267 O OD2 . ASP A 1 167 ? -2.274  -8.735  14.095  1.00 27.28  ? 167 ASP A OD2 1 
ATOM   1268 N N   . CYS A 1 168 ? -1.129  -6.956  10.352  1.00 15.00  ? 168 CYS A N   1 
ATOM   1269 C CA  . CYS A 1 168 ? -1.410  -7.220  8.942   1.00 11.58  ? 168 CYS A CA  1 
ATOM   1270 C C   . CYS A 1 168 ? -1.175  -8.708  8.679   1.00 13.35  ? 168 CYS A C   1 
ATOM   1271 O O   . CYS A 1 168 ? -0.580  -9.398  9.516   1.00 16.58  ? 168 CYS A O   1 
ATOM   1272 C CB  . CYS A 1 168 ? -0.571  -6.344  7.999   1.00 11.14  ? 168 CYS A CB  1 
ATOM   1273 S SG  . CYS A 1 168 ? 1.209   -6.493  8.267   1.00 15.68  ? 168 CYS A SG  1 
ATOM   1274 N N   . GLY A 1 169 ? -1.637  -9.155  7.513   1.00 14.22  ? 169 GLY A N   1 
ATOM   1275 C CA  . GLY A 1 169 ? -1.388  -10.564 7.218   1.00 18.73  ? 169 GLY A CA  1 
ATOM   1276 C C   . GLY A 1 169 ? -2.259  -11.002 6.067   1.00 19.86  ? 169 GLY A C   1 
ATOM   1277 O O   . GLY A 1 169 ? -2.892  -10.201 5.390   1.00 14.97  ? 169 GLY A O   1 
ATOM   1278 N N   . GLN A 1 170 ? -2.266  -12.311 5.852   1.00 18.14  ? 170 GLN A N   1 
ATOM   1279 C CA  . GLN A 1 170 ? -3.069  -12.878 4.773   1.00 17.19  ? 170 GLN A CA  1 
ATOM   1280 C C   . GLN A 1 170 ? -4.213  -13.678 5.380   1.00 19.56  ? 170 GLN A C   1 
ATOM   1281 O O   . GLN A 1 170 ? -4.008  -14.371 6.370   1.00 21.25  ? 170 GLN A O   1 
ATOM   1282 C CB  . GLN A 1 170 ? -2.179  -13.723 3.870   1.00 20.22  ? 170 GLN A CB  1 
ATOM   1283 C CG  . GLN A 1 170 ? -2.932  -14.507 2.807   1.00 21.81  ? 170 GLN A CG  1 
ATOM   1284 C CD  . GLN A 1 170 ? -2.038  -15.253 1.836   1.00 19.63  ? 170 GLN A CD  1 
ATOM   1285 O OE1 . GLN A 1 170 ? -0.821  -15.396 2.008   1.00 23.70  ? 170 GLN A OE1 1 
ATOM   1286 N NE2 . GLN A 1 170 ? -2.650  -15.750 0.769   1.00 20.45  ? 170 GLN A NE2 1 
ATOM   1287 N N   . LEU A 1 171 ? -5.395  -13.554 4.793   1.00 19.72  ? 171 LEU A N   1 
ATOM   1288 C CA  . LEU A 1 171 ? -6.574  -14.271 5.254   1.00 20.47  ? 171 LEU A CA  1 
ATOM   1289 C C   . LEU A 1 171 ? -6.814  -15.542 4.458   1.00 27.13  ? 171 LEU A C   1 
ATOM   1290 O O   . LEU A 1 171 ? -6.346  -15.650 3.330   1.00 25.77  ? 171 LEU A O   1 
ATOM   1291 C CB  . LEU A 1 171 ? -7.811  -13.361 5.099   1.00 22.54  ? 171 LEU A CB  1 
ATOM   1292 C CG  . LEU A 1 171 ? -7.749  -12.117 6.000   1.00 25.61  ? 171 LEU A CG  1 
ATOM   1293 C CD1 . LEU A 1 171 ? -8.934  -11.207 5.751   1.00 39.74  ? 171 LEU A CD1 1 
ATOM   1294 C CD2 . LEU A 1 171 ? -7.698  -12.568 7.452   1.00 23.24  ? 171 LEU A CD2 1 
ATOM   1295 N N   . LYS A 1 172 ? -7.579  -16.452 5.037   1.00 36.31  ? 172 LYS A N   1 
ATOM   1296 C CA  . LYS A 1 172 ? -8.114  -17.641 4.392   1.00 53.33  ? 172 LYS A CA  1 
ATOM   1297 C C   . LYS A 1 172 ? -7.093  -18.329 3.490   1.00 64.33  ? 172 LYS A C   1 
ATOM   1298 O O   . LYS A 1 172 ? -7.440  -18.585 2.315   1.00 77.35  ? 172 LYS A O   1 
ATOM   1299 C CB  . LYS A 1 172 ? -9.368  -17.298 3.586   1.00 53.30  ? 172 LYS A CB  1 
ATOM   1300 C CG  . LYS A 1 172 ? -9.204  -16.413 2.373   1.00 54.12  ? 172 LYS A CG  1 
ATOM   1301 C CD  . LYS A 1 172 ? -10.539 -15.930 1.826   1.00 59.69  ? 172 LYS A CD  1 
ATOM   1302 C CE  . LYS A 1 172 ? -10.564 -16.053 0.303   1.00 60.53  ? 172 LYS A CE  1 
ATOM   1303 N NZ  . LYS A 1 172 ? -9.260  -16.540 -0.227  1.00 46.94  ? 172 LYS A NZ  1 
HETATM 1304 N N   A SER B 2 .   ? 6.154   9.168   -5.880  0.77 18.00  ? 201 SER A N   1 
HETATM 1305 C CA  A SER B 2 .   ? 4.896   9.489   -6.617  0.77 18.00  ? 201 SER A CA  1 
HETATM 1306 C C   A SER B 2 .   ? 3.849   8.419   -6.303  0.77 18.00  ? 201 SER A C   1 
HETATM 1307 O O   A SER B 2 .   ? 4.204   7.246   -6.161  0.77 18.00  ? 201 SER A O   1 
HETATM 1308 C CB  A SER B 2 .   ? 5.142   9.489   -8.129  0.54 18.00  ? 201 SER A CB  1 
HETATM 1309 C CB  B SER B 2 .   ? 5.154   9.758   -8.029  0.23 18.00  ? 201 SER A CB  1 
HETATM 1310 O OG  A SER B 2 .   ? 6.004   10.549  -8.500  0.54 18.00  ? 201 SER A OG  1 
HETATM 1311 O OG  B SER B 2 .   ? 5.418   8.538   -8.707  0.23 18.00  ? 201 SER A OG  1 
HETATM 1312 N N   A PRO C 3 .   ? 2.557   8.803   -6.230  0.77 18.00  ? 202 PRO A N   1 
HETATM 1313 C CA  A PRO C 3 .   ? 1.980   10.138  -6.381  0.77 18.00  ? 202 PRO A CA  1 
HETATM 1314 C C   A PRO C 3 .   ? 2.062   10.953  -5.092  0.77 18.00  ? 202 PRO A C   1 
HETATM 1315 O O   A PRO C 3 .   ? 2.546   10.494  -4.051  0.77 18.00  ? 202 PRO A O   1 
HETATM 1316 C CB  A PRO C 3 .   ? 0.523   9.839   -6.711  0.77 18.00  ? 202 PRO A CB  1 
HETATM 1317 C CG  A PRO C 3 .   ? 0.222   8.561   -5.957  0.77 18.00  ? 202 PRO A CG  1 
HETATM 1318 C CD  A PRO C 3 .   ? 1.521   7.787   -5.958  0.77 18.00  ? 202 PRO A CD  1 
HETATM 1319 O OXT A PRO C 3 .   ? 1.610   12.109  -5.070  0.77 18.00  ? 202 PRO A OXT 1 
HETATM 1320 O O   B HOH D 4 .   ? 3.189   14.413  -0.855  0.23 18.00  ? 203 HOH A O   1 
HETATM 1321 O O   B HOH D 4 .   ? 2.167   9.867   -6.397  0.23 18.00  ? 204 HOH A O   1 
HETATM 1322 O O   B HOH D 4 .   ? 1.546   7.937   -5.980  0.23 18.00  ? 205 HOH A O   1 
HETATM 1323 O O   B HOH D 4 .   ? 4.210   7.357   -6.191  0.23 18.00  ? 206 HOH A O   1 
HETATM 1324 O O   . HOH D 4 .   ? 5.422   9.591   -3.254  1.00 30.69  ? 207 HOH A O   1 
HETATM 1325 O O   . HOH D 4 .   ? 7.169   6.841   -3.322  1.00 36.66  ? 208 HOH A O   1 
HETATM 1326 O O   . HOH D 4 .   ? 7.444   10.094  -11.077 1.00 41.76  ? 209 HOH A O   1 
HETATM 1327 O O   . HOH D 4 .   ? 5.637   7.768   -11.797 1.00 29.34  ? 210 HOH A O   1 
HETATM 1328 O O   . HOH D 4 .   ? 3.092   9.483   -11.564 1.00 30.86  ? 211 HOH A O   1 
HETATM 1329 O O   . HOH D 4 .   ? 0.490   13.754  -6.800  1.00 32.34  ? 212 HOH A O   1 
HETATM 1330 O O   . HOH D 4 .   ? 6.114   12.099  -4.685  1.00 49.98  ? 213 HOH A O   1 
HETATM 1331 O O   . HOH D 4 .   ? 3.233   12.704  -8.701  1.00 34.94  ? 214 HOH A O   1 
HETATM 1332 O O   . HOH D 4 .   ? 4.813   12.745  -7.042  1.00 34.73  ? 215 HOH A O   1 
HETATM 1333 O O   . HOH D 4 .   ? 9.127   10.802  -9.624  1.00 38.25  ? 216 HOH A O   1 
HETATM 1334 O O   . HOH D 4 .   ? 8.554   11.030  -6.465  1.00 43.04  ? 217 HOH A O   1 
HETATM 1335 O O   . HOH D 4 .   ? 0.934   3.092   18.451  1.00 38.73  ? 218 HOH A O   1 
HETATM 1336 O O   . HOH D 4 .   ? -7.552  -1.564  14.693  1.00 29.22  ? 219 HOH A O   1 
HETATM 1337 O O   . HOH D 4 .   ? 0.231   16.127  -5.204  1.00 46.53  ? 220 HOH A O   1 
HETATM 1338 O O   . HOH D 4 .   ? 2.770   16.296  -4.224  1.00 39.59  ? 221 HOH A O   1 
HETATM 1339 O O   . HOH D 4 .   ? 6.156   6.743   -14.299 1.00 29.82  ? 222 HOH A O   1 
HETATM 1340 O O   . HOH D 4 .   ? 2.088   12.027  -11.184 1.00 49.90  ? 223 HOH A O   1 
HETATM 1341 O O   . HOH D 4 .   ? 12.663  0.513   -3.393  1.00 40.89  ? 224 HOH A O   1 
HETATM 1342 O O   . HOH D 4 .   ? -0.287  1.007   16.537  1.00 34.57  ? 225 HOH A O   1 
HETATM 1343 O O   . HOH D 4 .   ? -1.462  5.016   15.670  1.00 17.69  ? 226 HOH A O   1 
HETATM 1344 O O   . HOH D 4 .   ? -8.301  1.607   20.924  1.00 40.05  ? 227 HOH A O   1 
HETATM 1345 O O   . HOH D 4 .   ? -9.378  10.120  12.920  1.00 35.07  ? 228 HOH A O   1 
HETATM 1346 O O   . HOH D 4 .   ? -12.069 6.202   13.102  1.00 26.29  ? 229 HOH A O   1 
HETATM 1347 O O   . HOH D 4 .   ? 8.794   -0.167  10.582  1.00 49.18  ? 230 HOH A O   1 
HETATM 1348 O O   . HOH D 4 .   ? 0.311   -13.957 -4.435  1.00 32.17  ? 231 HOH A O   1 
HETATM 1349 O O   . HOH D 4 .   ? 1.557   -14.093 -6.936  1.00 33.27  ? 232 HOH A O   1 
HETATM 1350 O O   . HOH D 4 .   ? 3.711   -5.022  -4.749  1.00 17.70  ? 233 HOH A O   1 
HETATM 1351 O O   . HOH D 4 .   ? 4.948   -4.034  -11.171 1.00 16.43  ? 234 HOH A O   1 
HETATM 1352 O O   . HOH D 4 .   ? 3.982   -14.183 -2.956  1.00 26.26  ? 235 HOH A O   1 
HETATM 1353 O O   . HOH D 4 .   ? 1.873   -13.174 9.042   1.00 27.79  ? 236 HOH A O   1 
HETATM 1354 O O   . HOH D 4 .   ? 9.627   -9.857  8.116   1.00 18.97  ? 237 HOH A O   1 
HETATM 1355 O O   . HOH D 4 .   ? 7.736   -15.167 -0.378  1.00 24.96  ? 238 HOH A O   1 
HETATM 1356 O O   . HOH D 4 .   ? 4.643   -18.565 1.109   1.00 23.30  ? 239 HOH A O   1 
HETATM 1357 O O   . HOH D 4 .   ? 20.568  -8.273  5.374   1.00 43.22  ? 240 HOH A O   1 
HETATM 1358 O O   . HOH D 4 .   ? 8.222   -10.709 3.723   1.00 15.99  ? 241 HOH A O   1 
HETATM 1359 O O   . HOH D 4 .   ? 7.837   -5.095  11.047  1.00 28.20  ? 242 HOH A O   1 
HETATM 1360 O O   . HOH D 4 .   ? 1.183   -16.665 -3.925  1.00 34.38  ? 243 HOH A O   1 
HETATM 1361 O O   . HOH D 4 .   ? 10.854  -11.811 -12.737 1.00 24.86  ? 244 HOH A O   1 
HETATM 1362 O O   . HOH D 4 .   ? 7.075   -2.032  9.156   1.00 26.14  ? 245 HOH A O   1 
HETATM 1363 O O   . HOH D 4 .   ? 6.478   3.757   8.116   1.00 21.11  ? 246 HOH A O   1 
HETATM 1364 O O   . HOH D 4 .   ? 5.409   4.369   5.151   1.00 14.00  ? 247 HOH A O   1 
HETATM 1365 O O   . HOH D 4 .   ? 0.768   8.402   9.755   1.00 20.38  ? 248 HOH A O   1 
HETATM 1366 O O   . HOH D 4 .   ? 4.664   13.295  3.876   1.00 31.06  ? 249 HOH A O   1 
HETATM 1367 O O   . HOH D 4 .   ? 5.103   11.278  7.460   1.00 32.31  ? 250 HOH A O   1 
HETATM 1368 O O   . HOH D 4 .   ? 4.478   13.987  1.630   1.00 35.26  ? 251 HOH A O   1 
HETATM 1369 O O   . HOH D 4 .   ? 15.591  -13.140 7.877   1.00 19.50  ? 252 HOH A O   1 
HETATM 1370 O O   . HOH D 4 .   ? -10.124 14.313  -6.209  1.00 22.55  ? 253 HOH A O   1 
HETATM 1371 O O   . HOH D 4 .   ? -11.619 17.380  1.843   1.00 29.02  ? 254 HOH A O   1 
HETATM 1372 O O   . HOH D 4 .   ? 2.778   1.684   5.692   1.00 16.30  ? 255 HOH A O   1 
HETATM 1373 O O   . HOH D 4 .   ? 8.258   2.347   9.624   1.00 31.04  ? 256 HOH A O   1 
HETATM 1374 O O   . HOH D 4 .   ? 9.649   1.436   -1.928  1.00 22.11  ? 257 HOH A O   1 
HETATM 1375 O O   . HOH D 4 .   ? 14.773  -8.022  -0.490  1.00 23.47  ? 258 HOH A O   1 
HETATM 1376 O O   . HOH D 4 .   ? 16.614  -4.391  -7.383  1.00 41.69  ? 259 HOH A O   1 
HETATM 1377 O O   . HOH D 4 .   ? 7.945   -6.859  -12.658 1.00 31.22  ? 260 HOH A O   1 
HETATM 1378 O O   . HOH D 4 .   ? 7.631   1.965   -11.340 1.00 20.44  ? 261 HOH A O   1 
HETATM 1379 O O   . HOH D 4 .   ? -2.462  -4.012  -13.678 1.00 18.50  ? 262 HOH A O   1 
HETATM 1380 O O   . HOH D 4 .   ? 0.133   -2.990  -19.910 1.00 31.38  ? 263 HOH A O   1 
HETATM 1381 O O   . HOH D 4 .   ? -2.149  -1.231  -13.714 1.00 19.49  ? 264 HOH A O   1 
HETATM 1382 O O   . HOH D 4 .   ? -8.662  -1.625  -11.200 1.00 20.48  ? 265 HOH A O   1 
HETATM 1383 O O   . HOH D 4 .   ? -9.484  -1.577  -14.716 1.00 26.91  ? 266 HOH A O   1 
HETATM 1384 O O   . HOH D 4 .   ? 4.110   1.188   -10.708 1.00 16.13  ? 267 HOH A O   1 
HETATM 1385 O O   . HOH D 4 .   ? 7.120   1.215   -4.464  1.00 16.88  ? 268 HOH A O   1 
HETATM 1386 O O   . HOH D 4 .   ? 16.367  -9.136  -1.889  1.00 29.30  ? 269 HOH A O   1 
HETATM 1387 O O   . HOH D 4 .   ? -8.533  5.255   -8.452  1.00 18.50  ? 270 HOH A O   1 
HETATM 1388 O O   . HOH D 4 .   ? -9.336  5.128   -14.635 1.00 27.53  ? 271 HOH A O   1 
HETATM 1389 O O   . HOH D 4 .   ? -0.695  12.752  -9.043  1.00 25.05  ? 272 HOH A O   1 
HETATM 1390 O O   . HOH D 4 .   ? -2.426  1.915   -14.515 1.00 19.71  ? 273 HOH A O   1 
HETATM 1391 O O   . HOH D 4 .   ? -8.911  -2.024  -8.344  1.00 19.95  ? 274 HOH A O   1 
HETATM 1392 O O   . HOH D 4 .   ? -13.777 -0.212  -1.806  1.00 30.22  ? 275 HOH A O   1 
HETATM 1393 O O   . HOH D 4 .   ? -15.565 -1.267  2.539   1.00 19.47  ? 276 HOH A O   1 
HETATM 1394 O O   . HOH D 4 .   ? -14.932 6.713   8.109   1.00 22.38  ? 277 HOH A O   1 
HETATM 1395 O O   . HOH D 4 .   ? -11.775 11.380  -0.998  1.00 18.82  ? 278 HOH A O   1 
HETATM 1396 O O   . HOH D 4 .   ? -10.582 12.393  12.327  1.00 30.07  ? 279 HOH A O   1 
HETATM 1397 O O   . HOH D 4 .   ? -7.352  15.424  5.518   1.00 18.09  ? 280 HOH A O   1 
HETATM 1398 O O   . HOH D 4 .   ? 1.071   17.452  -1.832  1.00 26.98  ? 281 HOH A O   1 
HETATM 1399 O O   . HOH D 4 .   ? 2.865   10.160  10.929  1.00 23.45  ? 282 HOH A O   1 
HETATM 1400 O O   . HOH D 4 .   ? 2.455   12.876  11.436  1.00 38.90  ? 283 HOH A O   1 
HETATM 1401 O O   . HOH D 4 .   ? 1.910   -10.502 10.104  1.00 17.95  ? 284 HOH A O   1 
HETATM 1402 O O   . HOH D 4 .   ? -0.441  -13.844 7.646   1.00 21.38  ? 285 HOH A O   1 
HETATM 1403 O O   . HOH D 4 .   ? 12.867  -8.382  -10.239 1.00 30.05  ? 286 HOH A O   1 
HETATM 1404 O O   . HOH D 4 .   ? 0.909   5.406   17.026  1.00 30.00  ? 287 HOH A O   1 
HETATM 1405 O O   . HOH D 4 .   ? -16.564 -5.858  7.022   1.00 36.56  ? 288 HOH A O   1 
HETATM 1406 O O   . HOH D 4 .   ? 21.944  -7.891  -2.006  1.00 42.37  ? 289 HOH A O   1 
HETATM 1407 O O   . HOH D 4 .   ? 7.536   -7.452  11.685  1.00 32.52  ? 290 HOH A O   1 
HETATM 1408 O O   . HOH D 4 .   ? -7.066  5.599   -18.657 1.00 40.40  ? 291 HOH A O   1 
HETATM 1409 O O   . HOH D 4 .   ? 5.752   4.044   -14.346 1.00 30.53  ? 292 HOH A O   1 
HETATM 1410 O O   . HOH D 4 .   ? 15.444  -11.558 -4.187  1.00 29.89  ? 293 HOH A O   1 
HETATM 1411 O O   . HOH D 4 .   ? -1.686  -10.590 -16.935 1.00 26.51  ? 294 HOH A O   1 
HETATM 1412 O O   . HOH D 4 .   ? 4.136   19.272  -0.459  1.00 54.97  ? 295 HOH A O   1 
HETATM 1413 O O   . HOH D 4 .   ? -4.967  -7.999  14.783  1.00 31.58  ? 296 HOH A O   1 
HETATM 1414 O O   . HOH D 4 .   ? -11.431 -10.061 8.598   1.00 28.24  ? 297 HOH A O   1 
HETATM 1415 O O   . HOH D 4 .   ? 5.036   4.238   -17.142 1.00 30.46  ? 298 HOH A O   1 
HETATM 1416 O O   . HOH D 4 .   ? 13.156  -2.420  -11.977 1.00 33.99  ? 299 HOH A O   1 
HETATM 1417 O O   . HOH D 4 .   ? -10.614 -7.288  -12.077 1.00 36.91  ? 300 HOH A O   1 
HETATM 1418 O O   . HOH D 4 .   ? 6.038   13.740  -2.873  1.00 52.47  ? 301 HOH A O   1 
HETATM 1419 O O   . HOH D 4 .   ? -13.330 -3.953  8.597   1.00 31.92  ? 302 HOH A O   1 
HETATM 1420 O O   . HOH D 4 .   ? -10.027 5.928   15.075  1.00 33.78  ? 303 HOH A O   1 
HETATM 1421 O O   . HOH D 4 .   ? -14.995 -1.127  9.894   1.00 45.86  ? 304 HOH A O   1 
HETATM 1422 O O   . HOH D 4 .   ? 6.852   1.235   -17.227 1.00 27.61  ? 305 HOH A O   1 
HETATM 1423 O O   . HOH D 4 .   ? 10.845  3.688   -5.407  1.00 57.67  ? 306 HOH A O   1 
HETATM 1424 O O   . HOH D 4 .   ? -1.738  -16.683 -6.153  1.00 42.54  ? 307 HOH A O   1 
HETATM 1425 O O   . HOH D 4 .   ? -1.161  -17.443 -1.444  1.00 29.01  ? 308 HOH A O   1 
HETATM 1426 O O   . HOH D 4 .   ? 0.222   10.564  16.660  1.00 35.60  ? 309 HOH A O   1 
HETATM 1427 O O   . HOH D 4 .   ? -13.796 -10.089 2.060   1.00 41.02  ? 310 HOH A O   1 
HETATM 1428 O O   . HOH D 4 .   ? -9.288  -4.124  13.448  1.00 27.58  ? 311 HOH A O   1 
HETATM 1429 O O   . HOH D 4 .   ? -10.367 -15.659 -6.758  1.00 47.46  ? 312 HOH A O   1 
HETATM 1430 O O   . HOH D 4 .   ? 10.349  -3.010  8.849   1.00 34.48  ? 313 HOH A O   1 
HETATM 1431 O O   . HOH D 4 .   ? 3.250   6.331   16.559  1.00 36.28  ? 314 HOH A O   1 
HETATM 1432 O O   . HOH D 4 .   ? -15.560 6.743   -8.936  1.00 51.97  ? 315 HOH A O   1 
HETATM 1433 O O   . HOH D 4 .   ? -11.639 -1.280  -11.520 1.00 49.45  ? 316 HOH A O   1 
HETATM 1434 O O   . HOH D 4 .   ? -14.420 -3.829  -3.584  1.00 45.33  ? 317 HOH A O   1 
HETATM 1435 O O   . HOH D 4 .   ? -13.094 -6.884  7.895   1.00 37.05  ? 318 HOH A O   1 
HETATM 1436 O O   . HOH D 4 .   ? -14.247 9.428   -7.305  1.00 33.59  ? 319 HOH A O   1 
HETATM 1437 O O   . HOH D 4 .   ? 1.997   3.070   -19.776 1.00 33.12  ? 320 HOH A O   1 
HETATM 1438 O O   . HOH D 4 .   ? 6.450   9.530   -0.403  1.00 38.74  ? 321 HOH A O   1 
HETATM 1439 O O   . HOH D 4 .   ? -12.206 -1.191  -7.591  1.00 34.47  ? 322 HOH A O   1 
HETATM 1440 O O   . HOH D 4 .   ? -3.642  -16.767 -2.513  1.00 40.86  ? 323 HOH A O   1 
HETATM 1441 O O   . HOH D 4 .   ? 13.744  -4.131  4.361   1.00 39.83  ? 324 HOH A O   1 
HETATM 1442 O O   . HOH D 4 .   ? 2.935   -10.805 -15.118 1.00 31.36  ? 325 HOH A O   1 
HETATM 1443 O O   . HOH D 4 .   ? 6.668   3.290   11.902  1.00 37.12  ? 326 HOH A O   1 
HETATM 1444 O O   . HOH D 4 .   ? 2.003   -9.029  -17.408 1.00 34.36  ? 327 HOH A O   1 
HETATM 1445 O O   . HOH D 4 .   ? 0.392   -16.840 4.698   1.00 42.50  ? 328 HOH A O   1 
HETATM 1446 O O   . HOH D 4 .   ? 1.664   16.628  12.389  1.00 28.55  ? 329 HOH A O   1 
HETATM 1447 O O   . HOH D 4 .   ? 12.912  4.898   -14.292 1.00 37.52  ? 330 HOH A O   1 
HETATM 1448 O O   . HOH D 4 .   ? -11.354 12.044  -9.106  1.00 35.98  ? 331 HOH A O   1 
HETATM 1449 O O   . HOH D 4 .   ? -6.930  -2.408  -19.626 1.00 47.33  ? 332 HOH A O   1 
HETATM 1450 O O   . HOH D 4 .   ? -13.122 -2.744  10.876  1.00 36.00  ? 333 HOH A O   1 
HETATM 1451 O O   . HOH D 4 .   ? 6.417   11.673  1.676   1.00 43.14  ? 334 HOH A O   1 
HETATM 1452 O O   . HOH D 4 .   ? 7.684   -8.361  -14.907 1.00 42.96  ? 335 HOH A O   1 
HETATM 1453 O O   . HOH D 4 .   ? -2.970  8.268   -17.781 1.00 37.33  ? 336 HOH A O   1 
HETATM 1454 O O   . HOH D 4 .   ? -13.880 15.020  1.520   1.00 33.35  ? 337 HOH A O   1 
HETATM 1455 O O   . HOH D 4 .   ? 3.039   -17.031 4.941   1.00 36.00  ? 338 HOH A O   1 
HETATM 1456 O O   . HOH D 4 .   ? 1.088   -10.153 13.264  1.00 43.57  ? 339 HOH A O   1 
HETATM 1457 O O   . HOH D 4 .   ? 3.043   20.333  6.114   1.00 27.96  ? 340 HOH A O   1 
HETATM 1458 O O   . HOH D 4 .   ? 13.208  2.000   -17.056 1.00 42.63  ? 341 HOH A O   1 
HETATM 1459 O O   . HOH D 4 .   ? 14.144  -10.872 0.545   1.00 30.03  ? 342 HOH A O   1 
HETATM 1460 O O   . HOH D 4 .   ? 8.892   3.473   -4.220  1.00 41.57  ? 343 HOH A O   1 
HETATM 1461 O O   . HOH D 4 .   ? 5.178   14.126  -5.240  1.00 74.37  ? 344 HOH A O   1 
HETATM 1462 O O   . HOH D 4 .   ? 6.194   0.718   14.756  1.00 34.88  ? 345 HOH A O   1 
HETATM 1463 O O   . HOH D 4 .   ? 2.374   -3.108  15.485  1.00 38.42  ? 346 HOH A O   1 
HETATM 1464 O O   . HOH D 4 .   ? -1.759  0.805   20.384  1.00 44.99  ? 347 HOH A O   1 
HETATM 1465 O O   . HOH D 4 .   ? -6.391  -11.816 12.807  1.00 42.81  ? 348 HOH A O   1 
HETATM 1466 O O   . HOH D 4 .   ? -16.655 -2.343  5.966   1.00 42.87  ? 349 HOH A O   1 
HETATM 1467 O O   . HOH D 4 .   ? -14.769 2.279   -6.918  1.00 49.00  ? 350 HOH A O   1 
HETATM 1468 O O   . HOH D 4 .   ? -13.313 13.087  -2.294  1.00 34.59  ? 351 HOH A O   1 
HETATM 1469 O O   . HOH D 4 .   ? 8.530   -2.497  -17.422 1.00 40.09  ? 352 HOH A O   1 
HETATM 1470 O O   . HOH D 4 .   ? 18.058  -5.147  -4.537  1.00 36.45  ? 353 HOH A O   1 
# 
